data_2II4
#
_entry.id   2II4
#
_cell.length_a   195.234
_cell.length_b   195.234
_cell.length_c   172.756
_cell.angle_alpha   90.000
_cell.angle_beta   90.000
_cell.angle_gamma   120.000
#
_symmetry.space_group_name_H-M   'H 3'
#
loop_
_entity.id
_entity.type
_entity.pdbx_description
1 polymer 'Lipoamide acyltransferase component of branched-chain alpha-keto acid dehydrogenase complex'
2 non-polymer 'CHLORIDE ION'
3 non-polymer 'COENZYME A'
4 water water
#
_entity_poly.entity_id   1
_entity_poly.type   'polypeptide(L)'
_entity_poly.pdbx_seq_one_letter_code
;GHAEIMPPPPKPKDRTIPIPISKPPVFIGKDRTEPVKGFHKAMVKTMSAALKIPHFGYCDEVDLTELVKLREELKPIAFA
RGIKLSFMPFFLKAASLGLLQFPILNASVDENCQNITYKASHNIGIAMDTEQGLIVPNVKNVQIRSIFEIATELNRLQKL
GSAGQLSTNDLIGGTFTLSNIGSIGGTYAKPVILPPEVAIGALGTIKALPRFNEKGEVCKAQIMNVSWSADHRIIDGATV
SRFSNLWKSYLENPAFMLLDLK
;
_entity_poly.pdbx_strand_id   A,B,C,D,E,F,G,H
#
loop_
_chem_comp.id
_chem_comp.type
_chem_comp.name
_chem_comp.formula
CL non-polymer 'CHLORIDE ION' 'Cl -1'
COA non-polymer 'COENZYME A' 'C21 H36 N7 O16 P3 S'
#
# COMPACT_ATOMS: atom_id res chain seq x y z
N GLY A 29 -46.99 10.68 32.93
CA GLY A 29 -47.57 11.83 33.74
C GLY A 29 -48.88 12.44 33.21
N LYS A 30 -48.91 13.77 33.13
CA LYS A 30 -50.02 14.45 32.49
C LYS A 30 -49.45 15.36 31.38
N ASP A 31 -50.30 15.82 30.47
CA ASP A 31 -49.83 16.75 29.45
C ASP A 31 -49.46 18.11 30.05
N ARG A 32 -48.43 18.75 29.50
CA ARG A 32 -47.94 20.02 30.02
C ARG A 32 -47.83 20.96 28.81
N THR A 33 -48.47 22.13 28.84
CA THR A 33 -48.31 23.14 27.80
C THR A 33 -47.32 24.19 28.23
N GLU A 34 -46.68 24.85 27.28
CA GLU A 34 -45.56 25.69 27.61
C GLU A 34 -45.25 26.65 26.49
N PRO A 35 -44.94 27.89 26.83
CA PRO A 35 -44.66 28.82 25.73
C PRO A 35 -43.30 28.60 25.08
N VAL A 36 -43.23 28.87 23.78
CA VAL A 36 -41.97 28.99 23.08
C VAL A 36 -41.37 30.34 23.43
N LYS A 37 -40.18 30.31 24.03
CA LYS A 37 -39.57 31.54 24.55
C LYS A 37 -38.11 31.73 24.15
N GLY A 38 -37.64 33.00 24.27
CA GLY A 38 -36.21 33.32 24.26
C GLY A 38 -35.61 33.11 22.90
N PHE A 39 -34.49 32.39 22.84
CA PHE A 39 -33.88 32.18 21.52
C PHE A 39 -34.53 31.08 20.68
N HIS A 40 -35.53 30.43 21.26
CA HIS A 40 -36.31 29.50 20.48
C HIS A 40 -37.20 30.21 19.48
N LYS A 41 -37.44 31.50 19.72
CA LYS A 41 -38.41 32.24 18.94
C LYS A 41 -37.82 32.49 17.57
N ALA A 42 -36.49 32.51 17.52
CA ALA A 42 -35.75 32.64 16.27
C ALA A 42 -35.91 31.47 15.29
N MET A 43 -35.79 30.22 15.78
CA MET A 43 -35.93 29.05 14.92
C MET A 43 -37.34 28.93 14.33
N VAL A 44 -38.36 29.38 15.06
CA VAL A 44 -39.71 29.32 14.52
C VAL A 44 -39.83 30.22 13.26
N LYS A 45 -39.24 31.42 13.33
CA LYS A 45 -39.37 32.45 12.33
C LYS A 45 -38.58 32.08 11.07
N THR A 46 -37.32 31.77 11.29
CA THR A 46 -36.43 31.33 10.26
C THR A 46 -36.99 30.11 9.48
N MET A 47 -37.52 29.13 10.20
CA MET A 47 -37.93 27.89 9.55
C MET A 47 -39.27 28.07 8.88
N SER A 48 -40.11 28.95 9.42
CA SER A 48 -41.31 29.33 8.67
C SER A 48 -40.97 30.03 7.34
N ALA A 49 -39.95 30.86 7.36
CA ALA A 49 -39.59 31.61 6.19
C ALA A 49 -39.13 30.64 5.14
N ALA A 50 -38.48 29.57 5.57
CA ALA A 50 -37.97 28.58 4.63
C ALA A 50 -39.06 27.89 3.82
N LEU A 51 -40.31 27.93 4.27
CA LEU A 51 -41.40 27.35 3.47
C LEU A 51 -41.55 28.04 2.11
N LYS A 52 -41.09 29.28 2.01
CA LYS A 52 -41.24 29.97 0.75
C LYS A 52 -40.28 29.41 -0.33
N ILE A 53 -39.31 28.58 0.10
CA ILE A 53 -38.36 28.04 -0.80
C ILE A 53 -38.65 26.62 -1.22
N PRO A 54 -38.78 26.34 -2.53
CA PRO A 54 -38.85 24.96 -2.99
C PRO A 54 -37.49 24.29 -2.89
N HIS A 55 -37.32 23.35 -1.97
CA HIS A 55 -36.01 22.74 -1.77
C HIS A 55 -35.81 21.62 -2.76
N PHE A 56 -34.72 21.69 -3.51
CA PHE A 56 -34.25 20.56 -4.27
C PHE A 56 -33.22 19.85 -3.41
N GLY A 57 -33.21 18.53 -3.41
CA GLY A 57 -32.22 17.78 -2.65
C GLY A 57 -31.38 16.87 -3.50
N TYR A 58 -30.09 16.78 -3.15
CA TYR A 58 -29.14 15.94 -3.89
C TYR A 58 -28.07 15.45 -2.94
N CYS A 59 -27.76 14.16 -3.01
CA CYS A 59 -26.84 13.55 -2.07
C CYS A 59 -25.78 12.74 -2.76
N ASP A 60 -24.68 12.48 -2.07
CA ASP A 60 -23.66 11.61 -2.61
C ASP A 60 -22.87 10.96 -1.50
N GLU A 61 -22.05 9.97 -1.83
CA GLU A 61 -21.05 9.51 -0.84
C GLU A 61 -19.72 9.90 -1.36
N VAL A 62 -18.84 10.23 -0.43
CA VAL A 62 -17.51 10.72 -0.71
C VAL A 62 -16.51 9.93 0.11
N ASP A 63 -15.39 9.56 -0.54
CA ASP A 63 -14.47 8.64 0.07
C ASP A 63 -13.39 9.47 0.74
N LEU A 64 -13.41 9.49 2.06
CA LEU A 64 -12.51 10.36 2.83
C LEU A 64 -11.23 9.71 3.36
N THR A 65 -10.94 8.48 2.89
CA THR A 65 -9.83 7.66 3.38
C THR A 65 -8.54 8.47 3.35
N GLU A 66 -8.31 9.15 2.24
CA GLU A 66 -7.13 9.94 2.13
C GLU A 66 -7.15 11.13 3.10
N LEU A 67 -8.32 11.78 3.27
CA LEU A 67 -8.43 12.96 4.14
C LEU A 67 -8.23 12.62 5.62
N VAL A 68 -8.78 11.47 6.03
CA VAL A 68 -8.55 10.92 7.36
C VAL A 68 -7.06 10.77 7.64
N LYS A 69 -6.38 10.22 6.67
CA LYS A 69 -4.96 10.01 6.76
C LYS A 69 -4.26 11.38 6.84
N LEU A 70 -4.55 12.25 5.87
CA LEU A 70 -4.02 13.59 5.92
C LEU A 70 -4.25 14.29 7.29
N ARG A 71 -5.51 14.27 7.77
CA ARG A 71 -5.81 14.97 9.00
C ARG A 71 -5.00 14.40 10.16
N GLU A 72 -4.88 13.09 10.21
CA GLU A 72 -4.09 12.48 11.30
C GLU A 72 -2.69 13.04 11.31
N GLU A 73 -2.07 13.17 10.14
CA GLU A 73 -0.72 13.66 10.14
C GLU A 73 -0.56 15.19 10.31
N LEU A 74 -1.66 15.93 10.24
CA LEU A 74 -1.66 17.35 10.60
C LEU A 74 -2.11 17.70 12.03
N LYS A 75 -2.84 16.80 12.68
CA LYS A 75 -3.28 16.98 14.07
C LYS A 75 -2.18 17.44 15.01
N PRO A 76 -1.03 16.74 14.99
CA PRO A 76 0.04 17.15 15.92
C PRO A 76 0.60 18.54 15.62
N ILE A 77 0.46 18.99 14.36
CA ILE A 77 1.02 20.26 13.94
C ILE A 77 0.09 21.38 14.37
N ALA A 78 -1.20 21.08 14.38
CA ALA A 78 -2.23 22.02 14.83
C ALA A 78 -2.26 22.08 16.32
N PHE A 79 -2.25 20.94 16.98
CA PHE A 79 -2.14 20.91 18.42
C PHE A 79 -0.95 21.77 18.89
N ALA A 80 0.21 21.58 18.28
CA ALA A 80 1.41 22.35 18.63
C ALA A 80 1.26 23.84 18.40
N ARG A 81 0.36 24.24 17.51
CA ARG A 81 0.08 25.68 17.37
C ARG A 81 -1.11 26.15 18.20
N GLY A 82 -1.68 25.27 19.04
CA GLY A 82 -2.78 25.62 19.95
C GLY A 82 -4.19 25.36 19.42
N ILE A 83 -4.30 24.67 18.28
CA ILE A 83 -5.53 24.52 17.54
C ILE A 83 -5.98 23.06 17.41
N LYS A 84 -7.29 22.82 17.58
CA LYS A 84 -7.88 21.53 17.27
C LYS A 84 -8.37 21.57 15.82
N LEU A 85 -7.91 20.62 15.05
CA LEU A 85 -8.23 20.53 13.64
C LEU A 85 -9.18 19.35 13.39
N SER A 86 -10.43 19.65 13.09
CA SER A 86 -11.38 18.60 12.74
C SER A 86 -11.38 18.43 11.19
N PHE A 87 -12.43 17.85 10.62
CA PHE A 87 -12.57 17.82 9.18
C PHE A 87 -13.22 19.05 8.64
N MET A 88 -13.89 19.80 9.52
CA MET A 88 -14.62 20.97 9.06
C MET A 88 -13.79 22.02 8.26
N PRO A 89 -12.58 22.36 8.72
CA PRO A 89 -11.81 23.31 7.90
C PRO A 89 -11.57 22.77 6.48
N PHE A 90 -11.37 21.48 6.34
CA PHE A 90 -11.24 20.93 5.00
C PHE A 90 -12.53 21.07 4.22
N PHE A 91 -13.67 20.79 4.86
CA PHE A 91 -14.94 20.83 4.17
C PHE A 91 -15.25 22.26 3.74
N LEU A 92 -14.92 23.19 4.63
CA LEU A 92 -15.26 24.59 4.44
C LEU A 92 -14.40 25.18 3.30
N LYS A 93 -13.10 24.84 3.28
CA LYS A 93 -12.17 25.35 2.27
C LYS A 93 -12.54 24.79 0.89
N ALA A 94 -12.90 23.52 0.86
CA ALA A 94 -13.36 22.88 -0.37
C ALA A 94 -14.64 23.53 -0.88
N ALA A 95 -15.60 23.70 0.01
CA ALA A 95 -16.85 24.36 -0.32
C ALA A 95 -16.59 25.73 -0.93
N SER A 96 -15.67 26.47 -0.32
CA SER A 96 -15.40 27.81 -0.77
C SER A 96 -14.78 27.77 -2.18
N LEU A 97 -13.78 26.91 -2.36
CA LEU A 97 -13.21 26.74 -3.66
C LEU A 97 -14.32 26.35 -4.67
N GLY A 98 -15.26 25.52 -4.24
CA GLY A 98 -16.38 25.19 -5.09
C GLY A 98 -17.23 26.41 -5.40
N LEU A 99 -17.45 27.26 -4.41
CA LEU A 99 -18.36 28.38 -4.64
C LEU A 99 -17.78 29.43 -5.64
N LEU A 100 -16.45 29.53 -5.73
CA LEU A 100 -15.84 30.31 -6.76
C LEU A 100 -16.24 29.85 -8.18
N GLN A 101 -16.45 28.55 -8.37
CA GLN A 101 -16.85 28.07 -9.69
C GLN A 101 -18.36 28.12 -9.87
N PHE A 102 -19.11 28.05 -8.78
CA PHE A 102 -20.57 27.99 -8.89
C PHE A 102 -21.15 29.05 -7.97
N PRO A 103 -20.88 30.32 -8.31
CA PRO A 103 -21.16 31.42 -7.43
C PRO A 103 -22.66 31.64 -7.21
N ILE A 104 -23.51 31.14 -8.11
CA ILE A 104 -24.94 31.20 -7.90
C ILE A 104 -25.36 30.50 -6.63
N LEU A 105 -24.49 29.64 -6.06
CA LEU A 105 -24.80 28.95 -4.80
C LEU A 105 -24.55 29.78 -3.51
N ASN A 106 -23.85 30.90 -3.69
CA ASN A 106 -23.56 31.85 -2.62
C ASN A 106 -24.27 33.15 -2.99
N ALA A 107 -25.57 33.05 -3.08
CA ALA A 107 -26.37 34.09 -3.65
C ALA A 107 -27.67 34.24 -2.84
N SER A 108 -28.40 35.28 -3.13
CA SER A 108 -29.70 35.48 -2.57
C SER A 108 -30.66 35.95 -3.62
N VAL A 109 -31.89 35.89 -3.22
CA VAL A 109 -32.95 36.10 -4.14
C VAL A 109 -33.83 37.10 -3.46
N ASP A 110 -34.57 37.86 -4.25
CA ASP A 110 -35.51 38.78 -3.60
C ASP A 110 -36.91 38.19 -3.38
N GLU A 111 -37.69 38.94 -2.59
CA GLU A 111 -39.02 38.55 -2.13
C GLU A 111 -39.75 37.72 -3.17
N ASN A 112 -39.78 38.18 -4.42
CA ASN A 112 -40.41 37.34 -5.39
C ASN A 112 -39.54 36.66 -6.42
N CYS A 113 -38.26 36.54 -6.09
CA CYS A 113 -37.35 35.82 -6.92
C CYS A 113 -37.26 36.42 -8.32
N GLN A 114 -37.04 37.73 -8.36
CA GLN A 114 -36.90 38.46 -9.61
C GLN A 114 -35.47 38.84 -9.92
N ASN A 115 -34.67 38.87 -8.87
CA ASN A 115 -33.30 39.27 -8.99
C ASN A 115 -32.47 38.42 -8.05
N ILE A 116 -31.28 38.06 -8.52
CA ILE A 116 -30.32 37.33 -7.75
C ILE A 116 -29.20 38.30 -7.42
N THR A 117 -28.77 38.27 -6.16
CA THR A 117 -27.59 38.96 -5.72
C THR A 117 -26.50 37.94 -5.37
N TYR A 118 -25.55 37.78 -6.29
CA TYR A 118 -24.31 37.02 -6.09
C TYR A 118 -23.47 37.69 -5.01
N LYS A 119 -23.07 36.91 -4.03
CA LYS A 119 -22.29 37.45 -2.94
C LYS A 119 -20.84 37.09 -3.02
N ALA A 120 -20.00 38.09 -2.80
CA ALA A 120 -18.56 37.94 -2.95
C ALA A 120 -17.91 37.20 -1.79
N SER A 121 -18.17 37.66 -0.57
CA SER A 121 -17.78 36.95 0.63
C SER A 121 -18.39 35.56 0.79
N HIS A 122 -17.56 34.56 1.09
CA HIS A 122 -18.08 33.29 1.53
C HIS A 122 -18.18 33.29 3.04
N ASN A 123 -19.28 33.78 3.62
CA ASN A 123 -19.36 33.74 5.09
C ASN A 123 -20.17 32.49 5.41
N ILE A 124 -19.47 31.42 5.83
CA ILE A 124 -20.10 30.13 5.82
C ILE A 124 -20.57 29.75 7.18
N GLY A 125 -21.88 29.50 7.27
CA GLY A 125 -22.55 29.18 8.55
C GLY A 125 -22.04 27.84 9.02
N ILE A 126 -21.78 27.75 10.32
CA ILE A 126 -21.51 26.49 10.94
C ILE A 126 -22.72 26.23 11.84
N ALA A 127 -23.54 25.26 11.44
CA ALA A 127 -24.70 24.90 12.27
C ALA A 127 -24.13 24.34 13.55
N MET A 128 -24.54 24.83 14.69
CA MET A 128 -23.81 24.43 15.89
C MET A 128 -24.74 24.17 17.05
N ASP A 129 -24.53 23.01 17.66
CA ASP A 129 -25.25 22.52 18.82
C ASP A 129 -24.72 23.06 20.17
N THR A 130 -25.65 23.58 20.97
CA THR A 130 -25.33 24.12 22.30
C THR A 130 -26.43 23.75 23.31
N GLU A 131 -26.14 23.96 24.60
CA GLU A 131 -27.09 23.72 25.69
C GLU A 131 -28.42 24.42 25.45
N GLN A 132 -28.39 25.59 24.84
CA GLN A 132 -29.59 26.34 24.54
C GLN A 132 -30.17 26.02 23.13
N GLY A 133 -29.66 24.97 22.49
CA GLY A 133 -30.11 24.62 21.16
C GLY A 133 -29.26 25.16 20.03
N LEU A 134 -29.88 25.19 18.85
CA LEU A 134 -29.25 25.45 17.59
C LEU A 134 -28.91 26.92 17.38
N ILE A 135 -27.64 27.17 17.10
CA ILE A 135 -27.19 28.50 16.73
C ILE A 135 -26.30 28.34 15.49
N VAL A 136 -26.37 29.34 14.59
CA VAL A 136 -25.59 29.31 13.34
C VAL A 136 -24.62 30.47 13.12
N PRO A 137 -23.50 30.44 13.81
CA PRO A 137 -22.54 31.49 13.46
C PRO A 137 -21.84 31.17 12.11
N ASN A 138 -21.10 32.12 11.54
CA ASN A 138 -20.35 31.85 10.30
C ASN A 138 -18.91 32.28 10.42
N VAL A 139 -18.08 31.68 9.60
CA VAL A 139 -16.69 32.09 9.41
C VAL A 139 -16.67 33.06 8.23
N LYS A 140 -16.29 34.30 8.46
CA LYS A 140 -16.22 35.34 7.42
C LYS A 140 -15.12 35.10 6.40
N ASN A 141 -15.41 35.38 5.13
CA ASN A 141 -14.42 35.43 4.06
C ASN A 141 -13.50 34.23 4.01
N VAL A 142 -14.11 33.04 3.98
CA VAL A 142 -13.36 31.80 3.84
C VAL A 142 -12.46 31.85 2.60
N GLN A 143 -12.92 32.55 1.56
CA GLN A 143 -12.21 32.51 0.28
C GLN A 143 -10.85 33.06 0.43
N ILE A 144 -10.62 33.87 1.48
CA ILE A 144 -9.30 34.42 1.66
C ILE A 144 -8.56 33.88 2.86
N ARG A 145 -8.95 32.71 3.33
CA ARG A 145 -8.30 32.21 4.52
C ARG A 145 -7.73 30.86 4.29
N SER A 146 -6.75 30.48 5.08
CA SER A 146 -6.18 29.13 4.95
C SER A 146 -6.91 28.10 5.79
N ILE A 147 -6.69 26.83 5.46
CA ILE A 147 -7.24 25.78 6.29
C ILE A 147 -6.91 26.01 7.77
N PHE A 148 -5.67 26.38 8.06
CA PHE A 148 -5.36 26.68 9.45
C PHE A 148 -6.10 27.89 10.01
N GLU A 149 -6.25 28.96 9.23
CA GLU A 149 -7.02 30.10 9.76
C GLU A 149 -8.49 29.78 10.03
N ILE A 150 -9.05 28.94 9.16
CA ILE A 150 -10.43 28.53 9.28
C ILE A 150 -10.58 27.75 10.58
N ALA A 151 -9.57 26.96 10.89
CA ALA A 151 -9.72 26.10 12.00
C ALA A 151 -9.66 27.00 13.23
N THR A 152 -8.71 27.92 13.24
CA THR A 152 -8.60 28.89 14.32
C THR A 152 -9.93 29.59 14.56
N GLU A 153 -10.59 29.97 13.48
CA GLU A 153 -11.76 30.80 13.61
C GLU A 153 -12.89 29.88 14.10
N LEU A 154 -12.88 28.63 13.61
CA LEU A 154 -13.87 27.68 14.03
C LEU A 154 -13.79 27.45 15.52
N ASN A 155 -12.57 27.33 16.04
CA ASN A 155 -12.33 27.15 17.44
C ASN A 155 -12.78 28.33 18.26
N ARG A 156 -12.64 29.55 17.73
CA ARG A 156 -13.07 30.74 18.47
C ARG A 156 -14.58 30.68 18.61
N LEU A 157 -15.20 30.25 17.51
CA LEU A 157 -16.63 30.07 17.49
C LEU A 157 -17.14 28.95 18.43
N GLN A 158 -16.43 27.82 18.50
CA GLN A 158 -16.81 26.77 19.49
C GLN A 158 -16.66 27.26 20.96
N LYS A 159 -15.55 27.88 21.29
CA LYS A 159 -15.42 28.44 22.62
C LYS A 159 -16.55 29.43 22.99
N LEU A 160 -16.85 30.39 22.12
CA LEU A 160 -17.90 31.38 22.43
C LEU A 160 -19.26 30.69 22.44
N GLY A 161 -19.44 29.79 21.48
CA GLY A 161 -20.69 29.07 21.36
C GLY A 161 -21.11 28.36 22.62
N SER A 162 -20.24 27.52 23.17
CA SER A 162 -20.60 26.74 24.31
C SER A 162 -20.56 27.57 25.60
N ALA A 163 -20.20 28.85 25.49
CA ALA A 163 -20.30 29.77 26.62
C ALA A 163 -21.58 30.57 26.50
N GLY A 164 -22.32 30.39 25.42
CA GLY A 164 -23.45 31.26 25.11
C GLY A 164 -22.99 32.71 24.91
N GLN A 165 -21.76 32.92 24.43
CA GLN A 165 -21.22 34.30 24.30
C GLN A 165 -20.92 34.80 22.88
N LEU A 166 -21.46 34.15 21.85
CA LEU A 166 -21.31 34.63 20.50
C LEU A 166 -21.86 36.05 20.36
N SER A 167 -21.24 36.85 19.50
CA SER A 167 -21.65 38.23 19.38
C SER A 167 -22.56 38.28 18.15
N THR A 168 -23.41 39.29 18.10
CA THR A 168 -24.15 39.64 16.92
C THR A 168 -23.36 39.54 15.62
N ASN A 169 -22.14 40.01 15.59
CA ASN A 169 -21.39 39.91 14.33
C ASN A 169 -21.09 38.49 13.88
N ASP A 170 -20.89 37.60 14.85
CA ASP A 170 -20.63 36.23 14.55
C ASP A 170 -21.86 35.54 13.93
N LEU A 171 -23.03 36.18 14.06
CA LEU A 171 -24.31 35.58 13.74
C LEU A 171 -24.90 36.12 12.47
N ILE A 172 -24.42 37.25 11.98
CA ILE A 172 -25.03 37.85 10.80
C ILE A 172 -24.18 37.67 9.53
N GLY A 173 -24.77 37.97 8.38
CA GLY A 173 -24.03 38.08 7.14
C GLY A 173 -23.65 36.74 6.52
N GLY A 174 -24.28 35.65 7.00
CA GLY A 174 -24.01 34.32 6.50
C GLY A 174 -24.42 34.18 5.05
N THR A 175 -23.65 33.50 4.20
CA THR A 175 -24.06 33.38 2.79
C THR A 175 -24.40 31.95 2.32
N PHE A 176 -24.05 30.98 3.18
CA PHE A 176 -24.03 29.59 2.83
C PHE A 176 -23.77 28.85 4.13
N THR A 177 -24.43 27.72 4.32
CA THR A 177 -24.28 26.99 5.57
C THR A 177 -23.83 25.53 5.39
N LEU A 178 -22.95 25.07 6.28
CA LEU A 178 -22.70 23.61 6.41
C LEU A 178 -23.14 23.12 7.75
N SER A 179 -23.78 21.97 7.75
CA SER A 179 -24.24 21.38 8.99
C SER A 179 -23.61 20.03 9.22
N ASN A 180 -22.62 19.99 10.09
CA ASN A 180 -21.95 18.76 10.38
C ASN A 180 -22.73 17.95 11.40
N ILE A 181 -23.88 17.45 11.01
CA ILE A 181 -24.67 16.61 11.93
C ILE A 181 -23.96 15.31 12.30
N GLY A 182 -23.06 14.87 11.43
CA GLY A 182 -22.29 13.61 11.64
C GLY A 182 -21.40 13.62 12.86
N SER A 183 -21.21 14.76 13.52
CA SER A 183 -20.39 14.76 14.72
C SER A 183 -21.25 14.09 15.78
N ILE A 184 -22.56 14.02 15.56
CA ILE A 184 -23.44 13.33 16.46
C ILE A 184 -23.91 11.98 15.87
N GLY A 185 -24.38 11.98 14.62
CA GLY A 185 -24.74 10.74 13.98
C GLY A 185 -25.27 10.98 12.59
N GLY A 186 -25.58 9.88 11.87
CA GLY A 186 -26.39 9.94 10.65
C GLY A 186 -25.72 9.55 9.34
N THR A 187 -26.54 9.42 8.31
CA THR A 187 -26.01 9.27 7.01
C THR A 187 -26.51 10.42 6.17
N TYR A 188 -27.67 10.26 5.55
CA TYR A 188 -28.24 11.31 4.75
C TYR A 188 -29.17 12.17 5.59
N ALA A 189 -29.46 13.36 5.09
CA ALA A 189 -30.35 14.28 5.78
C ALA A 189 -31.08 15.13 4.75
N LYS A 190 -32.03 15.89 5.23
CA LYS A 190 -32.69 16.86 4.35
C LYS A 190 -32.68 18.17 5.13
N PRO A 191 -31.57 18.89 5.06
CA PRO A 191 -31.39 20.13 5.80
C PRO A 191 -32.24 21.23 5.19
N VAL A 192 -32.67 22.17 6.02
CA VAL A 192 -33.50 23.27 5.58
C VAL A 192 -32.60 24.51 5.40
N ILE A 193 -32.77 25.18 4.28
CA ILE A 193 -32.01 26.35 3.89
C ILE A 193 -32.44 27.50 4.79
N LEU A 194 -31.47 28.29 5.27
CA LEU A 194 -31.72 29.46 6.10
C LEU A 194 -31.85 30.68 5.24
N PRO A 195 -33.06 31.21 5.02
CA PRO A 195 -33.12 32.43 4.21
C PRO A 195 -32.30 33.55 4.85
N PRO A 196 -31.71 34.43 4.02
CA PRO A 196 -31.84 34.53 2.58
C PRO A 196 -30.77 33.72 1.84
N GLU A 197 -30.13 32.78 2.50
CA GLU A 197 -29.30 31.84 1.75
C GLU A 197 -30.06 30.98 0.70
N VAL A 198 -29.33 30.27 -0.15
CA VAL A 198 -30.00 29.54 -1.22
C VAL A 198 -29.57 28.08 -1.27
N ALA A 199 -28.58 27.73 -0.45
CA ALA A 199 -28.13 26.37 -0.38
C ALA A 199 -27.60 26.04 0.98
N ILE A 200 -27.60 24.72 1.32
CA ILE A 200 -27.08 24.19 2.59
C ILE A 200 -26.57 22.75 2.37
N GLY A 201 -25.52 22.37 3.10
CA GLY A 201 -25.00 21.04 3.07
C GLY A 201 -25.04 20.37 4.43
N ALA A 202 -25.45 19.11 4.47
CA ALA A 202 -25.36 18.35 5.69
C ALA A 202 -24.41 17.16 5.50
N LEU A 203 -23.45 17.00 6.43
CA LEU A 203 -22.47 15.90 6.41
C LEU A 203 -22.82 14.90 7.47
N GLY A 204 -22.87 13.62 7.09
CA GLY A 204 -23.14 12.52 7.98
C GLY A 204 -21.87 12.10 8.67
N THR A 205 -21.96 10.99 9.41
CA THR A 205 -20.84 10.41 10.19
C THR A 205 -19.95 9.61 9.26
N ILE A 206 -18.64 9.84 9.39
CA ILE A 206 -17.62 9.09 8.68
C ILE A 206 -17.61 7.67 9.27
N LYS A 207 -17.58 6.69 8.39
CA LYS A 207 -17.84 5.32 8.80
C LYS A 207 -17.12 4.37 7.80
N ALA A 208 -16.36 3.42 8.34
CA ALA A 208 -15.67 2.38 7.55
C ALA A 208 -16.67 1.42 6.87
N LEU A 209 -16.70 1.43 5.55
CA LEU A 209 -17.59 0.55 4.79
C LEU A 209 -16.72 -0.22 3.79
N PRO A 210 -17.10 -1.47 3.47
CA PRO A 210 -16.36 -2.19 2.43
C PRO A 210 -16.56 -1.58 1.05
N ARG A 211 -15.48 -1.14 0.41
CA ARG A 211 -15.52 -0.65 -0.97
C ARG A 211 -14.44 -1.27 -1.93
N PHE A 212 -14.67 -1.20 -3.24
CA PHE A 212 -13.70 -1.67 -4.24
C PHE A 212 -12.63 -0.62 -4.57
N ASN A 213 -11.37 -1.03 -4.62
CA ASN A 213 -10.35 -0.15 -5.26
C ASN A 213 -10.27 -0.38 -6.79
N GLU A 214 -9.33 0.29 -7.45
CA GLU A 214 -9.15 0.16 -8.91
C GLU A 214 -8.85 -1.27 -9.31
N LYS A 215 -8.09 -1.96 -8.47
CA LYS A 215 -7.71 -3.36 -8.75
C LYS A 215 -8.90 -4.34 -8.60
N GLY A 216 -10.03 -3.83 -8.09
CA GLY A 216 -11.21 -4.67 -7.86
C GLY A 216 -11.20 -5.44 -6.54
N GLU A 217 -10.36 -5.02 -5.60
CA GLU A 217 -10.29 -5.66 -4.29
C GLU A 217 -11.11 -4.90 -3.27
N VAL A 218 -11.66 -5.65 -2.33
CA VAL A 218 -12.51 -5.13 -1.31
C VAL A 218 -11.57 -4.58 -0.27
N CYS A 219 -11.75 -3.31 0.11
CA CYS A 219 -10.96 -2.72 1.20
C CYS A 219 -11.74 -1.74 2.08
N LYS A 220 -11.05 -1.26 3.10
CA LYS A 220 -11.64 -0.43 4.16
C LYS A 220 -11.60 0.97 3.61
N ALA A 221 -12.76 1.54 3.35
CA ALA A 221 -12.90 2.92 2.89
C ALA A 221 -13.70 3.74 3.91
N GLN A 222 -13.16 4.90 4.29
CA GLN A 222 -13.85 5.80 5.22
C GLN A 222 -14.83 6.62 4.40
N ILE A 223 -16.10 6.26 4.49
CA ILE A 223 -17.12 6.86 3.66
C ILE A 223 -17.90 7.89 4.47
N MET A 224 -18.11 9.07 3.89
CA MET A 224 -19.02 10.06 4.44
C MET A 224 -20.13 10.37 3.45
N ASN A 225 -21.36 10.51 3.97
CA ASN A 225 -22.43 11.07 3.16
C ASN A 225 -22.60 12.59 3.22
N VAL A 226 -23.02 13.16 2.12
CA VAL A 226 -23.34 14.54 2.08
C VAL A 226 -24.70 14.67 1.42
N SER A 227 -25.52 15.57 1.99
CA SER A 227 -26.83 15.91 1.52
C SER A 227 -26.90 17.43 1.28
N TRP A 228 -27.24 17.84 0.06
CA TRP A 228 -27.34 19.26 -0.27
C TRP A 228 -28.81 19.61 -0.53
N SER A 229 -29.26 20.78 -0.07
CA SER A 229 -30.57 21.35 -0.46
C SER A 229 -30.34 22.71 -1.12
N ALA A 230 -31.07 23.02 -2.17
CA ALA A 230 -30.86 24.24 -2.85
C ALA A 230 -32.22 24.80 -3.24
N ASP A 231 -32.27 26.10 -3.44
CA ASP A 231 -33.50 26.77 -3.83
C ASP A 231 -33.70 26.51 -5.34
N HIS A 232 -34.60 25.60 -5.65
CA HIS A 232 -34.79 25.13 -6.99
C HIS A 232 -35.43 26.15 -7.90
N ARG A 233 -35.79 27.33 -7.37
CA ARG A 233 -36.31 28.37 -8.20
C ARG A 233 -35.25 28.89 -9.18
N ILE A 234 -34.01 28.94 -8.73
CA ILE A 234 -32.93 29.50 -9.52
C ILE A 234 -31.73 28.55 -9.69
N ILE A 235 -31.65 27.48 -8.90
CA ILE A 235 -30.52 26.60 -8.97
C ILE A 235 -31.04 25.28 -9.48
N ASP A 236 -30.48 24.75 -10.57
CA ASP A 236 -30.88 23.42 -11.08
C ASP A 236 -30.00 22.25 -10.53
N GLY A 237 -30.46 21.02 -10.78
CA GLY A 237 -29.80 19.82 -10.31
C GLY A 237 -28.39 19.69 -10.82
N ALA A 238 -28.24 19.83 -12.13
CA ALA A 238 -26.93 19.85 -12.76
C ALA A 238 -26.00 20.78 -12.02
N THR A 239 -26.45 21.97 -11.65
CA THR A 239 -25.53 22.87 -10.93
C THR A 239 -25.07 22.31 -9.59
N VAL A 240 -26.01 21.75 -8.82
CA VAL A 240 -25.62 21.24 -7.50
C VAL A 240 -24.71 20.05 -7.71
N SER A 241 -25.08 19.24 -8.68
CA SER A 241 -24.33 18.05 -8.92
C SER A 241 -22.85 18.37 -9.23
N ARG A 242 -22.65 19.27 -10.16
CA ARG A 242 -21.30 19.62 -10.56
C ARG A 242 -20.51 20.22 -9.42
N PHE A 243 -21.19 21.03 -8.61
CA PHE A 243 -20.54 21.65 -7.44
C PHE A 243 -20.11 20.56 -6.45
N SER A 244 -21.00 19.59 -6.28
CA SER A 244 -20.79 18.55 -5.30
C SER A 244 -19.59 17.72 -5.74
N ASN A 245 -19.57 17.35 -7.00
CA ASN A 245 -18.43 16.66 -7.61
C ASN A 245 -17.11 17.42 -7.41
N LEU A 246 -17.13 18.73 -7.61
CA LEU A 246 -15.87 19.46 -7.49
C LEU A 246 -15.49 19.41 -6.01
N TRP A 247 -16.48 19.67 -5.16
CA TRP A 247 -16.24 19.69 -3.71
C TRP A 247 -15.65 18.35 -3.30
N LYS A 248 -16.25 17.30 -3.83
CA LYS A 248 -15.93 15.92 -3.52
C LYS A 248 -14.50 15.58 -4.04
N SER A 249 -14.13 16.05 -5.23
CA SER A 249 -12.82 15.71 -5.75
C SER A 249 -11.70 16.38 -4.94
N TYR A 250 -11.97 17.57 -4.43
CA TYR A 250 -11.07 18.21 -3.48
C TYR A 250 -10.86 17.43 -2.19
N LEU A 251 -11.89 16.73 -1.73
CA LEU A 251 -11.79 15.94 -0.50
C LEU A 251 -11.23 14.55 -0.73
N GLU A 252 -11.64 13.92 -1.82
CA GLU A 252 -11.09 12.65 -2.22
C GLU A 252 -9.59 12.75 -2.59
N ASN A 253 -9.18 13.88 -3.16
CA ASN A 253 -7.83 14.11 -3.67
C ASN A 253 -7.37 15.46 -3.11
N PRO A 254 -7.01 15.49 -1.84
CA PRO A 254 -6.70 16.75 -1.15
C PRO A 254 -5.64 17.60 -1.85
N ALA A 255 -4.72 16.97 -2.55
CA ALA A 255 -3.70 17.72 -3.27
C ALA A 255 -4.25 18.49 -4.45
N PHE A 256 -5.42 18.11 -4.95
CA PHE A 256 -6.05 18.92 -5.96
C PHE A 256 -6.23 20.33 -5.48
N MET A 257 -6.44 20.50 -4.17
CA MET A 257 -6.57 21.85 -3.60
C MET A 257 -5.26 22.66 -3.66
N LEU A 258 -4.11 21.99 -3.53
CA LEU A 258 -2.78 22.64 -3.65
C LEU A 258 -2.77 23.52 -4.86
N LEU A 259 -2.98 22.88 -6.00
CA LEU A 259 -2.90 23.52 -7.28
C LEU A 259 -3.25 25.01 -7.25
N ASP A 260 -4.40 25.41 -6.74
CA ASP A 260 -4.77 26.80 -6.86
C ASP A 260 -4.67 27.66 -5.61
N LEU A 261 -4.16 27.09 -4.52
CA LEU A 261 -4.02 27.88 -3.30
C LEU A 261 -2.74 28.74 -3.29
N LYS A 262 -2.75 29.86 -2.58
CA LYS A 262 -1.62 30.81 -2.60
C LYS A 262 -1.04 31.01 -1.19
N GLY B 29 -57.32 3.87 -22.54
CA GLY B 29 -57.24 4.37 -23.97
C GLY B 29 -57.54 5.85 -24.15
N LYS B 30 -58.47 6.38 -23.34
CA LYS B 30 -58.85 7.83 -23.34
C LYS B 30 -58.55 8.37 -21.95
N ASP B 31 -58.57 9.69 -21.78
CA ASP B 31 -58.48 10.27 -20.44
C ASP B 31 -59.77 10.05 -19.63
N ARG B 32 -59.65 10.08 -18.31
CA ARG B 32 -60.75 9.74 -17.45
C ARG B 32 -60.57 10.60 -16.23
N THR B 33 -61.56 11.45 -15.97
CA THR B 33 -61.59 12.28 -14.76
C THR B 33 -62.60 11.71 -13.77
N GLU B 34 -62.28 11.86 -12.50
CA GLU B 34 -62.94 11.10 -11.47
C GLU B 34 -62.80 11.86 -10.18
N PRO B 35 -63.91 12.05 -9.46
CA PRO B 35 -63.87 12.84 -8.22
C PRO B 35 -63.13 12.13 -7.08
N VAL B 36 -62.43 12.90 -6.25
CA VAL B 36 -61.88 12.41 -5.00
C VAL B 36 -63.01 12.44 -3.97
N LYS B 37 -63.40 11.29 -3.47
CA LYS B 37 -64.56 11.24 -2.60
C LYS B 37 -64.34 10.31 -1.41
N GLY B 38 -65.22 10.46 -0.41
CA GLY B 38 -65.35 9.51 0.70
C GLY B 38 -64.15 9.66 1.59
N PHE B 39 -63.60 8.53 1.98
CA PHE B 39 -62.42 8.54 2.84
C PHE B 39 -61.15 9.11 2.17
N HIS B 40 -61.12 9.11 0.85
CA HIS B 40 -59.97 9.68 0.17
C HIS B 40 -59.75 11.17 0.45
N LYS B 41 -60.76 11.85 0.97
CA LYS B 41 -60.70 13.29 1.23
C LYS B 41 -59.82 13.62 2.42
N ALA B 42 -59.71 12.68 3.34
CA ALA B 42 -58.91 12.89 4.53
C ALA B 42 -57.40 13.01 4.24
N MET B 43 -56.90 12.22 3.26
CA MET B 43 -55.47 12.27 2.95
C MET B 43 -55.13 13.65 2.39
N VAL B 44 -55.96 14.12 1.45
CA VAL B 44 -55.89 15.45 0.89
C VAL B 44 -55.79 16.55 1.96
N LYS B 45 -56.70 16.56 2.93
CA LYS B 45 -56.71 17.61 3.93
C LYS B 45 -55.52 17.50 4.93
N THR B 46 -55.20 16.28 5.32
CA THR B 46 -54.06 16.06 6.22
C THR B 46 -52.70 16.44 5.58
N MET B 47 -52.45 16.00 4.38
CA MET B 47 -51.21 16.35 3.72
C MET B 47 -51.14 17.86 3.32
N SER B 48 -52.27 18.43 2.91
CA SER B 48 -52.31 19.87 2.71
C SER B 48 -51.96 20.61 4.01
N ALA B 49 -52.33 20.06 5.16
CA ALA B 49 -52.15 20.79 6.39
C ALA B 49 -50.69 20.70 6.71
N ALA B 50 -50.07 19.61 6.28
CA ALA B 50 -48.68 19.39 6.56
C ALA B 50 -47.80 20.35 5.80
N LEU B 51 -48.29 20.98 4.73
CA LEU B 51 -47.52 22.05 4.10
C LEU B 51 -47.16 23.12 5.13
N LYS B 52 -47.92 23.27 6.19
CA LYS B 52 -47.55 24.33 7.12
C LYS B 52 -46.31 23.97 7.95
N ILE B 53 -45.85 22.72 7.83
CA ILE B 53 -44.76 22.32 8.67
C ILE B 53 -43.49 22.24 7.89
N PRO B 54 -42.48 23.00 8.30
CA PRO B 54 -41.18 22.93 7.70
C PRO B 54 -40.40 21.68 8.12
N HIS B 55 -40.36 20.69 7.21
CA HIS B 55 -39.82 19.38 7.54
C HIS B 55 -38.33 19.31 7.50
N PHE B 56 -37.74 18.82 8.57
CA PHE B 56 -36.32 18.51 8.59
C PHE B 56 -36.22 17.00 8.48
N GLY B 57 -35.23 16.51 7.76
CA GLY B 57 -35.10 15.10 7.51
C GLY B 57 -33.75 14.67 8.01
N TYR B 58 -33.72 13.53 8.67
CA TYR B 58 -32.46 12.99 9.12
C TYR B 58 -32.56 11.47 8.97
N CYS B 59 -31.50 10.85 8.44
CA CYS B 59 -31.49 9.43 8.12
C CYS B 59 -30.31 8.73 8.76
N ASP B 60 -30.45 7.43 9.02
CA ASP B 60 -29.34 6.64 9.45
C ASP B 60 -29.51 5.17 8.99
N GLU B 61 -28.48 4.39 9.23
CA GLU B 61 -28.53 2.99 8.97
C GLU B 61 -28.34 2.32 10.30
N VAL B 62 -29.20 1.35 10.56
CA VAL B 62 -29.18 0.61 11.82
C VAL B 62 -28.85 -0.87 11.56
N ASP B 63 -28.02 -1.47 12.44
CA ASP B 63 -27.51 -2.84 12.27
C ASP B 63 -28.36 -3.81 13.08
N LEU B 64 -29.26 -4.50 12.37
CA LEU B 64 -30.28 -5.28 13.04
C LEU B 64 -29.98 -6.77 13.21
N THR B 65 -28.71 -7.14 13.10
CA THR B 65 -28.26 -8.52 13.10
C THR B 65 -28.65 -9.25 14.40
N GLU B 66 -28.25 -8.68 15.53
CA GLU B 66 -28.63 -9.22 16.80
C GLU B 66 -30.18 -9.30 16.93
N LEU B 67 -30.89 -8.30 16.39
CA LEU B 67 -32.34 -8.25 16.50
C LEU B 67 -33.03 -9.33 15.62
N VAL B 68 -32.46 -9.59 14.45
CA VAL B 68 -33.00 -10.68 13.64
C VAL B 68 -32.89 -12.01 14.38
N LYS B 69 -31.73 -12.22 14.98
CA LYS B 69 -31.51 -13.42 15.78
C LYS B 69 -32.45 -13.45 17.02
N LEU B 70 -32.47 -12.36 17.78
CA LEU B 70 -33.43 -12.23 18.85
C LEU B 70 -34.90 -12.53 18.44
N ARG B 71 -35.34 -11.96 17.32
CA ARG B 71 -36.71 -12.17 16.86
C ARG B 71 -36.98 -13.62 16.48
N GLU B 72 -35.99 -14.31 15.92
CA GLU B 72 -36.16 -15.73 15.63
C GLU B 72 -36.40 -16.55 16.91
N GLU B 73 -35.71 -16.18 17.99
CA GLU B 73 -35.77 -16.95 19.25
C GLU B 73 -37.15 -16.81 19.88
N LEU B 74 -37.75 -15.62 19.71
CA LEU B 74 -39.01 -15.26 20.38
C LEU B 74 -40.25 -15.52 19.57
N LYS B 75 -40.10 -15.58 18.24
CA LYS B 75 -41.19 -15.92 17.30
C LYS B 75 -42.02 -17.18 17.72
N PRO B 76 -41.36 -18.29 18.14
CA PRO B 76 -42.09 -19.50 18.59
C PRO B 76 -42.96 -19.24 19.80
N ILE B 77 -42.36 -18.60 20.81
CA ILE B 77 -43.07 -18.29 22.03
C ILE B 77 -44.28 -17.41 21.73
N ALA B 78 -44.08 -16.39 20.92
CA ALA B 78 -45.23 -15.57 20.50
C ALA B 78 -46.25 -16.41 19.76
N PHE B 79 -45.78 -17.31 18.89
CA PHE B 79 -46.71 -18.08 18.09
C PHE B 79 -47.60 -18.96 18.97
N ALA B 80 -46.98 -19.63 19.94
CA ALA B 80 -47.68 -20.48 20.89
C ALA B 80 -48.74 -19.68 21.63
N ARG B 81 -48.52 -18.39 21.83
CA ARG B 81 -49.53 -17.60 22.53
C ARG B 81 -50.51 -17.02 21.56
N GLY B 82 -50.45 -17.40 20.30
CA GLY B 82 -51.38 -16.86 19.31
C GLY B 82 -51.01 -15.52 18.69
N ILE B 83 -49.79 -15.04 18.91
CA ILE B 83 -49.38 -13.74 18.33
C ILE B 83 -48.32 -13.83 17.20
N LYS B 84 -48.55 -13.14 16.10
CA LYS B 84 -47.46 -13.00 15.14
C LYS B 84 -46.61 -11.82 15.62
N LEU B 85 -45.32 -12.11 15.77
CA LEU B 85 -44.36 -11.14 16.27
C LEU B 85 -43.45 -10.67 15.15
N SER B 86 -43.69 -9.45 14.68
CA SER B 86 -42.82 -8.89 13.65
C SER B 86 -41.69 -8.07 14.30
N PHE B 87 -41.02 -7.19 13.56
CA PHE B 87 -40.09 -6.20 14.17
C PHE B 87 -40.73 -4.97 14.84
N MET B 88 -41.92 -4.63 14.37
CA MET B 88 -42.56 -3.40 14.80
C MET B 88 -42.65 -3.27 16.31
N PRO B 89 -43.03 -4.35 17.02
CA PRO B 89 -43.17 -4.11 18.45
C PRO B 89 -41.86 -3.68 19.05
N PHE B 90 -40.75 -4.17 18.51
CA PHE B 90 -39.47 -3.69 18.98
C PHE B 90 -39.24 -2.24 18.58
N PHE B 91 -39.53 -1.90 17.34
CA PHE B 91 -39.30 -0.54 16.89
C PHE B 91 -40.11 0.40 17.76
N LEU B 92 -41.35 0.00 18.08
CA LEU B 92 -42.27 0.79 18.88
C LEU B 92 -41.83 1.00 20.32
N LYS B 93 -41.46 -0.09 20.97
CA LYS B 93 -40.94 0.00 22.34
C LYS B 93 -39.64 0.81 22.41
N ALA B 94 -38.76 0.66 21.42
CA ALA B 94 -37.55 1.45 21.46
C ALA B 94 -37.85 2.94 21.21
N ALA B 95 -38.76 3.23 20.29
CA ALA B 95 -39.22 4.60 20.06
C ALA B 95 -39.69 5.19 21.37
N SER B 96 -40.47 4.42 22.09
CA SER B 96 -41.12 5.00 23.23
C SER B 96 -40.08 5.26 24.31
N LEU B 97 -39.16 4.33 24.48
CA LEU B 97 -38.07 4.59 25.38
C LEU B 97 -37.31 5.85 24.99
N GLY B 98 -37.13 6.08 23.68
CA GLY B 98 -36.48 7.31 23.20
C GLY B 98 -37.28 8.57 23.57
N LEU B 99 -38.60 8.47 23.42
CA LEU B 99 -39.47 9.58 23.71
C LEU B 99 -39.44 9.97 25.20
N LEU B 100 -39.20 9.02 26.12
CA LEU B 100 -38.99 9.38 27.51
C LEU B 100 -37.82 10.35 27.63
N GLN B 101 -36.75 10.13 26.83
CA GLN B 101 -35.60 11.03 26.96
C GLN B 101 -35.81 12.31 26.15
N PHE B 102 -36.57 12.24 25.06
CA PHE B 102 -36.75 13.39 24.17
C PHE B 102 -38.22 13.72 23.99
N PRO B 103 -38.85 14.12 25.10
CA PRO B 103 -40.28 14.26 25.13
C PRO B 103 -40.74 15.34 24.15
N ILE B 104 -39.85 16.24 23.74
CA ILE B 104 -40.25 17.19 22.69
C ILE B 104 -40.68 16.53 21.35
N LEU B 105 -40.26 15.28 21.08
CA LEU B 105 -40.71 14.59 19.85
C LEU B 105 -42.12 14.04 19.95
N ASN B 106 -42.67 14.05 21.16
CA ASN B 106 -44.00 13.56 21.43
C ASN B 106 -44.84 14.72 21.93
N ALA B 107 -45.04 15.68 21.02
CA ALA B 107 -45.53 16.97 21.45
C ALA B 107 -46.26 17.53 20.27
N SER B 108 -46.94 18.63 20.50
CA SER B 108 -47.72 19.34 19.51
C SER B 108 -47.54 20.84 19.64
N VAL B 109 -47.74 21.50 18.53
CA VAL B 109 -47.69 22.96 18.52
C VAL B 109 -48.98 23.57 18.03
N ASP B 110 -49.26 24.77 18.51
CA ASP B 110 -50.52 25.50 18.19
C ASP B 110 -50.46 26.18 16.82
N GLU B 111 -51.56 26.82 16.39
CA GLU B 111 -51.62 27.28 14.99
C GLU B 111 -50.41 28.15 14.62
N ASN B 112 -50.00 29.06 15.51
CA ASN B 112 -48.87 29.94 15.20
C ASN B 112 -47.50 29.44 15.67
N CYS B 113 -47.46 28.24 16.26
CA CYS B 113 -46.27 27.76 16.91
C CYS B 113 -45.82 28.66 18.05
N GLN B 114 -46.76 28.97 18.96
CA GLN B 114 -46.48 29.81 20.14
C GLN B 114 -46.26 28.94 21.33
N ASN B 115 -46.90 27.77 21.33
CA ASN B 115 -46.82 26.92 22.49
C ASN B 115 -46.66 25.51 22.12
N ILE B 116 -45.92 24.82 22.95
CA ILE B 116 -45.85 23.41 22.80
C ILE B 116 -46.58 22.68 23.94
N THR B 117 -47.46 21.75 23.57
CA THR B 117 -47.97 20.77 24.50
C THR B 117 -47.16 19.45 24.40
N TYR B 118 -46.40 19.16 25.44
CA TYR B 118 -45.76 17.87 25.63
C TYR B 118 -46.79 16.87 26.04
N LYS B 119 -46.91 15.83 25.22
CA LYS B 119 -47.90 14.82 25.48
C LYS B 119 -47.32 13.62 26.23
N ALA B 120 -48.03 13.20 27.28
CA ALA B 120 -47.51 12.17 28.18
C ALA B 120 -47.76 10.75 27.69
N SER B 121 -48.86 10.53 26.99
CA SER B 121 -49.11 9.22 26.40
C SER B 121 -48.33 9.02 25.11
N HIS B 122 -47.74 7.84 24.94
CA HIS B 122 -47.12 7.56 23.69
C HIS B 122 -48.11 6.86 22.82
N ASN B 123 -48.94 7.58 22.10
CA ASN B 123 -49.91 6.90 21.28
C ASN B 123 -49.35 6.81 19.86
N ILE B 124 -48.72 5.69 19.54
CA ILE B 124 -47.86 5.70 18.39
C ILE B 124 -48.55 5.14 17.17
N GLY B 125 -48.64 6.02 16.18
CA GLY B 125 -49.36 5.75 14.94
C GLY B 125 -48.66 4.68 14.13
N ILE B 126 -49.47 3.80 13.54
CA ILE B 126 -48.95 2.74 12.69
C ILE B 126 -49.47 2.96 11.31
N ALA B 127 -48.69 3.51 10.40
CA ALA B 127 -49.29 3.81 9.09
C ALA B 127 -49.52 2.45 8.47
N MET B 128 -50.70 2.21 7.92
CA MET B 128 -50.95 0.92 7.41
C MET B 128 -51.66 0.89 6.09
N ASP B 129 -51.10 0.02 5.26
CA ASP B 129 -51.58 -0.16 3.94
C ASP B 129 -52.84 -1.05 3.96
N THR B 130 -53.91 -0.57 3.34
CA THR B 130 -55.07 -1.45 3.12
C THR B 130 -55.54 -1.39 1.67
N GLU B 131 -56.19 -2.48 1.29
CA GLU B 131 -57.07 -2.58 0.13
C GLU B 131 -57.85 -1.28 -0.19
N GLN B 132 -58.29 -0.54 0.83
CA GLN B 132 -59.03 0.71 0.58
C GLN B 132 -58.15 1.94 0.58
N GLY B 133 -56.86 1.75 0.89
CA GLY B 133 -55.92 2.83 1.04
C GLY B 133 -55.20 2.93 2.38
N LEU B 134 -54.60 4.10 2.60
CA LEU B 134 -53.80 4.38 3.78
C LEU B 134 -54.67 4.69 4.97
N ILE B 135 -54.38 4.04 6.09
CA ILE B 135 -55.07 4.34 7.32
C ILE B 135 -53.99 4.36 8.43
N VAL B 136 -54.19 5.12 9.51
CA VAL B 136 -53.20 5.25 10.58
C VAL B 136 -53.82 5.15 11.98
N PRO B 137 -54.08 3.92 12.47
CA PRO B 137 -54.49 3.81 13.88
C PRO B 137 -53.27 3.87 14.77
N ASN B 138 -53.44 3.98 16.08
CA ASN B 138 -52.27 4.00 16.94
C ASN B 138 -52.44 3.03 18.10
N VAL B 139 -51.33 2.68 18.70
CA VAL B 139 -51.32 1.83 19.85
C VAL B 139 -51.20 2.80 21.03
N LYS B 140 -52.18 2.79 21.93
CA LYS B 140 -52.17 3.72 23.05
C LYS B 140 -51.14 3.38 24.08
N ASN B 141 -50.59 4.39 24.74
CA ASN B 141 -49.69 4.20 25.86
C ASN B 141 -48.72 3.06 25.67
N VAL B 142 -47.96 3.11 24.59
CA VAL B 142 -46.87 2.20 24.41
C VAL B 142 -45.97 2.28 25.64
N GLN B 143 -45.89 3.44 26.31
CA GLN B 143 -44.99 3.53 27.45
C GLN B 143 -45.31 2.56 28.56
N ILE B 144 -46.55 2.04 28.65
CA ILE B 144 -46.88 1.15 29.77
C ILE B 144 -47.04 -0.26 29.32
N ARG B 145 -46.58 -0.56 28.11
CA ARG B 145 -46.90 -1.84 27.54
C ARG B 145 -45.63 -2.62 27.21
N SER B 146 -45.70 -3.95 27.34
CA SER B 146 -44.60 -4.81 26.98
C SER B 146 -44.57 -5.04 25.48
N ILE B 147 -43.45 -5.52 24.99
CA ILE B 147 -43.29 -5.84 23.57
C ILE B 147 -44.39 -6.79 23.17
N PHE B 148 -44.66 -7.75 24.04
CA PHE B 148 -45.66 -8.77 23.74
C PHE B 148 -47.04 -8.12 23.64
N GLU B 149 -47.36 -7.21 24.56
CA GLU B 149 -48.66 -6.57 24.46
C GLU B 149 -48.74 -5.71 23.21
N ILE B 150 -47.60 -5.12 22.82
CA ILE B 150 -47.61 -4.27 21.65
C ILE B 150 -47.86 -5.17 20.45
N ALA B 151 -47.18 -6.31 20.42
CA ALA B 151 -47.39 -7.23 19.34
C ALA B 151 -48.87 -7.53 19.26
N THR B 152 -49.51 -7.75 20.42
CA THR B 152 -50.93 -8.12 20.49
C THR B 152 -51.84 -7.01 19.96
N GLU B 153 -51.53 -5.78 20.33
CA GLU B 153 -52.33 -4.64 19.87
C GLU B 153 -52.17 -4.41 18.36
N LEU B 154 -50.94 -4.57 17.89
CA LEU B 154 -50.66 -4.58 16.44
C LEU B 154 -51.56 -5.51 15.64
N ASN B 155 -51.45 -6.81 15.92
CA ASN B 155 -52.34 -7.83 15.30
C ASN B 155 -53.80 -7.37 15.28
N ARG B 156 -54.25 -6.90 16.43
CA ARG B 156 -55.62 -6.48 16.54
C ARG B 156 -55.88 -5.37 15.52
N LEU B 157 -55.05 -4.32 15.54
CA LEU B 157 -55.22 -3.23 14.56
C LEU B 157 -55.06 -3.72 13.11
N GLN B 158 -54.10 -4.62 12.85
CA GLN B 158 -54.01 -5.21 11.49
C GLN B 158 -55.27 -5.95 11.06
N LYS B 159 -55.84 -6.79 11.94
CA LYS B 159 -57.06 -7.51 11.56
C LYS B 159 -58.18 -6.50 11.32
N LEU B 160 -58.37 -5.61 12.28
CA LEU B 160 -59.40 -4.58 12.18
C LEU B 160 -59.19 -3.66 10.95
N GLY B 161 -57.93 -3.34 10.70
CA GLY B 161 -57.60 -2.43 9.63
C GLY B 161 -57.93 -3.03 8.31
N SER B 162 -57.54 -4.30 8.13
CA SER B 162 -57.88 -4.93 6.85
C SER B 162 -59.38 -5.23 6.65
N ALA B 163 -60.18 -5.32 7.72
CA ALA B 163 -61.61 -5.57 7.61
C ALA B 163 -62.48 -4.31 7.55
N GLY B 164 -61.85 -3.12 7.46
CA GLY B 164 -62.57 -1.82 7.56
C GLY B 164 -63.30 -1.60 8.88
N GLN B 165 -62.74 -2.07 9.99
CA GLN B 165 -63.46 -2.19 11.22
C GLN B 165 -62.81 -1.42 12.34
N LEU B 166 -61.84 -0.56 12.01
CA LEU B 166 -61.17 0.16 13.06
C LEU B 166 -62.19 1.09 13.69
N SER B 167 -62.15 1.25 15.00
CA SER B 167 -63.07 2.16 15.66
C SER B 167 -62.54 3.61 15.60
N THR B 168 -63.38 4.58 15.89
CA THR B 168 -62.94 5.95 16.05
C THR B 168 -61.78 6.14 17.07
N ASN B 169 -61.92 5.56 18.26
CA ASN B 169 -60.82 5.48 19.24
C ASN B 169 -59.49 4.93 18.67
N ASP B 170 -59.53 3.93 17.79
CA ASP B 170 -58.30 3.48 17.18
C ASP B 170 -57.59 4.59 16.34
N LEU B 171 -58.37 5.53 15.81
CA LEU B 171 -57.85 6.56 14.88
C LEU B 171 -57.49 7.90 15.53
N ILE B 172 -57.92 8.17 16.76
CA ILE B 172 -57.59 9.48 17.25
C ILE B 172 -56.51 9.46 18.30
N GLY B 173 -55.94 10.64 18.54
CA GLY B 173 -55.11 10.85 19.70
C GLY B 173 -53.72 10.35 19.45
N GLY B 174 -53.37 10.12 18.17
CA GLY B 174 -52.01 9.68 17.83
C GLY B 174 -51.00 10.77 18.24
N THR B 175 -49.82 10.41 18.74
CA THR B 175 -48.91 11.45 19.17
C THR B 175 -47.61 11.47 18.42
N PHE B 176 -47.36 10.47 17.59
CA PHE B 176 -46.06 10.14 17.00
C PHE B 176 -46.30 8.96 16.07
N THR B 177 -45.59 8.87 14.94
CA THR B 177 -45.94 7.88 13.94
C THR B 177 -44.71 7.16 13.44
N LEU B 178 -44.89 5.85 13.15
CA LEU B 178 -43.90 5.00 12.45
C LEU B 178 -44.56 4.41 11.24
N SER B 179 -43.82 4.44 10.13
CA SER B 179 -44.32 3.97 8.85
C SER B 179 -43.32 2.95 8.32
N ASN B 180 -43.66 1.69 8.52
CA ASN B 180 -42.87 0.59 8.05
C ASN B 180 -43.17 0.35 6.60
N ILE B 181 -42.77 1.29 5.77
CA ILE B 181 -42.82 1.06 4.33
C ILE B 181 -42.00 -0.16 3.94
N GLY B 182 -41.01 -0.51 4.76
CA GLY B 182 -40.07 -1.59 4.43
C GLY B 182 -40.67 -3.00 4.34
N SER B 183 -41.89 -3.15 4.82
CA SER B 183 -42.58 -4.40 4.66
C SER B 183 -42.96 -4.51 3.20
N ILE B 184 -42.84 -3.44 2.42
CA ILE B 184 -43.07 -3.56 1.00
C ILE B 184 -41.75 -3.32 0.22
N GLY B 185 -40.97 -2.32 0.54
CA GLY B 185 -39.67 -2.17 -0.09
C GLY B 185 -39.08 -0.88 0.45
N GLY B 186 -37.91 -0.52 -0.03
CA GLY B 186 -37.39 0.84 0.15
C GLY B 186 -36.11 0.84 0.95
N THR B 187 -35.39 1.95 0.87
CA THR B 187 -34.26 2.19 1.73
C THR B 187 -34.55 3.41 2.59
N TYR B 188 -34.28 4.57 2.03
CA TYR B 188 -34.60 5.81 2.69
C TYR B 188 -35.92 6.26 2.19
N ALA B 189 -36.55 7.10 2.98
CA ALA B 189 -37.75 7.77 2.52
C ALA B 189 -37.76 9.22 2.99
N LYS B 190 -38.81 9.89 2.62
CA LYS B 190 -39.09 11.15 3.21
C LYS B 190 -40.62 11.24 3.58
N PRO B 191 -40.92 10.83 4.81
CA PRO B 191 -42.30 10.75 5.27
C PRO B 191 -42.81 12.09 5.68
N VAL B 192 -44.09 12.30 5.45
CA VAL B 192 -44.74 13.51 5.82
C VAL B 192 -45.35 13.34 7.19
N ILE B 193 -45.10 14.34 8.05
CA ILE B 193 -45.58 14.41 9.42
C ILE B 193 -47.09 14.57 9.38
N LEU B 194 -47.79 13.92 10.31
CA LEU B 194 -49.23 14.08 10.45
C LEU B 194 -49.60 15.16 11.46
N PRO B 195 -50.07 16.34 11.00
CA PRO B 195 -50.51 17.27 12.07
C PRO B 195 -51.70 16.68 12.80
N PRO B 196 -51.78 16.89 14.11
CA PRO B 196 -50.97 17.86 14.88
C PRO B 196 -49.65 17.29 15.41
N GLU B 197 -49.19 16.15 14.96
CA GLU B 197 -47.90 15.67 15.51
C GLU B 197 -46.68 16.45 15.01
N VAL B 198 -45.51 16.19 15.59
CA VAL B 198 -44.28 16.86 15.16
C VAL B 198 -43.16 15.97 14.59
N ALA B 199 -43.34 14.66 14.51
CA ALA B 199 -42.30 13.80 13.99
C ALA B 199 -42.86 12.50 13.50
N ILE B 200 -42.05 11.83 12.65
CA ILE B 200 -42.42 10.58 12.03
C ILE B 200 -41.16 9.83 11.58
N GLY B 201 -41.15 8.52 11.71
CA GLY B 201 -40.05 7.70 11.20
C GLY B 201 -40.55 6.76 10.13
N ALA B 202 -39.75 6.56 9.07
CA ALA B 202 -40.07 5.56 8.05
C ALA B 202 -38.95 4.54 8.06
N LEU B 203 -39.30 3.24 8.02
CA LEU B 203 -38.32 2.11 8.08
C LEU B 203 -38.25 1.44 6.75
N GLY B 204 -37.04 1.23 6.23
CA GLY B 204 -36.89 0.61 4.91
C GLY B 204 -36.77 -0.86 5.11
N THR B 205 -36.51 -1.60 4.04
CA THR B 205 -36.44 -3.05 4.11
C THR B 205 -35.14 -3.49 4.73
N ILE B 206 -35.22 -4.39 5.70
CA ILE B 206 -34.05 -5.05 6.22
C ILE B 206 -33.33 -5.88 5.10
N LYS B 207 -32.05 -5.57 4.89
CA LYS B 207 -31.29 -6.13 3.78
C LYS B 207 -29.91 -6.56 4.26
N ALA B 208 -29.46 -7.73 3.78
CA ALA B 208 -28.16 -8.27 4.15
C ALA B 208 -27.07 -7.56 3.31
N LEU B 209 -26.19 -6.83 3.96
CA LEU B 209 -25.15 -6.11 3.26
C LEU B 209 -23.84 -6.47 3.87
N PRO B 210 -22.77 -6.38 3.09
CA PRO B 210 -21.43 -6.63 3.61
C PRO B 210 -20.99 -5.50 4.46
N ARG B 211 -20.49 -5.76 5.68
CA ARG B 211 -19.98 -4.74 6.61
C ARG B 211 -18.82 -5.28 7.46
N PHE B 212 -18.01 -4.39 8.00
CA PHE B 212 -16.96 -4.74 8.93
C PHE B 212 -17.44 -5.01 10.35
N ASN B 213 -16.90 -6.07 10.94
CA ASN B 213 -17.06 -6.28 12.36
C ASN B 213 -15.91 -5.55 13.04
N GLU B 214 -15.84 -5.64 14.37
CA GLU B 214 -14.79 -4.98 15.18
C GLU B 214 -13.36 -5.36 14.80
N LYS B 215 -13.14 -6.59 14.32
CA LYS B 215 -11.80 -6.99 13.85
C LYS B 215 -11.44 -6.29 12.53
N GLY B 216 -12.43 -6.05 11.69
CA GLY B 216 -12.12 -5.52 10.38
C GLY B 216 -12.30 -6.57 9.30
N GLU B 217 -13.00 -7.65 9.65
CA GLU B 217 -13.44 -8.65 8.66
C GLU B 217 -14.83 -8.30 8.13
N VAL B 218 -15.10 -8.73 6.91
CA VAL B 218 -16.37 -8.57 6.26
C VAL B 218 -17.41 -9.62 6.63
N CYS B 219 -18.50 -9.19 7.28
CA CYS B 219 -19.64 -10.05 7.66
C CYS B 219 -20.90 -9.81 6.85
N LYS B 220 -21.84 -10.73 7.00
CA LYS B 220 -23.21 -10.57 6.58
C LYS B 220 -23.83 -9.74 7.71
N ALA B 221 -24.25 -8.51 7.41
CA ALA B 221 -24.99 -7.70 8.39
C ALA B 221 -26.39 -7.41 7.85
N GLN B 222 -27.39 -7.59 8.73
CA GLN B 222 -28.77 -7.28 8.36
C GLN B 222 -28.96 -5.80 8.62
N ILE B 223 -28.94 -4.98 7.58
CA ILE B 223 -29.01 -3.53 7.75
C ILE B 223 -30.39 -3.01 7.34
N MET B 224 -30.92 -2.12 8.18
CA MET B 224 -32.15 -1.38 7.87
C MET B 224 -31.87 0.12 7.93
N ASN B 225 -32.45 0.83 6.98
CA ASN B 225 -32.46 2.29 7.00
C ASN B 225 -33.65 2.87 7.71
N VAL B 226 -33.42 4.00 8.35
CA VAL B 226 -34.46 4.76 8.98
C VAL B 226 -34.35 6.19 8.48
N SER B 227 -35.52 6.81 8.33
CA SER B 227 -35.70 8.17 7.89
C SER B 227 -36.64 8.89 8.85
N TRP B 228 -36.15 9.89 9.58
CA TRP B 228 -36.99 10.64 10.48
C TRP B 228 -37.36 11.97 9.87
N SER B 229 -38.58 12.46 10.09
CA SER B 229 -38.93 13.85 9.73
C SER B 229 -39.45 14.55 10.96
N ALA B 230 -39.09 15.81 11.11
CA ALA B 230 -39.45 16.53 12.31
C ALA B 230 -39.74 17.95 11.94
N ASP B 231 -40.57 18.59 12.77
CA ASP B 231 -40.96 19.98 12.60
C ASP B 231 -39.82 20.85 13.03
N HIS B 232 -39.14 21.39 12.05
CA HIS B 232 -37.94 22.12 12.35
C HIS B 232 -38.20 23.44 13.09
N ARG B 233 -39.46 23.87 13.21
CA ARG B 233 -39.77 25.06 13.98
C ARG B 233 -39.40 24.95 15.48
N ILE B 234 -39.48 23.76 16.06
CA ILE B 234 -39.20 23.59 17.47
C ILE B 234 -38.24 22.44 17.74
N ILE B 235 -37.98 21.64 16.71
CA ILE B 235 -37.10 20.49 16.84
C ILE B 235 -35.84 20.72 16.01
N ASP B 236 -34.65 20.66 16.59
CA ASP B 236 -33.47 20.87 15.82
C ASP B 236 -32.88 19.49 15.49
N GLY B 237 -31.78 19.49 14.75
CA GLY B 237 -31.19 18.26 14.25
C GLY B 237 -30.43 17.49 15.29
N ALA B 238 -29.71 18.18 16.17
CA ALA B 238 -29.10 17.48 17.31
C ALA B 238 -30.14 16.65 18.05
N THR B 239 -31.31 17.23 18.35
CA THR B 239 -32.32 16.48 19.08
C THR B 239 -32.67 15.22 18.32
N VAL B 240 -32.98 15.33 17.03
CA VAL B 240 -33.42 14.16 16.29
C VAL B 240 -32.28 13.16 16.27
N SER B 241 -31.08 13.66 16.10
CA SER B 241 -29.98 12.78 15.95
C SER B 241 -29.74 12.00 17.25
N ARG B 242 -29.81 12.68 18.39
CA ARG B 242 -29.57 11.96 19.63
C ARG B 242 -30.68 10.94 19.94
N PHE B 243 -31.89 11.33 19.61
CA PHE B 243 -33.03 10.44 19.69
C PHE B 243 -32.79 9.17 18.87
N SER B 244 -32.40 9.35 17.61
CA SER B 244 -32.13 8.27 16.69
C SER B 244 -30.98 7.38 17.24
N ASN B 245 -29.92 8.01 17.72
CA ASN B 245 -28.85 7.24 18.35
C ASN B 245 -29.34 6.36 19.51
N LEU B 246 -30.30 6.84 20.28
CA LEU B 246 -30.73 6.12 21.47
C LEU B 246 -31.59 4.97 20.97
N TRP B 247 -32.53 5.34 20.11
CA TRP B 247 -33.41 4.39 19.45
C TRP B 247 -32.56 3.27 18.87
N LYS B 248 -31.54 3.66 18.11
CA LYS B 248 -30.62 2.78 17.46
C LYS B 248 -29.89 1.88 18.44
N SER B 249 -29.35 2.45 19.52
CA SER B 249 -28.60 1.63 20.45
C SER B 249 -29.54 0.55 21.07
N TYR B 250 -30.79 0.90 21.38
CA TYR B 250 -31.71 -0.13 21.81
C TYR B 250 -31.85 -1.30 20.78
N LEU B 251 -31.89 -1.03 19.49
CA LEU B 251 -32.12 -2.11 18.60
C LEU B 251 -30.81 -2.87 18.27
N GLU B 252 -29.68 -2.17 18.31
CA GLU B 252 -28.40 -2.82 18.00
C GLU B 252 -27.90 -3.66 19.17
N ASN B 253 -28.44 -3.40 20.37
CA ASN B 253 -28.10 -4.05 21.63
C ASN B 253 -29.36 -4.18 22.47
N PRO B 254 -30.28 -5.10 22.12
CA PRO B 254 -31.58 -5.24 22.81
C PRO B 254 -31.48 -5.41 24.35
N ALA B 255 -30.38 -6.00 24.82
CA ALA B 255 -29.95 -5.91 26.19
C ALA B 255 -30.21 -4.58 26.81
N PHE B 256 -29.82 -3.53 26.09
CA PHE B 256 -29.95 -2.21 26.63
C PHE B 256 -31.40 -1.97 27.09
N MET B 257 -32.42 -2.55 26.43
CA MET B 257 -33.82 -2.31 26.81
C MET B 257 -34.20 -2.96 28.12
N LEU B 258 -33.60 -4.11 28.38
CA LEU B 258 -33.73 -4.80 29.65
C LEU B 258 -33.40 -4.02 30.89
N LEU B 259 -32.44 -3.11 30.81
CA LEU B 259 -31.95 -2.51 32.00
C LEU B 259 -33.13 -1.85 32.76
N ASP B 260 -33.94 -1.08 32.05
CA ASP B 260 -34.96 -0.20 32.68
C ASP B 260 -36.44 -0.60 32.55
N LEU B 261 -36.72 -1.77 31.97
CA LEU B 261 -38.07 -2.27 31.90
C LEU B 261 -38.49 -3.02 33.17
N LYS B 262 -39.80 -3.05 33.42
CA LYS B 262 -40.40 -3.48 34.70
C LYS B 262 -41.43 -4.61 34.58
N GLY C 29 -14.40 40.58 -4.79
CA GLY C 29 -14.67 41.46 -3.59
C GLY C 29 -15.97 42.28 -3.72
N LYS C 30 -16.66 42.19 -4.87
CA LYS C 30 -17.88 43.01 -5.09
C LYS C 30 -19.19 42.21 -5.35
N ASP C 31 -20.23 42.50 -4.55
CA ASP C 31 -21.56 41.88 -4.72
C ASP C 31 -22.26 42.39 -5.98
N ARG C 32 -22.97 41.52 -6.67
CA ARG C 32 -23.59 41.91 -7.92
C ARG C 32 -25.01 41.40 -7.96
N THR C 33 -25.94 42.30 -8.25
CA THR C 33 -27.35 41.97 -8.45
C THR C 33 -27.72 41.82 -9.93
N GLU C 34 -28.63 40.94 -10.24
CA GLU C 34 -28.90 40.66 -11.62
C GLU C 34 -30.33 40.18 -11.77
N PRO C 35 -31.03 40.65 -12.79
CA PRO C 35 -32.40 40.15 -12.97
C PRO C 35 -32.42 38.68 -13.39
N VAL C 36 -33.46 37.98 -13.01
CA VAL C 36 -33.75 36.70 -13.59
C VAL C 36 -34.49 37.07 -14.84
N LYS C 37 -34.00 36.64 -16.00
CA LYS C 37 -34.70 37.00 -17.21
C LYS C 37 -34.77 35.82 -18.14
N GLY C 38 -35.58 35.97 -19.20
CA GLY C 38 -35.68 34.99 -20.28
C GLY C 38 -36.18 33.65 -19.79
N PHE C 39 -35.57 32.57 -20.27
CA PHE C 39 -36.08 31.23 -19.94
C PHE C 39 -36.05 30.95 -18.46
N HIS C 40 -35.04 31.47 -17.79
CA HIS C 40 -34.96 31.34 -16.35
C HIS C 40 -36.21 31.67 -15.54
N LYS C 41 -37.09 32.53 -16.08
CA LYS C 41 -38.35 32.86 -15.41
C LYS C 41 -39.27 31.64 -15.27
N ALA C 42 -39.07 30.63 -16.11
CA ALA C 42 -39.95 29.44 -16.15
C ALA C 42 -39.76 28.52 -14.95
N MET C 43 -38.49 28.36 -14.58
CA MET C 43 -38.14 27.55 -13.46
C MET C 43 -38.66 28.24 -12.19
N VAL C 44 -38.59 29.56 -12.13
CA VAL C 44 -39.13 30.21 -10.98
C VAL C 44 -40.60 29.86 -10.81
N LYS C 45 -41.33 29.83 -11.92
CA LYS C 45 -42.76 29.65 -11.90
C LYS C 45 -43.23 28.24 -11.55
N THR C 46 -42.54 27.26 -12.13
CA THR C 46 -42.81 25.86 -11.94
C THR C 46 -42.54 25.46 -10.50
N MET C 47 -41.35 25.76 -10.01
CA MET C 47 -40.96 25.35 -8.68
C MET C 47 -41.74 26.07 -7.59
N SER C 48 -42.26 27.26 -7.92
CA SER C 48 -43.11 27.95 -6.96
C SER C 48 -44.45 27.25 -6.93
N ALA C 49 -44.96 26.81 -8.09
CA ALA C 49 -46.25 26.13 -8.14
C ALA C 49 -46.11 24.77 -7.37
N ALA C 50 -44.93 24.17 -7.44
CA ALA C 50 -44.64 22.91 -6.81
C ALA C 50 -44.76 23.02 -5.31
N LEU C 51 -44.69 24.22 -4.74
CA LEU C 51 -44.86 24.33 -3.28
C LEU C 51 -46.26 23.93 -2.85
N LYS C 52 -47.23 24.04 -3.73
CA LYS C 52 -48.55 23.61 -3.33
C LYS C 52 -48.68 22.06 -3.21
N ILE C 53 -47.68 21.30 -3.60
CA ILE C 53 -47.78 19.86 -3.55
C ILE C 53 -47.03 19.31 -2.34
N PRO C 54 -47.68 18.52 -1.45
CA PRO C 54 -46.94 17.93 -0.34
C PRO C 54 -46.18 16.73 -0.85
N HIS C 55 -44.86 16.82 -0.80
CA HIS C 55 -44.06 15.80 -1.49
C HIS C 55 -43.82 14.69 -0.51
N PHE C 56 -44.10 13.47 -0.93
CA PHE C 56 -43.67 12.25 -0.25
C PHE C 56 -42.43 11.77 -0.99
N GLY C 57 -41.43 11.33 -0.23
CA GLY C 57 -40.25 10.75 -0.82
C GLY C 57 -40.07 9.29 -0.48
N TYR C 58 -39.60 8.53 -1.47
CA TYR C 58 -39.36 7.09 -1.32
C TYR C 58 -38.16 6.68 -2.16
N CYS C 59 -37.26 5.90 -1.58
CA CYS C 59 -36.03 5.58 -2.25
C CYS C 59 -35.69 4.11 -2.20
N ASP C 60 -34.86 3.68 -3.13
CA ASP C 60 -34.45 2.33 -3.14
C ASP C 60 -33.12 2.18 -3.90
N GLU C 61 -32.49 1.02 -3.78
CA GLU C 61 -31.30 0.73 -4.58
C GLU C 61 -31.64 -0.43 -5.49
N VAL C 62 -31.12 -0.40 -6.71
CA VAL C 62 -31.47 -1.33 -7.76
C VAL C 62 -30.18 -1.97 -8.26
N ASP C 63 -30.17 -3.29 -8.35
CA ASP C 63 -29.03 -4.04 -8.82
C ASP C 63 -29.01 -4.09 -10.36
N LEU C 64 -28.14 -3.32 -10.97
CA LEU C 64 -28.21 -3.18 -12.41
C LEU C 64 -27.17 -4.06 -13.16
N THR C 65 -26.60 -5.01 -12.42
CA THR C 65 -25.62 -5.90 -12.96
C THR C 65 -26.10 -6.53 -14.28
N GLU C 66 -27.30 -7.13 -14.35
CA GLU C 66 -27.71 -7.80 -15.59
C GLU C 66 -27.93 -6.80 -16.73
N LEU C 67 -28.49 -5.64 -16.42
CA LEU C 67 -28.78 -4.63 -17.42
C LEU C 67 -27.50 -4.02 -18.03
N VAL C 68 -26.51 -3.75 -17.18
CA VAL C 68 -25.23 -3.34 -17.74
C VAL C 68 -24.71 -4.35 -18.77
N LYS C 69 -24.77 -5.63 -18.44
CA LYS C 69 -24.38 -6.68 -19.35
C LYS C 69 -25.29 -6.62 -20.61
N LEU C 70 -26.61 -6.75 -20.43
CA LEU C 70 -27.54 -6.56 -21.55
C LEU C 70 -27.21 -5.37 -22.46
N ARG C 71 -27.04 -4.18 -21.88
CA ARG C 71 -26.70 -2.98 -22.66
C ARG C 71 -25.39 -3.10 -23.46
N GLU C 72 -24.36 -3.64 -22.84
CA GLU C 72 -23.14 -3.92 -23.55
C GLU C 72 -23.43 -4.73 -24.81
N GLU C 73 -24.17 -5.81 -24.63
CA GLU C 73 -24.61 -6.66 -25.71
C GLU C 73 -25.44 -5.92 -26.81
N LEU C 74 -26.29 -4.96 -26.44
CA LEU C 74 -27.06 -4.18 -27.45
C LEU C 74 -26.35 -3.01 -28.13
N LYS C 75 -25.34 -2.46 -27.48
CA LYS C 75 -24.58 -1.32 -27.99
C LYS C 75 -24.16 -1.44 -29.44
N PRO C 76 -23.52 -2.56 -29.80
CA PRO C 76 -23.08 -2.67 -31.19
C PRO C 76 -24.26 -2.75 -32.14
N ILE C 77 -25.32 -3.42 -31.74
CA ILE C 77 -26.53 -3.55 -32.58
C ILE C 77 -27.20 -2.19 -32.79
N ALA C 78 -27.30 -1.40 -31.73
CA ALA C 78 -27.78 -0.02 -31.81
C ALA C 78 -26.92 0.90 -32.68
N PHE C 79 -25.61 0.91 -32.43
CA PHE C 79 -24.66 1.67 -33.25
C PHE C 79 -24.89 1.46 -34.75
N ALA C 80 -25.04 0.19 -35.15
CA ALA C 80 -25.22 -0.15 -36.54
C ALA C 80 -26.54 0.36 -37.13
N ARG C 81 -27.43 0.84 -36.29
CA ARG C 81 -28.68 1.40 -36.79
C ARG C 81 -28.66 2.90 -36.53
N GLY C 82 -27.47 3.41 -36.20
CA GLY C 82 -27.20 4.83 -36.06
C GLY C 82 -27.78 5.52 -34.83
N ILE C 83 -27.78 4.82 -33.70
CA ILE C 83 -28.48 5.20 -32.49
C ILE C 83 -27.60 5.03 -31.25
N LYS C 84 -27.50 6.03 -30.41
CA LYS C 84 -26.82 5.84 -29.14
C LYS C 84 -27.82 5.25 -28.13
N LEU C 85 -27.41 4.16 -27.49
CA LEU C 85 -28.24 3.45 -26.53
C LEU C 85 -27.67 3.54 -25.11
N SER C 86 -28.33 4.35 -24.26
CA SER C 86 -27.95 4.51 -22.83
C SER C 86 -28.81 3.57 -21.98
N PHE C 87 -28.97 3.83 -20.70
CA PHE C 87 -29.91 3.10 -19.87
C PHE C 87 -31.30 3.69 -19.91
N MET C 88 -31.38 5.00 -20.16
CA MET C 88 -32.68 5.69 -20.12
C MET C 88 -33.78 5.01 -20.92
N PRO C 89 -33.49 4.49 -22.12
CA PRO C 89 -34.59 3.77 -22.77
C PRO C 89 -35.11 2.59 -21.94
N PHE C 90 -34.21 1.83 -21.32
CA PHE C 90 -34.67 0.81 -20.41
C PHE C 90 -35.49 1.39 -19.26
N PHE C 91 -35.01 2.46 -18.63
CA PHE C 91 -35.71 3.03 -17.49
C PHE C 91 -37.08 3.46 -17.92
N LEU C 92 -37.13 4.10 -19.10
CA LEU C 92 -38.38 4.69 -19.57
C LEU C 92 -39.38 3.58 -19.78
N LYS C 93 -38.98 2.56 -20.52
CA LYS C 93 -39.98 1.50 -20.90
C LYS C 93 -40.47 0.76 -19.65
N ALA C 94 -39.54 0.57 -18.70
CA ALA C 94 -39.91 0.00 -17.40
C ALA C 94 -40.90 0.89 -16.63
N ALA C 95 -40.74 2.20 -16.72
CA ALA C 95 -41.63 3.12 -16.02
C ALA C 95 -42.99 3.05 -16.65
N SER C 96 -43.03 3.03 -17.96
CA SER C 96 -44.30 2.91 -18.66
C SER C 96 -45.07 1.66 -18.25
N LEU C 97 -44.38 0.51 -18.23
CA LEU C 97 -45.03 -0.75 -17.84
C LEU C 97 -45.57 -0.67 -16.41
N GLY C 98 -44.78 -0.11 -15.53
CA GLY C 98 -45.24 0.20 -14.17
C GLY C 98 -46.48 1.07 -14.13
N LEU C 99 -46.55 2.08 -15.02
CA LEU C 99 -47.62 3.06 -14.96
C LEU C 99 -48.90 2.40 -15.42
N LEU C 100 -48.76 1.39 -16.27
CA LEU C 100 -49.90 0.63 -16.71
C LEU C 100 -50.53 -0.06 -15.51
N GLN C 101 -49.71 -0.56 -14.56
CA GLN C 101 -50.25 -1.16 -13.32
C GLN C 101 -50.68 -0.12 -12.24
N PHE C 102 -50.03 1.03 -12.25
CA PHE C 102 -50.35 2.08 -11.27
C PHE C 102 -50.72 3.40 -11.94
N PRO C 103 -51.88 3.43 -12.63
CA PRO C 103 -52.14 4.58 -13.50
C PRO C 103 -52.24 5.88 -12.73
N ILE C 104 -52.54 5.81 -11.43
CA ILE C 104 -52.65 7.02 -10.62
C ILE C 104 -51.37 7.88 -10.60
N LEU C 105 -50.23 7.30 -10.96
CA LEU C 105 -48.93 7.99 -10.95
C LEU C 105 -48.72 8.79 -12.25
N ASN C 106 -49.60 8.50 -13.22
CA ASN C 106 -49.69 9.23 -14.48
C ASN C 106 -51.02 10.05 -14.55
N ALA C 107 -51.17 11.00 -13.64
CA ALA C 107 -52.46 11.58 -13.45
C ALA C 107 -52.21 13.02 -13.08
N SER C 108 -53.25 13.87 -13.14
CA SER C 108 -53.22 15.22 -12.58
C SER C 108 -54.35 15.42 -11.59
N VAL C 109 -54.19 16.43 -10.75
CA VAL C 109 -55.28 16.90 -9.89
C VAL C 109 -55.52 18.35 -10.18
N ASP C 110 -56.70 18.85 -9.82
CA ASP C 110 -57.10 20.24 -10.15
C ASP C 110 -56.63 21.20 -9.04
N GLU C 111 -56.96 22.51 -9.15
CA GLU C 111 -56.50 23.51 -8.13
C GLU C 111 -56.69 23.01 -6.70
N ASN C 112 -57.92 22.70 -6.30
CA ASN C 112 -58.15 22.38 -4.87
C ASN C 112 -58.01 20.89 -4.56
N CYS C 113 -57.56 20.15 -5.57
CA CYS C 113 -57.35 18.71 -5.44
C CYS C 113 -58.68 17.97 -5.17
N GLN C 114 -59.65 18.23 -6.02
CA GLN C 114 -60.89 17.50 -5.87
C GLN C 114 -61.23 16.53 -7.00
N ASN C 115 -60.39 16.43 -8.01
CA ASN C 115 -60.67 15.56 -9.11
C ASN C 115 -59.39 15.05 -9.67
N ILE C 116 -59.34 13.79 -10.00
CA ILE C 116 -58.14 13.20 -10.60
C ILE C 116 -58.40 12.99 -12.07
N THR C 117 -57.41 13.29 -12.92
CA THR C 117 -57.49 12.94 -14.31
C THR C 117 -56.35 11.96 -14.56
N TYR C 118 -56.77 10.72 -14.86
CA TYR C 118 -55.88 9.60 -15.21
C TYR C 118 -55.61 9.78 -16.67
N LYS C 119 -54.34 9.97 -16.99
CA LYS C 119 -53.94 10.32 -18.33
C LYS C 119 -53.54 9.06 -19.05
N ALA C 120 -54.00 8.90 -20.28
CA ALA C 120 -53.80 7.62 -20.94
C ALA C 120 -52.44 7.53 -21.62
N SER C 121 -51.94 8.65 -22.11
CA SER C 121 -50.68 8.68 -22.80
C SER C 121 -49.55 8.77 -21.78
N HIS C 122 -48.51 7.95 -21.93
CA HIS C 122 -47.33 8.11 -21.08
C HIS C 122 -46.35 9.03 -21.76
N ASN C 123 -46.48 10.34 -21.60
CA ASN C 123 -45.52 11.26 -22.17
C ASN C 123 -44.52 11.54 -21.10
N ILE C 124 -43.44 10.78 -21.09
CA ILE C 124 -42.51 10.83 -20.00
C ILE C 124 -41.45 11.86 -20.24
N GLY C 125 -41.42 12.84 -19.32
CA GLY C 125 -40.45 13.96 -19.37
C GLY C 125 -39.04 13.48 -19.07
N ILE C 126 -38.09 14.12 -19.73
CA ILE C 126 -36.69 13.81 -19.54
C ILE C 126 -36.01 15.08 -19.09
N ALA C 127 -35.57 15.12 -17.84
CA ALA C 127 -34.99 16.39 -17.37
C ALA C 127 -33.63 16.47 -18.01
N MET C 128 -33.44 17.59 -18.68
CA MET C 128 -32.30 17.75 -19.55
C MET C 128 -31.47 19.01 -19.24
N ASP C 129 -30.19 18.74 -19.03
CA ASP C 129 -29.17 19.75 -18.78
C ASP C 129 -28.59 20.21 -20.14
N THR C 130 -28.63 21.53 -20.37
CA THR C 130 -28.16 22.11 -21.60
C THR C 130 -27.32 23.29 -21.18
N GLU C 131 -26.73 23.98 -22.15
CA GLU C 131 -26.02 25.19 -21.81
C GLU C 131 -26.92 26.31 -21.28
N GLN C 132 -28.24 26.18 -21.35
CA GLN C 132 -29.10 27.33 -21.02
C GLN C 132 -30.19 27.26 -19.89
N GLY C 133 -29.90 26.71 -18.68
CA GLY C 133 -29.49 25.28 -18.53
C GLY C 133 -30.67 24.26 -18.57
N LEU C 134 -31.58 24.27 -17.57
CA LEU C 134 -32.60 23.18 -17.41
C LEU C 134 -33.85 23.19 -18.29
N ILE C 135 -34.03 22.10 -19.05
CA ILE C 135 -35.20 21.93 -19.91
C ILE C 135 -35.71 20.48 -19.84
N VAL C 136 -37.03 20.33 -19.95
CA VAL C 136 -37.68 19.03 -19.81
C VAL C 136 -38.58 18.66 -20.97
N PRO C 137 -38.00 18.14 -22.06
CA PRO C 137 -38.91 17.64 -23.09
C PRO C 137 -39.36 16.25 -22.71
N ASN C 138 -40.28 15.67 -23.47
CA ASN C 138 -40.79 14.30 -23.19
C ASN C 138 -40.95 13.42 -24.43
N VAL C 139 -40.90 12.13 -24.22
CA VAL C 139 -41.09 11.19 -25.28
C VAL C 139 -42.56 10.85 -25.23
N LYS C 140 -43.33 11.18 -26.25
CA LYS C 140 -44.76 10.89 -26.28
C LYS C 140 -45.04 9.39 -26.27
N ASN C 141 -46.21 8.99 -25.79
CA ASN C 141 -46.72 7.64 -25.91
C ASN C 141 -45.71 6.48 -25.79
N VAL C 142 -44.91 6.53 -24.71
CA VAL C 142 -43.94 5.47 -24.47
C VAL C 142 -44.66 4.13 -24.49
N GLN C 143 -45.87 4.09 -23.96
CA GLN C 143 -46.57 2.82 -23.82
C GLN C 143 -46.76 2.15 -25.17
N ILE C 144 -46.67 2.89 -26.29
CA ILE C 144 -46.73 2.22 -27.58
C ILE C 144 -45.39 1.99 -28.29
N ARG C 145 -44.26 2.26 -27.63
CA ARG C 145 -42.97 2.31 -28.32
C ARG C 145 -41.99 1.21 -27.83
N SER C 146 -41.12 0.72 -28.70
CA SER C 146 -40.11 -0.24 -28.26
C SER C 146 -38.96 0.49 -27.58
N ILE C 147 -38.17 -0.21 -26.81
CA ILE C 147 -36.92 0.35 -26.33
C ILE C 147 -36.13 1.02 -27.44
N PHE C 148 -36.05 0.40 -28.60
CA PHE C 148 -35.32 1.03 -29.70
C PHE C 148 -35.95 2.36 -30.16
N GLU C 149 -37.27 2.38 -30.29
CA GLU C 149 -37.93 3.63 -30.66
C GLU C 149 -37.73 4.73 -29.63
N ILE C 150 -37.78 4.36 -28.34
CA ILE C 150 -37.50 5.30 -27.25
C ILE C 150 -36.08 5.80 -27.37
N ALA C 151 -35.11 4.93 -27.64
CA ALA C 151 -33.74 5.39 -27.87
C ALA C 151 -33.73 6.43 -28.99
N THR C 152 -34.42 6.14 -30.08
CA THR C 152 -34.42 7.04 -31.24
C THR C 152 -34.99 8.43 -30.90
N GLU C 153 -36.06 8.45 -30.13
CA GLU C 153 -36.70 9.71 -29.82
C GLU C 153 -35.84 10.49 -28.78
N LEU C 154 -35.25 9.74 -27.85
CA LEU C 154 -34.27 10.31 -26.93
C LEU C 154 -33.07 11.01 -27.62
N ASN C 155 -32.38 10.31 -28.53
CA ASN C 155 -31.34 10.92 -29.38
C ASN C 155 -31.74 12.21 -30.09
N ARG C 156 -32.92 12.17 -30.72
CA ARG C 156 -33.52 13.32 -31.37
C ARG C 156 -33.66 14.44 -30.33
N LEU C 157 -34.34 14.18 -29.21
CA LEU C 157 -34.43 15.23 -28.21
C LEU C 157 -33.06 15.75 -27.72
N GLN C 158 -32.06 14.86 -27.54
CA GLN C 158 -30.72 15.30 -27.11
C GLN C 158 -30.09 16.18 -28.23
N LYS C 159 -30.25 15.74 -29.46
CA LYS C 159 -29.74 16.58 -30.52
C LYS C 159 -30.36 17.99 -30.51
N LEU C 160 -31.68 18.08 -30.52
CA LEU C 160 -32.33 19.38 -30.51
C LEU C 160 -32.04 20.15 -29.23
N GLY C 161 -31.85 19.41 -28.13
CA GLY C 161 -31.68 19.96 -26.80
C GLY C 161 -30.40 20.75 -26.64
N SER C 162 -29.32 20.17 -27.12
CA SER C 162 -28.04 20.79 -26.95
C SER C 162 -27.76 21.77 -28.07
N ALA C 163 -28.69 21.94 -28.99
CA ALA C 163 -28.55 23.00 -29.99
C ALA C 163 -29.53 24.11 -29.69
N GLY C 164 -30.35 23.98 -28.65
CA GLY C 164 -31.32 25.01 -28.35
C GLY C 164 -32.53 25.04 -29.29
N GLN C 165 -32.77 23.95 -30.00
CA GLN C 165 -33.80 23.97 -31.04
C GLN C 165 -34.99 23.05 -30.78
N LEU C 166 -35.23 22.69 -29.52
CA LEU C 166 -36.42 21.91 -29.18
C LEU C 166 -37.64 22.69 -29.53
N SER C 167 -38.64 22.04 -30.09
CA SER C 167 -39.86 22.78 -30.46
C SER C 167 -40.85 22.88 -29.28
N THR C 168 -41.93 23.61 -29.47
CA THR C 168 -42.97 23.73 -28.50
C THR C 168 -43.51 22.36 -28.16
N ASN C 169 -43.88 21.58 -29.18
CA ASN C 169 -44.51 20.27 -28.96
C ASN C 169 -43.70 19.31 -28.12
N ASP C 170 -42.38 19.38 -28.21
CA ASP C 170 -41.54 18.46 -27.49
C ASP C 170 -41.56 18.77 -25.99
N LEU C 171 -42.03 19.97 -25.66
CA LEU C 171 -42.03 20.52 -24.30
C LEU C 171 -43.37 20.45 -23.55
N ILE C 172 -44.47 20.34 -24.27
CA ILE C 172 -45.74 20.28 -23.59
C ILE C 172 -46.25 18.85 -23.50
N GLY C 173 -47.24 18.65 -22.64
CA GLY C 173 -47.96 17.40 -22.60
C GLY C 173 -47.38 16.37 -21.65
N GLY C 174 -46.34 16.73 -20.87
CA GLY C 174 -45.68 15.78 -19.94
C GLY C 174 -46.63 15.11 -18.95
N THR C 175 -46.51 13.80 -18.71
CA THR C 175 -47.42 13.18 -17.72
C THR C 175 -46.69 12.70 -16.53
N PHE C 176 -45.36 12.63 -16.64
CA PHE C 176 -44.52 11.98 -15.62
C PHE C 176 -43.07 12.29 -15.96
N THR C 177 -42.19 12.32 -14.97
CA THR C 177 -40.83 12.68 -15.28
C THR C 177 -39.77 11.82 -14.65
N LEU C 178 -38.74 11.54 -15.44
CA LEU C 178 -37.52 10.97 -14.90
C LEU C 178 -36.34 11.93 -14.96
N SER C 179 -35.54 11.96 -13.90
CA SER C 179 -34.41 12.83 -13.85
C SER C 179 -33.10 12.08 -13.67
N ASN C 180 -32.38 11.88 -14.78
CA ASN C 180 -31.14 11.15 -14.74
C ASN C 180 -29.99 11.98 -14.22
N ILE C 181 -30.10 12.46 -12.99
CA ILE C 181 -28.97 13.24 -12.46
C ILE C 181 -27.65 12.43 -12.37
N GLY C 182 -27.78 11.11 -12.44
CA GLY C 182 -26.65 10.18 -12.35
C GLY C 182 -25.67 10.21 -13.52
N SER C 183 -26.07 10.75 -14.67
CA SER C 183 -25.15 11.01 -15.78
C SER C 183 -24.16 12.07 -15.36
N ILE C 184 -24.45 12.78 -14.27
CA ILE C 184 -23.46 13.68 -13.71
C ILE C 184 -22.99 13.26 -12.33
N GLY C 185 -23.88 12.82 -11.45
CA GLY C 185 -23.38 12.51 -10.12
C GLY C 185 -24.48 12.07 -9.21
N GLY C 186 -24.14 11.49 -8.08
CA GLY C 186 -25.07 11.39 -6.98
C GLY C 186 -25.56 10.00 -6.67
N THR C 187 -26.13 9.91 -5.46
CA THR C 187 -26.77 8.69 -5.00
C THR C 187 -28.25 9.00 -4.91
N TYR C 188 -28.69 9.57 -3.80
CA TYR C 188 -30.12 9.77 -3.55
C TYR C 188 -30.46 11.19 -3.89
N ALA C 189 -31.70 11.49 -4.18
CA ALA C 189 -32.06 12.88 -4.40
C ALA C 189 -33.41 13.15 -3.78
N LYS C 190 -33.80 14.41 -3.78
CA LYS C 190 -35.18 14.75 -3.44
C LYS C 190 -35.69 15.62 -4.59
N PRO C 191 -36.13 15.00 -5.69
CA PRO C 191 -36.54 15.79 -6.86
C PRO C 191 -37.90 16.43 -6.62
N VAL C 192 -38.18 17.51 -7.35
CA VAL C 192 -39.34 18.28 -7.19
C VAL C 192 -40.29 18.01 -8.37
N ILE C 193 -41.53 17.64 -8.05
CA ILE C 193 -42.61 17.42 -9.02
C ILE C 193 -42.96 18.64 -9.86
N LEU C 194 -43.02 18.41 -11.17
CA LEU C 194 -43.44 19.37 -12.18
C LEU C 194 -44.94 19.43 -12.32
N PRO C 195 -45.59 20.46 -11.79
CA PRO C 195 -47.06 20.55 -11.99
C PRO C 195 -47.38 20.68 -13.48
N PRO C 196 -48.50 20.11 -13.94
CA PRO C 196 -49.51 19.42 -13.13
C PRO C 196 -49.27 17.89 -13.02
N GLU C 197 -48.04 17.45 -13.15
CA GLU C 197 -47.75 16.03 -12.90
C GLU C 197 -47.87 15.71 -11.41
N VAL C 198 -47.88 14.42 -11.03
CA VAL C 198 -47.98 14.00 -9.60
C VAL C 198 -46.81 13.15 -9.07
N ALA C 199 -45.89 12.80 -9.96
CA ALA C 199 -44.74 12.05 -9.51
C ALA C 199 -43.55 12.34 -10.40
N ILE C 200 -42.34 11.97 -9.89
CA ILE C 200 -41.04 12.15 -10.59
C ILE C 200 -40.00 11.22 -9.96
N GLY C 201 -39.15 10.62 -10.79
CA GLY C 201 -38.04 9.79 -10.27
C GLY C 201 -36.68 10.39 -10.59
N ALA C 202 -35.74 10.34 -9.65
CA ALA C 202 -34.39 10.69 -9.95
C ALA C 202 -33.50 9.45 -9.85
N LEU C 203 -32.57 9.31 -10.79
CA LEU C 203 -31.59 8.18 -10.83
C LEU C 203 -30.20 8.65 -10.53
N GLY C 204 -29.55 8.05 -9.54
CA GLY C 204 -28.16 8.38 -9.22
C GLY C 204 -27.20 7.64 -10.13
N THR C 205 -25.90 7.76 -9.87
CA THR C 205 -24.86 7.17 -10.70
C THR C 205 -24.72 5.69 -10.41
N ILE C 206 -24.64 4.89 -11.47
CA ILE C 206 -24.42 3.47 -11.36
C ILE C 206 -22.98 3.24 -10.89
N LYS C 207 -22.80 2.60 -9.74
CA LYS C 207 -21.51 2.51 -9.07
C LYS C 207 -21.33 1.02 -8.67
N ALA C 208 -20.10 0.51 -8.71
CA ALA C 208 -19.86 -0.90 -8.36
C ALA C 208 -19.72 -1.00 -6.87
N LEU C 209 -20.54 -1.82 -6.22
CA LEU C 209 -20.47 -2.03 -4.76
C LEU C 209 -20.34 -3.53 -4.36
N PRO C 210 -19.63 -3.82 -3.24
CA PRO C 210 -19.63 -5.19 -2.73
C PRO C 210 -21.04 -5.58 -2.33
N ARG C 211 -21.59 -6.64 -2.94
CA ARG C 211 -22.91 -7.16 -2.53
C ARG C 211 -22.94 -8.69 -2.50
N PHE C 212 -23.82 -9.24 -1.68
CA PHE C 212 -24.01 -10.68 -1.61
C PHE C 212 -24.84 -11.25 -2.79
N ASN C 213 -24.35 -12.34 -3.36
CA ASN C 213 -25.16 -13.16 -4.25
C ASN C 213 -25.96 -14.21 -3.45
N GLU C 214 -26.84 -14.95 -4.12
CA GLU C 214 -27.66 -15.97 -3.43
C GLU C 214 -26.79 -16.92 -2.60
N LYS C 215 -25.63 -17.29 -3.14
CA LYS C 215 -24.67 -18.18 -2.45
C LYS C 215 -23.97 -17.60 -1.20
N GLY C 216 -24.23 -16.34 -0.87
CA GLY C 216 -23.66 -15.71 0.32
C GLY C 216 -22.24 -15.18 0.15
N GLU C 217 -21.80 -15.10 -1.12
CA GLU C 217 -20.48 -14.59 -1.48
C GLU C 217 -20.52 -13.11 -1.91
N VAL C 218 -19.43 -12.42 -1.64
CA VAL C 218 -19.30 -11.04 -1.95
C VAL C 218 -18.98 -10.83 -3.42
N CYS C 219 -19.96 -10.34 -4.19
CA CYS C 219 -19.83 -9.98 -5.61
C CYS C 219 -19.69 -8.51 -5.90
N LYS C 220 -19.29 -8.25 -7.13
CA LYS C 220 -19.25 -6.92 -7.73
C LYS C 220 -20.66 -6.70 -8.24
N ALA C 221 -21.37 -5.77 -7.61
CA ALA C 221 -22.70 -5.44 -8.07
C ALA C 221 -22.80 -3.95 -8.50
N GLN C 222 -23.35 -3.76 -9.68
CA GLN C 222 -23.62 -2.46 -10.27
C GLN C 222 -24.89 -1.88 -9.67
N ILE C 223 -24.74 -1.08 -8.63
CA ILE C 223 -25.87 -0.46 -7.92
C ILE C 223 -26.27 0.96 -8.43
N MET C 224 -27.55 1.21 -8.62
CA MET C 224 -28.04 2.54 -8.85
C MET C 224 -29.08 2.87 -7.78
N ASN C 225 -29.03 4.10 -7.27
CA ASN C 225 -30.14 4.61 -6.47
C ASN C 225 -31.22 5.32 -7.28
N VAL C 226 -32.46 5.14 -6.85
CA VAL C 226 -33.58 5.91 -7.32
C VAL C 226 -34.28 6.54 -6.12
N SER C 227 -34.82 7.74 -6.37
CA SER C 227 -35.56 8.52 -5.39
C SER C 227 -36.81 8.99 -6.10
N TRP C 228 -37.99 8.66 -5.55
CA TRP C 228 -39.25 9.09 -6.14
C TRP C 228 -39.91 10.12 -5.25
N SER C 229 -40.65 11.04 -5.86
CA SER C 229 -41.43 12.03 -5.16
C SER C 229 -42.81 11.96 -5.73
N ALA C 230 -43.81 12.10 -4.88
CA ALA C 230 -45.16 11.91 -5.34
C ALA C 230 -45.99 12.79 -4.47
N ASP C 231 -47.09 13.22 -5.06
CA ASP C 231 -48.05 14.11 -4.48
C ASP C 231 -48.85 13.34 -3.46
N HIS C 232 -48.52 13.52 -2.20
CA HIS C 232 -49.11 12.77 -1.13
C HIS C 232 -50.62 13.07 -0.94
N ARG C 233 -51.18 14.09 -1.58
CA ARG C 233 -52.62 14.32 -1.41
C ARG C 233 -53.47 13.13 -1.90
N ILE C 234 -52.98 12.48 -2.96
CA ILE C 234 -53.72 11.39 -3.62
C ILE C 234 -52.89 10.09 -3.80
N ILE C 235 -51.62 10.11 -3.43
CA ILE C 235 -50.73 8.97 -3.67
C ILE C 235 -50.06 8.61 -2.37
N ASP C 236 -50.34 7.40 -1.91
CA ASP C 236 -49.80 6.86 -0.65
C ASP C 236 -48.48 6.15 -0.88
N GLY C 237 -47.82 5.76 0.20
CA GLY C 237 -46.49 5.15 0.12
C GLY C 237 -46.46 3.74 -0.40
N ALA C 238 -47.50 2.97 -0.06
CA ALA C 238 -47.67 1.63 -0.63
C ALA C 238 -47.67 1.67 -2.15
N THR C 239 -48.36 2.63 -2.75
CA THR C 239 -48.51 2.66 -4.20
C THR C 239 -47.19 2.97 -4.83
N VAL C 240 -46.47 3.97 -4.32
CA VAL C 240 -45.20 4.17 -4.88
C VAL C 240 -44.24 3.04 -4.53
N SER C 241 -44.28 2.48 -3.35
CA SER C 241 -43.35 1.38 -3.14
C SER C 241 -43.61 0.21 -4.11
N ARG C 242 -44.88 -0.02 -4.44
CA ARG C 242 -45.18 -1.14 -5.31
C ARG C 242 -44.79 -0.82 -6.75
N PHE C 243 -45.07 0.40 -7.18
CA PHE C 243 -44.66 0.80 -8.47
C PHE C 243 -43.14 0.62 -8.52
N SER C 244 -42.44 0.96 -7.45
CA SER C 244 -41.03 1.01 -7.52
C SER C 244 -40.51 -0.41 -7.66
N ASN C 245 -41.00 -1.32 -6.82
CA ASN C 245 -40.70 -2.77 -6.91
C ASN C 245 -40.96 -3.37 -8.28
N LEU C 246 -42.01 -2.95 -8.94
CA LEU C 246 -42.29 -3.52 -10.27
C LEU C 246 -41.25 -3.00 -11.31
N TRP C 247 -40.96 -1.71 -11.22
CA TRP C 247 -40.06 -1.04 -12.14
C TRP C 247 -38.70 -1.72 -11.98
N LYS C 248 -38.34 -1.86 -10.72
CA LYS C 248 -37.12 -2.40 -10.28
C LYS C 248 -37.03 -3.86 -10.65
N SER C 249 -38.12 -4.58 -10.54
CA SER C 249 -38.02 -5.99 -10.85
C SER C 249 -37.77 -6.13 -12.35
N TYR C 250 -38.29 -5.17 -13.14
CA TYR C 250 -38.07 -5.17 -14.60
C TYR C 250 -36.61 -4.88 -14.94
N LEU C 251 -35.97 -4.04 -14.16
CA LEU C 251 -34.60 -3.73 -14.51
C LEU C 251 -33.62 -4.75 -13.95
N GLU C 252 -33.91 -5.28 -12.75
CA GLU C 252 -33.09 -6.32 -12.13
C GLU C 252 -33.16 -7.62 -12.94
N ASN C 253 -34.29 -7.88 -13.62
CA ASN C 253 -34.47 -9.09 -14.45
C ASN C 253 -35.11 -8.67 -15.78
N PRO C 254 -34.32 -8.12 -16.71
CA PRO C 254 -34.85 -7.65 -18.02
C PRO C 254 -35.72 -8.66 -18.77
N ALA C 255 -35.49 -9.93 -18.46
CA ALA C 255 -36.26 -11.04 -18.96
C ALA C 255 -37.72 -10.80 -18.78
N PHE C 256 -38.08 -10.45 -17.53
CA PHE C 256 -39.45 -10.26 -17.12
C PHE C 256 -40.13 -9.26 -18.03
N MET C 257 -39.38 -8.33 -18.62
CA MET C 257 -39.98 -7.39 -19.54
C MET C 257 -40.38 -8.09 -20.82
N LEU C 258 -39.61 -9.11 -21.20
CA LEU C 258 -39.88 -9.88 -22.40
C LEU C 258 -41.29 -10.39 -22.39
N LEU C 259 -41.66 -10.90 -21.22
CA LEU C 259 -42.86 -11.67 -21.07
C LEU C 259 -44.07 -11.03 -21.79
N ASP C 260 -44.33 -9.75 -21.54
CA ASP C 260 -45.59 -9.16 -21.97
C ASP C 260 -45.59 -8.20 -23.15
N LEU C 261 -44.41 -8.00 -23.76
CA LEU C 261 -44.29 -7.12 -24.90
C LEU C 261 -44.56 -7.81 -26.23
N LYS C 262 -44.96 -7.03 -27.22
CA LYS C 262 -45.53 -7.49 -28.49
C LYS C 262 -44.74 -7.05 -29.77
N GLY D 29 53.29 18.16 25.09
CA GLY D 29 53.42 19.60 25.44
C GLY D 29 54.59 20.35 24.79
N LYS D 30 54.45 20.65 23.48
CA LYS D 30 55.11 21.81 22.83
C LYS D 30 55.06 21.84 21.28
N ASP D 31 54.81 23.02 20.75
CA ASP D 31 54.57 23.19 19.32
C ASP D 31 55.86 23.40 18.55
N ARG D 32 55.87 22.99 17.29
CA ARG D 32 57.05 23.13 16.46
C ARG D 32 56.72 23.98 15.21
N THR D 33 57.52 25.03 14.99
CA THR D 33 57.46 25.83 13.77
C THR D 33 58.54 25.44 12.74
N GLU D 34 58.15 25.36 11.47
CA GLU D 34 59.17 25.20 10.42
C GLU D 34 58.78 25.67 9.02
N PRO D 35 59.79 26.11 8.22
CA PRO D 35 59.60 26.59 6.86
C PRO D 35 58.99 25.54 5.98
N VAL D 36 58.04 25.95 5.16
CA VAL D 36 57.53 25.16 4.06
C VAL D 36 58.71 25.11 3.12
N LYS D 37 59.27 23.94 2.92
CA LYS D 37 60.48 23.93 2.15
C LYS D 37 60.40 23.23 0.79
N GLY D 38 61.39 23.58 -0.05
CA GLY D 38 61.73 22.83 -1.21
C GLY D 38 60.56 22.65 -2.11
N PHE D 39 60.28 21.40 -2.45
CA PHE D 39 59.31 21.24 -3.47
C PHE D 39 57.85 21.47 -3.06
N HIS D 40 57.65 21.75 -1.76
CA HIS D 40 56.32 22.04 -1.22
C HIS D 40 55.89 23.46 -1.51
N LYS D 41 56.83 24.32 -1.92
CA LYS D 41 56.49 25.67 -2.34
C LYS D 41 55.56 25.65 -3.56
N ALA D 42 55.68 24.59 -4.35
CA ALA D 42 54.99 24.50 -5.61
C ALA D 42 53.48 24.47 -5.39
N MET D 43 53.08 23.70 -4.38
CA MET D 43 51.70 23.53 -4.09
C MET D 43 51.18 24.82 -3.52
N VAL D 44 51.95 25.45 -2.64
CA VAL D 44 51.53 26.74 -2.12
C VAL D 44 51.19 27.70 -3.32
N LYS D 45 52.12 27.82 -4.27
CA LYS D 45 51.92 28.70 -5.38
C LYS D 45 50.71 28.35 -6.25
N THR D 46 50.68 27.11 -6.74
CA THR D 46 49.57 26.62 -7.57
C THR D 46 48.18 26.80 -6.90
N MET D 47 48.07 26.46 -5.62
CA MET D 47 46.75 26.55 -4.98
C MET D 47 46.40 27.98 -4.66
N SER D 48 47.38 28.80 -4.32
CA SER D 48 47.12 30.19 -4.20
C SER D 48 46.55 30.71 -5.51
N ALA D 49 47.07 30.27 -6.65
CA ALA D 49 46.60 30.90 -7.88
C ALA D 49 45.21 30.39 -8.20
N ALA D 50 44.89 29.18 -7.75
CA ALA D 50 43.55 28.68 -8.02
C ALA D 50 42.47 29.48 -7.32
N LEU D 51 42.83 30.24 -6.29
CA LEU D 51 41.87 31.18 -5.72
C LEU D 51 41.26 32.12 -6.73
N LYS D 52 41.92 32.41 -7.83
CA LYS D 52 41.37 33.38 -8.77
C LYS D 52 40.19 32.87 -9.58
N ILE D 53 39.91 31.57 -9.45
CA ILE D 53 38.92 30.86 -10.25
C ILE D 53 37.69 30.55 -9.46
N PRO D 54 36.54 31.05 -9.89
CA PRO D 54 35.26 30.68 -9.23
C PRO D 54 34.90 29.25 -9.62
N HIS D 55 34.94 28.36 -8.64
CA HIS D 55 34.80 26.94 -8.87
C HIS D 55 33.33 26.61 -8.81
N PHE D 56 32.80 25.88 -9.81
CA PHE D 56 31.46 25.28 -9.75
C PHE D 56 31.70 23.77 -9.63
N GLY D 57 30.97 23.09 -8.76
CA GLY D 57 31.14 21.65 -8.62
C GLY D 57 29.87 20.98 -9.03
N TYR D 58 30.00 19.84 -9.69
CA TYR D 58 28.89 19.06 -10.18
C TYR D 58 29.31 17.61 -10.01
N CYS D 59 28.44 16.81 -9.40
CA CYS D 59 28.80 15.42 -9.06
C CYS D 59 27.79 14.47 -9.62
N ASP D 60 28.17 13.22 -9.71
CA ASP D 60 27.24 12.21 -10.02
C ASP D 60 27.75 10.90 -9.49
N GLU D 61 26.90 9.90 -9.74
CA GLU D 61 27.08 8.50 -9.40
C GLU D 61 27.14 7.81 -10.72
N VAL D 62 28.12 6.93 -10.87
CA VAL D 62 28.30 6.17 -12.10
C VAL D 62 28.35 4.66 -11.82
N ASP D 63 27.61 3.87 -12.62
CA ASP D 63 27.50 2.44 -12.41
C ASP D 63 28.54 1.66 -13.21
N LEU D 64 29.53 1.12 -12.51
CA LEU D 64 30.68 0.51 -13.18
C LEU D 64 30.64 -0.99 -13.19
N THR D 65 29.44 -1.53 -13.07
CA THR D 65 29.25 -2.97 -12.93
C THR D 65 29.74 -3.63 -14.20
N GLU D 66 29.22 -3.21 -15.35
CA GLU D 66 29.75 -3.62 -16.64
C GLU D 66 31.28 -3.41 -16.79
N LEU D 67 31.81 -2.27 -16.33
CA LEU D 67 33.24 -2.02 -16.56
C LEU D 67 34.15 -2.87 -15.66
N VAL D 68 33.70 -3.16 -14.43
CA VAL D 68 34.44 -4.04 -13.53
C VAL D 68 34.64 -5.43 -14.13
N LYS D 69 33.63 -5.90 -14.84
CA LYS D 69 33.63 -7.23 -15.42
C LYS D 69 34.60 -7.20 -16.60
N LEU D 70 34.36 -6.24 -17.47
CA LEU D 70 35.21 -6.02 -18.59
C LEU D 70 36.70 -5.91 -18.23
N ARG D 71 37.03 -5.21 -17.14
CA ARG D 71 38.43 -5.09 -16.76
C ARG D 71 38.95 -6.39 -16.20
N GLU D 72 38.12 -7.10 -15.46
CA GLU D 72 38.47 -8.45 -15.03
C GLU D 72 38.88 -9.33 -16.22
N GLU D 73 38.07 -9.29 -17.28
CA GLU D 73 38.37 -10.15 -18.41
C GLU D 73 39.58 -9.74 -19.25
N LEU D 74 39.95 -8.47 -19.16
CA LEU D 74 41.16 -7.92 -19.80
C LEU D 74 42.45 -8.03 -18.98
N LYS D 75 42.35 -8.34 -17.68
CA LYS D 75 43.52 -8.40 -16.79
C LYS D 75 44.56 -9.38 -17.31
N PRO D 76 44.16 -10.60 -17.64
CA PRO D 76 45.19 -11.54 -18.15
C PRO D 76 45.93 -11.06 -19.43
N ILE D 77 45.22 -10.43 -20.35
CA ILE D 77 45.83 -9.97 -21.60
C ILE D 77 46.81 -8.83 -21.31
N ALA D 78 46.52 -8.06 -20.27
CA ALA D 78 47.42 -7.01 -19.82
C ALA D 78 48.64 -7.57 -19.13
N PHE D 79 48.46 -8.41 -18.12
CA PHE D 79 49.59 -8.97 -17.42
C PHE D 79 50.53 -9.56 -18.49
N ALA D 80 50.00 -10.41 -19.35
CA ALA D 80 50.80 -11.06 -20.40
C ALA D 80 51.58 -10.10 -21.31
N ARG D 81 51.12 -8.86 -21.38
CA ARG D 81 51.86 -7.87 -22.16
C ARG D 81 52.84 -7.01 -21.31
N GLY D 82 52.97 -7.34 -20.01
CA GLY D 82 53.89 -6.67 -19.07
C GLY D 82 53.36 -5.37 -18.47
N ILE D 83 52.03 -5.25 -18.40
CA ILE D 83 51.30 -4.01 -18.09
C ILE D 83 50.27 -4.19 -16.96
N LYS D 84 50.30 -3.34 -15.94
CA LYS D 84 49.23 -3.36 -14.93
C LYS D 84 48.08 -2.46 -15.40
N LEU D 85 46.90 -3.05 -15.53
CA LEU D 85 45.71 -2.31 -16.00
C LEU D 85 44.72 -1.98 -14.88
N SER D 86 44.66 -0.71 -14.50
CA SER D 86 43.63 -0.21 -13.57
C SER D 86 42.41 0.30 -14.34
N PHE D 87 41.50 0.99 -13.68
CA PHE D 87 40.43 1.68 -14.38
C PHE D 87 40.83 2.97 -15.04
N MET D 88 41.93 3.56 -14.60
CA MET D 88 42.30 4.89 -15.09
C MET D 88 42.34 4.98 -16.61
N PRO D 89 42.98 4.00 -17.28
CA PRO D 89 42.99 4.11 -18.75
C PRO D 89 41.59 4.26 -19.29
N PHE D 90 40.63 3.53 -18.72
CA PHE D 90 39.24 3.70 -19.18
C PHE D 90 38.69 5.07 -18.85
N PHE D 91 39.01 5.58 -17.68
CA PHE D 91 38.52 6.89 -17.32
C PHE D 91 39.14 7.90 -18.26
N LEU D 92 40.44 7.76 -18.52
CA LEU D 92 41.11 8.70 -19.39
C LEU D 92 40.54 8.68 -20.82
N LYS D 93 40.40 7.49 -21.37
CA LYS D 93 39.92 7.41 -22.72
C LYS D 93 38.52 8.08 -22.84
N ALA D 94 37.64 7.80 -21.87
CA ALA D 94 36.27 8.33 -21.89
C ALA D 94 36.27 9.86 -21.75
N ALA D 95 37.14 10.36 -20.87
CA ALA D 95 37.36 11.78 -20.71
C ALA D 95 37.80 12.40 -22.03
N SER D 96 38.79 11.80 -22.69
CA SER D 96 39.25 12.36 -23.96
C SER D 96 38.14 12.43 -24.99
N LEU D 97 37.41 11.32 -25.19
CA LEU D 97 36.23 11.35 -26.07
C LEU D 97 35.20 12.43 -25.69
N GLY D 98 34.97 12.62 -24.39
CA GLY D 98 34.06 13.68 -23.93
C GLY D 98 34.55 15.05 -24.31
N LEU D 99 35.85 15.26 -24.12
CA LEU D 99 36.47 16.51 -24.45
C LEU D 99 36.36 16.83 -25.93
N LEU D 100 36.40 15.82 -26.79
CA LEU D 100 36.14 16.05 -28.23
C LEU D 100 34.78 16.71 -28.47
N GLN D 101 33.75 16.29 -27.72
CA GLN D 101 32.42 16.89 -27.84
C GLN D 101 32.37 18.22 -27.08
N PHE D 102 33.17 18.36 -26.04
CA PHE D 102 33.09 19.58 -25.21
C PHE D 102 34.46 20.19 -25.06
N PRO D 103 35.02 20.71 -26.16
CA PRO D 103 36.41 21.17 -26.20
C PRO D 103 36.74 22.36 -25.28
N ILE D 104 35.73 23.13 -24.87
CA ILE D 104 35.91 24.22 -23.95
C ILE D 104 36.40 23.78 -22.58
N LEU D 105 36.30 22.49 -22.26
CA LEU D 105 36.79 21.97 -20.97
C LEU D 105 38.27 21.68 -21.05
N ASN D 106 38.81 21.75 -22.28
CA ASN D 106 40.21 21.43 -22.46
C ASN D 106 40.87 22.67 -22.98
N ALA D 107 40.82 23.75 -22.19
CA ALA D 107 41.08 25.10 -22.66
C ALA D 107 41.68 25.93 -21.54
N SER D 108 42.06 27.18 -21.81
CA SER D 108 42.57 28.08 -20.80
C SER D 108 42.02 29.45 -21.03
N VAL D 109 42.14 30.28 -20.02
CA VAL D 109 41.76 31.66 -20.15
C VAL D 109 42.93 32.45 -19.69
N ASP D 110 43.07 33.68 -20.19
CA ASP D 110 44.16 34.57 -19.72
C ASP D 110 43.81 35.18 -18.34
N GLU D 111 44.69 36.01 -17.77
CA GLU D 111 44.49 36.49 -16.41
C GLU D 111 43.17 37.19 -16.17
N ASN D 112 42.80 38.09 -17.07
CA ASN D 112 41.51 38.77 -16.91
C ASN D 112 40.29 38.01 -17.43
N CYS D 113 40.54 36.96 -18.20
CA CYS D 113 39.50 36.12 -18.73
C CYS D 113 38.77 36.87 -19.81
N GLN D 114 39.56 37.35 -20.78
CA GLN D 114 39.01 38.02 -21.94
C GLN D 114 39.16 37.18 -23.18
N ASN D 115 40.13 36.27 -23.13
CA ASN D 115 40.41 35.39 -24.23
C ASN D 115 40.52 33.96 -23.78
N ILE D 116 39.97 33.05 -24.56
CA ILE D 116 40.13 31.66 -24.26
C ILE D 116 40.92 30.92 -25.35
N THR D 117 41.87 30.08 -24.90
CA THR D 117 42.64 29.22 -25.79
C THR D 117 42.19 27.73 -25.71
N TYR D 118 41.56 27.26 -26.77
CA TYR D 118 41.15 25.88 -26.93
C TYR D 118 42.38 25.08 -27.33
N LYS D 119 42.65 24.01 -26.62
CA LYS D 119 43.85 23.22 -26.87
C LYS D 119 43.40 21.93 -27.52
N ALA D 120 44.19 21.54 -28.53
CA ALA D 120 43.90 20.36 -29.36
C ALA D 120 44.40 19.05 -28.70
N SER D 121 45.58 19.07 -28.10
CA SER D 121 46.10 17.92 -27.37
C SER D 121 45.29 17.68 -26.11
N HIS D 122 44.94 16.43 -25.81
CA HIS D 122 44.40 16.14 -24.50
C HIS D 122 45.56 15.61 -23.66
N ASN D 123 46.35 16.48 -23.03
CA ASN D 123 47.41 16.00 -22.15
C ASN D 123 46.83 15.96 -20.76
N ILE D 124 46.32 14.79 -20.38
CA ILE D 124 45.52 14.70 -19.18
C ILE D 124 46.37 14.40 -17.99
N GLY D 125 46.32 15.28 -17.00
CA GLY D 125 47.11 15.11 -15.79
C GLY D 125 46.58 14.01 -14.89
N ILE D 126 47.51 13.30 -14.27
CA ILE D 126 47.21 12.31 -13.26
C ILE D 126 47.71 12.76 -11.91
N ALA D 127 46.79 13.14 -11.04
CA ALA D 127 47.16 13.56 -9.70
C ALA D 127 47.82 12.37 -8.99
N MET D 128 49.01 12.55 -8.49
CA MET D 128 49.74 11.37 -8.07
C MET D 128 50.33 11.57 -6.69
N ASP D 129 49.87 10.71 -5.78
CA ASP D 129 50.44 10.57 -4.42
C ASP D 129 51.88 9.99 -4.39
N THR D 130 52.84 10.75 -3.85
CA THR D 130 54.17 10.18 -3.61
C THR D 130 54.69 10.44 -2.21
N GLU D 131 55.81 9.79 -1.90
CA GLU D 131 56.68 10.07 -0.74
C GLU D 131 57.04 11.55 -0.57
N GLN D 132 57.27 12.23 -1.70
CA GLN D 132 57.58 13.67 -1.67
C GLN D 132 56.35 14.49 -1.40
N GLY D 133 55.20 13.86 -1.61
CA GLY D 133 53.93 14.55 -1.68
C GLY D 133 53.35 14.47 -3.08
N LEU D 134 52.62 15.51 -3.44
CA LEU D 134 51.75 15.48 -4.59
C LEU D 134 52.43 15.93 -5.86
N ILE D 135 52.19 15.19 -6.92
CA ILE D 135 52.79 15.46 -8.20
C ILE D 135 51.73 15.19 -9.33
N VAL D 136 51.75 15.99 -10.39
CA VAL D 136 50.74 15.90 -11.44
C VAL D 136 51.38 15.78 -12.79
N PRO D 137 51.86 14.60 -13.14
CA PRO D 137 52.31 14.48 -14.54
C PRO D 137 51.11 14.16 -15.42
N ASN D 138 51.26 14.28 -16.73
CA ASN D 138 50.16 14.01 -17.66
C ASN D 138 50.53 12.96 -18.72
N VAL D 139 49.52 12.33 -19.30
CA VAL D 139 49.67 11.44 -20.41
C VAL D 139 49.37 12.30 -21.63
N LYS D 140 50.34 12.44 -22.52
CA LYS D 140 50.20 13.26 -23.72
C LYS D 140 49.25 12.65 -24.73
N ASN D 141 48.44 13.49 -25.34
CA ASN D 141 47.71 13.18 -26.53
C ASN D 141 46.90 11.91 -26.37
N VAL D 142 46.04 11.92 -25.35
CA VAL D 142 45.30 10.76 -25.03
C VAL D 142 44.42 10.55 -26.23
N GLN D 143 44.15 11.61 -26.96
CA GLN D 143 43.14 11.50 -28.01
C GLN D 143 43.61 10.60 -29.14
N ILE D 144 44.92 10.30 -29.21
CA ILE D 144 45.41 9.42 -30.27
C ILE D 144 45.88 8.08 -29.78
N ARG D 145 45.71 7.83 -28.48
CA ARG D 145 46.29 6.65 -27.88
C ARG D 145 45.18 5.68 -27.55
N SER D 146 45.52 4.40 -27.40
CA SER D 146 44.52 3.44 -27.09
C SER D 146 44.57 3.19 -25.60
N ILE D 147 43.53 2.54 -25.09
CA ILE D 147 43.43 2.20 -23.68
C ILE D 147 44.70 1.48 -23.34
N PHE D 148 45.07 0.51 -24.18
CA PHE D 148 46.31 -0.18 -23.92
C PHE D 148 47.52 0.74 -23.84
N GLU D 149 47.67 1.70 -24.74
CA GLU D 149 48.86 2.56 -24.66
C GLU D 149 48.81 3.56 -23.47
N ILE D 150 47.59 3.95 -23.12
CA ILE D 150 47.37 4.84 -22.03
C ILE D 150 47.82 4.11 -20.77
N ALA D 151 47.37 2.85 -20.59
CA ALA D 151 47.85 2.08 -19.44
C ALA D 151 49.39 1.94 -19.43
N THR D 152 49.98 1.75 -20.62
CA THR D 152 51.43 1.63 -20.72
C THR D 152 52.09 2.91 -20.21
N GLU D 153 51.55 4.05 -20.60
CA GLU D 153 52.11 5.31 -20.19
C GLU D 153 51.87 5.65 -18.69
N LEU D 154 50.71 5.24 -18.16
CA LEU D 154 50.46 5.32 -16.73
C LEU D 154 51.50 4.59 -15.91
N ASN D 155 51.71 3.32 -16.24
CA ASN D 155 52.78 2.51 -15.66
C ASN D 155 54.14 3.19 -15.70
N ARG D 156 54.52 3.69 -16.86
CA ARG D 156 55.74 4.44 -16.96
C ARG D 156 55.75 5.57 -15.89
N LEU D 157 54.70 6.39 -15.85
CA LEU D 157 54.70 7.56 -14.96
C LEU D 157 54.67 7.19 -13.49
N GLN D 158 53.86 6.17 -13.14
CA GLN D 158 53.74 5.72 -11.74
C GLN D 158 55.10 5.31 -11.23
N LYS D 159 55.85 4.62 -12.08
CA LYS D 159 57.17 4.10 -11.74
C LYS D 159 58.17 5.24 -11.53
N LEU D 160 58.25 6.11 -12.53
CA LEU D 160 59.09 7.29 -12.49
C LEU D 160 58.70 8.17 -11.34
N GLY D 161 57.40 8.34 -11.16
CA GLY D 161 56.94 9.21 -10.11
C GLY D 161 57.33 8.74 -8.73
N SER D 162 57.34 7.42 -8.54
CA SER D 162 57.65 6.93 -7.22
C SER D 162 59.17 6.77 -7.01
N ALA D 163 59.96 6.93 -8.06
CA ALA D 163 61.43 7.00 -7.90
C ALA D 163 61.92 8.47 -7.83
N GLY D 164 60.98 9.43 -7.90
CA GLY D 164 61.35 10.84 -7.92
C GLY D 164 62.02 11.22 -9.23
N GLN D 165 61.68 10.53 -10.33
CA GLN D 165 62.36 10.74 -11.63
C GLN D 165 61.53 11.34 -12.74
N LEU D 166 60.33 11.79 -12.43
CA LEU D 166 59.53 12.37 -13.47
C LEU D 166 60.32 13.49 -14.13
N SER D 167 60.21 13.62 -15.45
CA SER D 167 61.00 14.63 -16.13
C SER D 167 60.18 15.89 -16.42
N THR D 168 60.86 16.97 -16.71
CA THR D 168 60.23 18.21 -17.09
C THR D 168 59.09 17.99 -18.05
N ASN D 169 59.37 17.35 -19.16
CA ASN D 169 58.35 17.13 -20.15
C ASN D 169 57.10 16.33 -19.63
N ASP D 170 57.27 15.45 -18.65
CA ASP D 170 56.13 14.78 -18.05
C ASP D 170 55.28 15.73 -17.21
N LEU D 171 55.86 16.81 -16.72
CA LEU D 171 55.16 17.68 -15.77
C LEU D 171 54.45 18.84 -16.44
N ILE D 172 54.77 19.11 -17.69
CA ILE D 172 54.28 20.33 -18.30
C ILE D 172 53.22 20.00 -19.36
N GLY D 173 52.53 21.06 -19.81
CA GLY D 173 51.60 20.93 -20.93
C GLY D 173 50.28 20.30 -20.59
N GLY D 174 50.02 20.04 -19.31
CA GLY D 174 48.76 19.48 -18.82
C GLY D 174 47.58 20.31 -19.33
N THR D 175 46.47 19.70 -19.71
CA THR D 175 45.35 20.47 -20.24
C THR D 175 44.05 20.25 -19.50
N PHE D 176 44.03 19.24 -18.62
CA PHE D 176 42.84 18.77 -17.98
C PHE D 176 43.32 17.74 -17.01
N THR D 177 42.60 17.45 -15.93
CA THR D 177 43.17 16.60 -14.85
C THR D 177 42.19 15.61 -14.26
N LEU D 178 42.64 14.40 -13.98
CA LEU D 178 41.86 13.44 -13.16
C LEU D 178 42.55 13.13 -11.86
N SER D 179 41.80 13.15 -10.77
CA SER D 179 42.37 12.84 -9.47
C SER D 179 41.70 11.60 -8.91
N ASN D 180 42.40 10.48 -9.00
CA ASN D 180 41.82 9.24 -8.55
C ASN D 180 42.04 9.08 -7.08
N ILE D 181 41.37 9.89 -6.26
CA ILE D 181 41.58 9.81 -4.83
C ILE D 181 41.03 8.48 -4.26
N GLY D 182 40.01 7.95 -4.94
CA GLY D 182 39.40 6.70 -4.59
C GLY D 182 40.32 5.50 -4.57
N SER D 183 41.52 5.63 -5.14
CA SER D 183 42.49 4.57 -4.95
C SER D 183 42.92 4.53 -3.51
N ILE D 184 42.55 5.53 -2.70
CA ILE D 184 42.81 5.49 -1.28
C ILE D 184 41.52 5.43 -0.48
N GLY D 185 40.54 6.20 -0.88
CA GLY D 185 39.26 6.20 -0.20
C GLY D 185 38.37 7.28 -0.81
N GLY D 186 37.14 7.41 -0.27
CA GLY D 186 36.24 8.53 -0.52
C GLY D 186 35.03 8.21 -1.37
N THR D 187 34.08 9.14 -1.40
CA THR D 187 32.94 9.13 -2.29
C THR D 187 33.09 10.39 -3.07
N TYR D 188 32.45 11.47 -2.64
CA TYR D 188 32.56 12.76 -3.30
C TYR D 188 33.72 13.57 -2.78
N ALA D 189 34.06 14.59 -3.56
CA ALA D 189 35.18 15.46 -3.27
C ALA D 189 34.98 16.89 -3.85
N LYS D 190 35.83 17.82 -3.43
CA LYS D 190 35.85 19.11 -4.10
C LYS D 190 37.27 19.38 -4.48
N PRO D 191 37.66 18.97 -5.70
CA PRO D 191 39.00 19.13 -6.20
C PRO D 191 39.24 20.55 -6.68
N VAL D 192 40.48 21.01 -6.49
CA VAL D 192 40.85 22.31 -6.89
C VAL D 192 41.51 22.24 -8.27
N ILE D 193 41.01 23.05 -9.19
CA ILE D 193 41.56 23.13 -10.50
C ILE D 193 43.01 23.61 -10.50
N LEU D 194 43.84 23.02 -11.36
CA LEU D 194 45.20 23.56 -11.51
C LEU D 194 45.32 24.56 -12.64
N PRO D 195 45.61 25.84 -12.32
CA PRO D 195 45.80 26.83 -13.37
C PRO D 195 47.01 26.40 -14.22
N PRO D 196 46.99 26.67 -15.52
CA PRO D 196 45.91 27.41 -16.18
C PRO D 196 44.80 26.54 -16.79
N GLU D 197 44.74 25.25 -16.49
CA GLU D 197 43.54 24.45 -16.85
C GLU D 197 42.20 25.07 -16.37
N VAL D 198 41.08 24.59 -16.93
CA VAL D 198 39.76 25.02 -16.49
C VAL D 198 38.83 23.96 -15.91
N ALA D 199 39.31 22.75 -15.61
CA ALA D 199 38.46 21.71 -15.10
C ALA D 199 39.25 20.56 -14.48
N ILE D 200 38.60 19.82 -13.58
CA ILE D 200 39.21 18.67 -12.88
C ILE D 200 38.08 17.72 -12.45
N GLY D 201 38.34 16.43 -12.45
CA GLY D 201 37.40 15.46 -11.88
C GLY D 201 38.13 14.64 -10.83
N ALA D 202 37.44 14.37 -9.73
CA ALA D 202 37.96 13.44 -8.74
C ALA D 202 37.04 12.22 -8.74
N LEU D 203 37.65 11.06 -8.59
CA LEU D 203 36.95 9.77 -8.59
C LEU D 203 37.03 9.18 -7.20
N GLY D 204 35.89 8.75 -6.67
CA GLY D 204 35.83 8.06 -5.38
C GLY D 204 36.03 6.55 -5.49
N THR D 205 35.95 5.86 -4.37
CA THR D 205 36.20 4.47 -4.29
C THR D 205 34.96 3.76 -4.79
N ILE D 206 35.20 2.83 -5.69
CA ILE D 206 34.19 1.94 -6.22
C ILE D 206 33.76 1.00 -5.09
N LYS D 207 32.47 1.05 -4.76
CA LYS D 207 31.95 0.10 -3.82
C LYS D 207 30.61 -0.48 -4.23
N ALA D 208 30.32 -1.62 -3.62
CA ALA D 208 29.18 -2.39 -4.01
C ALA D 208 27.97 -1.90 -3.21
N LEU D 209 26.95 -1.41 -3.91
CA LEU D 209 25.76 -0.89 -3.24
C LEU D 209 24.51 -1.51 -3.80
N PRO D 210 23.51 -1.68 -2.94
CA PRO D 210 22.17 -2.08 -3.46
C PRO D 210 21.61 -1.09 -4.47
N ARG D 211 21.24 -1.59 -5.64
CA ARG D 211 20.64 -0.76 -6.68
C ARG D 211 19.54 -1.56 -7.41
N PHE D 212 18.61 -0.86 -8.05
CA PHE D 212 17.58 -1.52 -8.78
C PHE D 212 18.07 -1.77 -10.18
N ASN D 213 17.67 -2.89 -10.76
CA ASN D 213 17.91 -3.09 -12.17
C ASN D 213 16.65 -2.76 -12.99
N GLU D 214 16.67 -3.16 -14.25
CA GLU D 214 15.58 -2.82 -15.16
C GLU D 214 14.23 -3.41 -14.80
N LYS D 215 14.20 -4.38 -13.87
CA LYS D 215 12.94 -5.07 -13.48
C LYS D 215 12.36 -4.54 -12.19
N GLY D 216 13.18 -3.83 -11.44
CA GLY D 216 12.80 -3.41 -10.09
C GLY D 216 13.32 -4.34 -9.02
N GLU D 217 14.24 -5.25 -9.37
CA GLU D 217 14.87 -6.11 -8.37
C GLU D 217 16.15 -5.43 -7.86
N VAL D 218 16.55 -5.81 -6.65
CA VAL D 218 17.71 -5.25 -6.00
C VAL D 218 18.98 -6.04 -6.37
N CYS D 219 19.99 -5.35 -6.88
CA CYS D 219 21.17 -5.95 -7.45
C CYS D 219 22.40 -5.42 -6.79
N LYS D 220 23.47 -6.20 -6.87
CA LYS D 220 24.77 -5.75 -6.50
C LYS D 220 25.22 -4.84 -7.64
N ALA D 221 25.52 -3.59 -7.31
CA ALA D 221 26.05 -2.66 -8.27
C ALA D 221 27.30 -2.03 -7.73
N GLN D 222 28.28 -2.06 -8.62
CA GLN D 222 29.58 -1.47 -8.41
C GLN D 222 29.45 0.04 -8.66
N ILE D 223 29.42 0.84 -7.59
CA ILE D 223 29.16 2.27 -7.77
C ILE D 223 30.40 3.14 -7.59
N MET D 224 30.64 4.07 -8.50
CA MET D 224 31.66 5.12 -8.26
C MET D 224 31.05 6.53 -8.37
N ASN D 225 31.46 7.37 -7.44
CA ASN D 225 31.09 8.75 -7.53
C ASN D 225 32.17 9.51 -8.29
N VAL D 226 31.73 10.46 -9.09
CA VAL D 226 32.62 11.45 -9.67
C VAL D 226 32.24 12.89 -9.25
N SER D 227 33.26 13.70 -8.98
CA SER D 227 33.10 15.13 -8.68
C SER D 227 33.88 15.98 -9.64
N TRP D 228 33.22 16.85 -10.39
CA TRP D 228 33.93 17.78 -11.28
C TRP D 228 33.93 19.21 -10.69
N SER D 229 35.02 19.94 -10.84
CA SER D 229 35.06 21.37 -10.58
C SER D 229 35.40 22.04 -11.91
N ALA D 230 34.72 23.14 -12.21
CA ALA D 230 34.97 23.84 -13.49
C ALA D 230 35.08 25.32 -13.23
N ASP D 231 35.71 26.05 -14.15
CA ASP D 231 35.88 27.46 -13.97
C ASP D 231 34.60 28.13 -14.42
N HIS D 232 33.82 28.57 -13.46
CA HIS D 232 32.49 29.04 -13.79
C HIS D 232 32.53 30.37 -14.60
N ARG D 233 33.68 31.04 -14.66
CA ARG D 233 33.71 32.28 -15.47
C ARG D 233 33.42 32.03 -16.93
N ILE D 234 33.84 30.86 -17.43
CA ILE D 234 33.55 30.42 -18.80
C ILE D 234 32.78 29.11 -19.00
N ILE D 235 32.75 28.22 -18.01
CA ILE D 235 32.05 26.95 -18.20
C ILE D 235 30.74 27.04 -17.43
N ASP D 236 29.64 26.67 -18.07
CA ASP D 236 28.38 26.63 -17.39
C ASP D 236 28.00 25.21 -16.91
N GLY D 237 26.93 25.12 -16.12
CA GLY D 237 26.59 23.84 -15.50
C GLY D 237 26.03 22.82 -16.46
N ALA D 238 25.32 23.27 -17.48
CA ALA D 238 24.81 22.35 -18.48
C ALA D 238 26.00 21.71 -19.21
N THR D 239 27.06 22.46 -19.45
CA THR D 239 28.21 21.94 -20.17
C THR D 239 28.85 20.85 -19.39
N VAL D 240 29.26 21.15 -18.17
CA VAL D 240 29.85 20.08 -17.34
C VAL D 240 28.87 18.91 -17.19
N SER D 241 27.58 19.18 -17.04
CA SER D 241 26.66 18.06 -16.92
C SER D 241 26.56 17.21 -18.19
N ARG D 242 26.47 17.86 -19.33
CA ARG D 242 26.38 17.12 -20.59
C ARG D 242 27.67 16.35 -20.89
N PHE D 243 28.79 16.89 -20.44
CA PHE D 243 30.05 16.24 -20.66
C PHE D 243 30.08 15.05 -19.75
N SER D 244 29.66 15.25 -18.50
CA SER D 244 29.63 14.20 -17.53
C SER D 244 28.66 13.09 -17.96
N ASN D 245 27.51 13.47 -18.51
CA ASN D 245 26.60 12.42 -18.96
C ASN D 245 27.30 11.58 -19.98
N LEU D 246 28.09 12.21 -20.83
CA LEU D 246 28.69 11.53 -21.95
C LEU D 246 29.82 10.61 -21.49
N TRP D 247 30.72 11.13 -20.68
CA TRP D 247 31.78 10.37 -20.07
C TRP D 247 31.24 9.11 -19.46
N LYS D 248 30.17 9.30 -18.71
CA LYS D 248 29.50 8.26 -17.93
C LYS D 248 28.80 7.20 -18.82
N SER D 249 28.28 7.62 -19.96
CA SER D 249 27.60 6.61 -20.76
C SER D 249 28.64 5.70 -21.39
N TYR D 250 29.82 6.25 -21.69
CA TYR D 250 30.97 5.45 -22.10
C TYR D 250 31.40 4.46 -21.05
N LEU D 251 31.27 4.82 -19.78
CA LEU D 251 31.74 3.92 -18.74
C LEU D 251 30.69 2.90 -18.38
N GLU D 252 29.44 3.36 -18.30
CA GLU D 252 28.32 2.47 -18.03
C GLU D 252 28.08 1.52 -19.22
N ASN D 253 28.36 1.98 -20.43
CA ASN D 253 28.15 1.18 -21.64
C ASN D 253 29.41 1.15 -22.53
N PRO D 254 30.47 0.43 -22.09
CA PRO D 254 31.84 0.44 -22.69
C PRO D 254 31.89 0.22 -24.20
N ALA D 255 30.89 -0.49 -24.68
CA ALA D 255 30.70 -0.77 -26.05
C ALA D 255 30.31 0.45 -26.85
N PHE D 256 29.90 1.51 -26.17
CA PHE D 256 29.62 2.75 -26.88
C PHE D 256 30.94 3.34 -27.33
N MET D 257 32.01 3.13 -26.56
CA MET D 257 33.34 3.44 -27.03
C MET D 257 33.81 2.59 -28.21
N LEU D 258 33.45 1.31 -28.26
CA LEU D 258 33.78 0.54 -29.48
C LEU D 258 33.45 1.26 -30.79
N LEU D 259 32.27 1.89 -30.82
CA LEU D 259 31.63 2.41 -32.02
C LEU D 259 32.49 3.38 -32.81
N ASP D 260 33.28 4.21 -32.14
CA ASP D 260 34.05 5.22 -32.90
C ASP D 260 35.54 5.17 -32.74
N LEU D 261 36.06 4.11 -32.13
CA LEU D 261 37.51 3.96 -32.11
C LEU D 261 38.08 3.25 -33.37
N LYS D 262 39.32 3.61 -33.75
CA LYS D 262 39.94 3.22 -35.03
C LYS D 262 41.16 2.27 -34.89
N GLY E 29 5.34 43.44 2.64
CA GLY E 29 5.40 44.38 1.49
C GLY E 29 6.75 45.06 1.46
N LYS E 30 7.25 45.43 2.65
CA LYS E 30 8.42 46.31 2.66
C LYS E 30 9.76 45.67 3.03
N ASP E 31 10.77 45.98 2.22
CA ASP E 31 12.15 45.65 2.54
C ASP E 31 12.56 46.28 3.85
N ARG E 32 13.47 45.62 4.57
CA ARG E 32 13.90 46.10 5.86
C ARG E 32 15.41 45.93 5.91
N THR E 33 16.12 47.05 6.16
CA THR E 33 17.58 47.09 6.35
C THR E 33 18.00 47.17 7.83
N GLU E 34 19.11 46.53 8.18
CA GLU E 34 19.47 46.29 9.57
C GLU E 34 20.97 46.05 9.69
N PRO E 35 21.65 46.73 10.63
CA PRO E 35 23.14 46.55 10.74
C PRO E 35 23.55 45.21 11.30
N VAL E 36 24.65 44.69 10.80
CA VAL E 36 25.21 43.50 11.37
C VAL E 36 25.84 44.00 12.66
N LYS E 37 25.25 43.62 13.77
CA LYS E 37 25.75 44.11 15.06
C LYS E 37 26.39 43.08 15.99
N GLY E 38 27.21 43.59 16.91
CA GLY E 38 27.79 42.85 18.04
C GLY E 38 28.55 41.58 17.74
N PHE E 39 27.93 40.46 18.14
CA PHE E 39 28.50 39.12 17.93
C PHE E 39 28.53 38.70 16.47
N HIS E 40 27.52 39.08 15.71
CA HIS E 40 27.39 38.62 14.34
C HIS E 40 28.52 39.09 13.45
N LYS E 41 29.31 40.03 13.99
CA LYS E 41 30.46 40.64 13.33
C LYS E 41 31.65 39.69 13.36
N ALA E 42 31.69 38.81 14.34
CA ALA E 42 32.79 37.87 14.40
C ALA E 42 32.80 36.96 13.17
N MET E 43 31.65 36.37 12.86
CA MET E 43 31.52 35.50 11.71
C MET E 43 31.85 36.23 10.39
N VAL E 44 31.50 37.52 10.26
CA VAL E 44 31.79 38.23 9.03
C VAL E 44 33.33 38.27 8.88
N LYS E 45 34.00 38.59 9.98
CA LYS E 45 35.45 38.73 9.96
C LYS E 45 36.09 37.39 9.70
N THR E 46 35.60 36.39 10.40
CA THR E 46 36.14 35.04 10.31
C THR E 46 35.98 34.41 8.92
N MET E 47 34.76 34.33 8.45
CA MET E 47 34.53 33.77 7.14
C MET E 47 35.25 34.62 6.08
N SER E 48 35.38 35.91 6.28
CA SER E 48 36.11 36.66 5.27
C SER E 48 37.58 36.23 5.13
N ALA E 49 38.23 35.98 6.25
CA ALA E 49 39.62 35.65 6.22
C ALA E 49 39.76 34.25 5.59
N ALA E 50 38.74 33.41 5.81
CA ALA E 50 38.73 32.07 5.21
C ALA E 50 38.78 32.12 3.69
N LEU E 51 38.47 33.27 3.11
CA LEU E 51 38.58 33.40 1.66
C LEU E 51 40.03 33.29 1.21
N LYS E 52 40.98 33.41 2.13
CA LYS E 52 42.38 33.31 1.72
C LYS E 52 42.88 31.86 1.65
N ILE E 53 42.06 30.91 2.07
CA ILE E 53 42.43 29.52 2.09
C ILE E 53 41.79 28.84 0.92
N PRO E 54 42.58 28.22 0.01
CA PRO E 54 42.07 27.35 -1.06
C PRO E 54 41.57 26.07 -0.45
N HIS E 55 40.26 25.90 -0.42
CA HIS E 55 39.64 24.74 0.24
C HIS E 55 39.69 23.55 -0.68
N PHE E 56 40.22 22.43 -0.22
CA PHE E 56 39.98 21.17 -0.91
C PHE E 56 38.96 20.41 -0.04
N GLY E 57 38.00 19.74 -0.68
CA GLY E 57 37.03 18.98 0.02
C GLY E 57 37.12 17.53 -0.32
N TYR E 58 37.00 16.67 0.71
CA TYR E 58 36.95 15.20 0.58
C TYR E 58 35.87 14.60 1.50
N CYS E 59 35.14 13.61 0.98
CA CYS E 59 33.93 13.13 1.69
C CYS E 59 33.91 11.65 1.71
N ASP E 60 33.23 11.07 2.69
CA ASP E 60 33.15 9.65 2.72
C ASP E 60 31.83 9.25 3.35
N GLU E 61 31.53 7.95 3.33
CA GLU E 61 30.47 7.45 4.18
C GLU E 61 31.10 6.52 5.20
N VAL E 62 30.58 6.54 6.41
CA VAL E 62 31.10 5.73 7.47
C VAL E 62 29.94 4.83 7.93
N ASP E 63 30.24 3.56 8.19
CA ASP E 63 29.25 2.60 8.69
C ASP E 63 29.30 2.63 10.20
N LEU E 64 28.29 3.21 10.80
CA LEU E 64 28.24 3.47 12.23
C LEU E 64 27.37 2.45 12.98
N THR E 65 26.96 1.40 12.28
CA THR E 65 26.12 0.35 12.85
C THR E 65 26.70 -0.19 14.15
N GLU E 66 28.00 -0.50 14.15
CA GLU E 66 28.64 -0.95 15.38
C GLU E 66 28.58 0.12 16.47
N LEU E 67 28.92 1.35 16.10
CA LEU E 67 29.00 2.44 17.05
C LEU E 67 27.67 2.80 17.70
N VAL E 68 26.58 2.68 16.94
CA VAL E 68 25.27 2.92 17.48
C VAL E 68 24.97 1.93 18.58
N LYS E 69 25.28 0.67 18.32
CA LYS E 69 24.99 -0.37 19.30
C LYS E 69 25.93 -0.12 20.51
N LEU E 70 27.19 0.10 20.26
CA LEU E 70 28.08 0.39 21.37
C LEU E 70 27.62 1.60 22.19
N ARG E 71 27.11 2.64 21.53
CA ARG E 71 26.65 3.83 22.26
C ARG E 71 25.44 3.54 23.13
N GLU E 72 24.47 2.86 22.56
CA GLU E 72 23.33 2.34 23.31
C GLU E 72 23.74 1.59 24.59
N GLU E 73 24.89 0.92 24.58
CA GLU E 73 25.24 0.21 25.78
C GLU E 73 26.04 1.00 26.79
N LEU E 74 26.59 2.15 26.36
CA LEU E 74 27.23 3.10 27.28
C LEU E 74 26.32 4.23 27.81
N LYS E 75 25.31 4.61 27.01
CA LYS E 75 24.29 5.59 27.39
C LYS E 75 23.91 5.45 28.90
N PRO E 76 23.41 4.29 29.32
CA PRO E 76 23.06 4.17 30.74
C PRO E 76 24.18 4.45 31.78
N ILE E 77 25.40 3.98 31.53
CA ILE E 77 26.54 4.22 32.45
C ILE E 77 26.79 5.72 32.60
N ALA E 78 26.80 6.43 31.49
CA ALA E 78 26.94 7.89 31.48
C ALA E 78 25.77 8.60 32.18
N PHE E 79 24.54 8.20 31.85
CA PHE E 79 23.43 8.78 32.53
C PHE E 79 23.55 8.58 34.04
N ALA E 80 23.99 7.40 34.47
CA ALA E 80 24.13 7.11 35.88
C ALA E 80 25.22 7.99 36.46
N ARG E 81 26.16 8.45 35.64
CA ARG E 81 27.17 9.35 36.16
C ARG E 81 26.76 10.82 35.98
N GLY E 82 25.55 11.07 35.45
CA GLY E 82 25.00 12.42 35.30
C GLY E 82 25.40 13.14 34.01
N ILE E 83 25.54 12.38 32.91
CA ILE E 83 26.19 12.87 31.68
C ILE E 83 25.41 12.43 30.44
N LYS E 84 25.09 13.34 29.54
CA LYS E 84 24.46 12.90 28.31
C LYS E 84 25.57 12.49 27.35
N LEU E 85 25.54 11.24 26.89
CA LEU E 85 26.54 10.71 25.97
C LEU E 85 26.00 10.60 24.56
N SER E 86 26.48 11.50 23.69
CA SER E 86 26.13 11.43 22.25
C SER E 86 27.25 10.74 21.40
N PHE E 87 27.29 10.98 20.11
CA PHE E 87 28.32 10.37 19.32
C PHE E 87 29.55 11.25 19.28
N MET E 88 29.35 12.52 19.58
CA MET E 88 30.43 13.47 19.39
C MET E 88 31.66 13.10 20.17
N PRO E 89 31.51 12.58 21.41
CA PRO E 89 32.76 12.29 22.06
C PRO E 89 33.51 11.17 21.34
N PHE E 90 32.82 10.25 20.68
CA PHE E 90 33.56 9.22 19.94
C PHE E 90 34.22 9.80 18.72
N PHE E 91 33.49 10.69 18.02
CA PHE E 91 34.05 11.43 16.89
C PHE E 91 35.25 12.24 17.35
N LEU E 92 35.17 12.87 18.50
CA LEU E 92 36.32 13.63 18.96
C LEU E 92 37.53 12.77 19.30
N LYS E 93 37.32 11.64 20.00
CA LYS E 93 38.48 10.85 20.40
C LYS E 93 39.16 10.27 19.18
N ALA E 94 38.35 9.84 18.22
CA ALA E 94 38.85 9.26 16.98
C ALA E 94 39.63 10.31 16.16
N ALA E 95 39.15 11.56 16.17
CA ALA E 95 39.86 12.61 15.46
C ALA E 95 41.22 12.86 16.11
N SER E 96 41.20 13.03 17.42
CA SER E 96 42.44 13.21 18.13
C SER E 96 43.42 12.11 17.75
N LEU E 97 42.96 10.87 17.71
CA LEU E 97 43.90 9.78 17.45
C LEU E 97 44.41 9.95 16.05
N GLY E 98 43.51 10.19 15.09
CA GLY E 98 43.91 10.49 13.72
C GLY E 98 44.99 11.60 13.67
N LEU E 99 44.84 12.61 14.51
CA LEU E 99 45.74 13.78 14.46
C LEU E 99 47.12 13.47 15.00
N LEU E 100 47.23 12.46 15.83
CA LEU E 100 48.53 12.05 16.34
C LEU E 100 49.40 11.56 15.19
N GLN E 101 48.75 10.89 14.23
CA GLN E 101 49.39 10.30 13.08
C GLN E 101 49.55 11.27 11.94
N PHE E 102 48.67 12.27 11.85
CA PHE E 102 48.75 13.28 10.80
C PHE E 102 48.72 14.69 11.42
N PRO E 103 49.79 15.04 12.15
CA PRO E 103 49.79 16.28 12.88
C PRO E 103 49.68 17.54 12.02
N ILE E 104 49.97 17.43 10.72
CA ILE E 104 49.89 18.63 9.85
C ILE E 104 48.45 19.12 9.76
N LEU E 105 47.49 18.25 10.11
CA LEU E 105 46.09 18.67 10.10
C LEU E 105 45.79 19.54 11.33
N ASN E 106 46.70 19.53 12.30
CA ASN E 106 46.50 20.26 13.54
C ASN E 106 47.53 21.32 13.65
N ALA E 107 47.47 22.28 12.74
CA ALA E 107 48.59 23.15 12.53
C ALA E 107 48.10 24.49 11.98
N SER E 108 49.01 25.46 11.85
CA SER E 108 48.67 26.72 11.20
C SER E 108 49.80 27.16 10.33
N VAL E 109 49.44 27.98 9.34
CA VAL E 109 50.41 28.66 8.50
C VAL E 109 50.38 30.15 8.76
N ASP E 110 51.48 30.82 8.39
CA ASP E 110 51.53 32.26 8.54
C ASP E 110 50.83 32.94 7.37
N GLU E 111 50.67 34.26 7.44
CA GLU E 111 49.97 35.02 6.41
C GLU E 111 50.38 34.58 5.00
N ASN E 112 51.69 34.51 4.70
CA ASN E 112 52.12 34.14 3.33
C ASN E 112 52.34 32.67 3.06
N CYS E 113 52.11 31.85 4.07
CA CYS E 113 52.28 30.43 3.91
C CYS E 113 53.74 30.03 3.63
N GLN E 114 54.64 30.66 4.36
CA GLN E 114 56.02 30.29 4.30
C GLN E 114 56.44 29.39 5.46
N ASN E 115 55.66 29.39 6.54
CA ASN E 115 56.02 28.61 7.72
C ASN E 115 54.81 27.94 8.29
N ILE E 116 54.98 26.70 8.72
CA ILE E 116 53.91 26.02 9.38
C ILE E 116 54.22 25.74 10.83
N THR E 117 53.24 25.95 11.69
CA THR E 117 53.34 25.64 13.11
C THR E 117 52.45 24.44 13.44
N TYR E 118 53.11 23.32 13.73
CA TYR E 118 52.44 22.12 14.21
C TYR E 118 52.03 22.34 15.66
N LYS E 119 50.77 22.15 15.98
CA LYS E 119 50.35 22.33 17.38
C LYS E 119 50.21 21.02 18.08
N ALA E 120 50.84 20.95 19.26
CA ALA E 120 50.76 19.79 20.12
C ALA E 120 49.37 19.55 20.72
N SER E 121 48.68 20.61 21.12
CA SER E 121 47.39 20.43 21.81
C SER E 121 46.26 20.15 20.82
N HIS E 122 45.41 19.20 21.15
CA HIS E 122 44.23 18.97 20.30
C HIS E 122 43.08 19.74 20.91
N ASN E 123 43.00 21.03 20.58
CA ASN E 123 41.88 21.81 21.09
C ASN E 123 40.82 21.80 20.02
N ILE E 124 39.92 20.81 20.08
CA ILE E 124 39.01 20.68 18.99
C ILE E 124 37.76 21.48 19.21
N GLY E 125 37.56 22.44 18.29
CA GLY E 125 36.41 23.32 18.25
C GLY E 125 35.11 22.59 17.96
N ILE E 126 34.03 22.99 18.64
CA ILE E 126 32.75 22.36 18.48
C ILE E 126 31.80 23.42 17.94
N ALA E 127 31.41 23.29 16.67
CA ALA E 127 30.63 24.36 16.04
C ALA E 127 29.31 24.16 16.68
N MET E 128 28.79 25.18 17.34
CA MET E 128 27.54 24.97 18.05
C MET E 128 26.46 26.02 17.83
N ASP E 129 25.32 25.49 17.41
CA ASP E 129 24.13 26.23 17.15
C ASP E 129 23.55 26.80 18.43
N THR E 130 23.37 28.10 18.51
CA THR E 130 22.62 28.65 19.64
C THR E 130 21.59 29.67 19.18
N GLU E 131 20.84 30.18 20.14
CA GLU E 131 19.88 31.21 19.86
C GLU E 131 20.45 32.59 19.52
N GLN E 132 21.75 32.80 19.73
CA GLN E 132 22.44 33.92 19.05
C GLN E 132 23.23 33.47 17.78
N GLY E 133 22.85 32.35 17.15
CA GLY E 133 23.69 31.68 16.09
C GLY E 133 24.99 31.29 16.75
N LEU E 134 26.10 31.22 16.03
CA LEU E 134 26.70 29.99 15.63
C LEU E 134 27.84 30.38 16.56
N ILE E 135 28.30 29.49 17.43
CA ILE E 135 29.50 29.85 18.20
C ILE E 135 30.41 28.63 18.22
N VAL E 136 31.72 28.83 18.33
CA VAL E 136 32.64 27.67 18.29
C VAL E 136 33.58 27.54 19.48
N PRO E 137 33.09 26.96 20.61
CA PRO E 137 34.11 26.76 21.65
C PRO E 137 34.88 25.47 21.37
N ASN E 138 35.90 25.20 22.16
CA ASN E 138 36.72 24.00 21.93
C ASN E 138 36.94 23.19 23.22
N VAL E 139 37.26 21.91 23.07
CA VAL E 139 37.56 21.06 24.19
C VAL E 139 39.05 21.00 24.22
N LYS E 140 39.66 21.58 25.25
CA LYS E 140 41.12 21.61 25.35
C LYS E 140 41.69 20.21 25.44
N ASN E 141 42.72 19.92 24.67
CA ASN E 141 43.61 18.80 25.00
C ASN E 141 42.83 17.52 24.98
N VAL E 142 42.28 17.21 23.83
CA VAL E 142 41.42 16.04 23.73
C VAL E 142 42.29 14.82 23.84
N GLN E 143 43.57 14.96 23.52
CA GLN E 143 44.50 13.83 23.40
C GLN E 143 44.76 13.17 24.74
N ILE E 144 44.60 13.92 25.82
CA ILE E 144 44.80 13.37 27.18
C ILE E 144 43.48 13.06 27.90
N ARG E 145 42.35 13.14 27.21
CA ARG E 145 41.10 12.94 27.88
C ARG E 145 40.47 11.62 27.41
N SER E 146 39.63 11.03 28.28
CA SER E 146 38.88 9.85 27.91
C SER E 146 37.61 10.28 27.23
N ILE E 147 36.97 9.35 26.53
CA ILE E 147 35.66 9.62 25.93
C ILE E 147 34.71 10.18 26.98
N PHE E 148 34.69 9.55 28.13
CA PHE E 148 33.85 10.02 29.22
C PHE E 148 34.12 11.49 29.59
N GLU E 149 35.39 11.84 29.64
CA GLU E 149 35.75 13.18 30.01
C GLU E 149 35.37 14.21 28.92
N ILE E 150 35.41 13.78 27.67
CA ILE E 150 35.16 14.65 26.53
C ILE E 150 33.67 14.87 26.58
N ALA E 151 32.90 13.82 26.86
CA ALA E 151 31.47 14.01 27.00
C ALA E 151 31.17 15.00 28.12
N THR E 152 31.89 14.88 29.24
CA THR E 152 31.69 15.80 30.36
C THR E 152 31.98 17.25 29.92
N GLU E 153 33.04 17.45 29.15
CA GLU E 153 33.39 18.79 28.77
C GLU E 153 32.39 19.33 27.74
N LEU E 154 32.00 18.46 26.80
CA LEU E 154 30.91 18.78 25.87
C LEU E 154 29.63 19.27 26.55
N ASN E 155 29.11 18.50 27.54
CA ASN E 155 27.94 18.89 28.31
C ASN E 155 28.13 20.28 28.97
N ARG E 156 29.28 20.48 29.62
CA ARG E 156 29.54 21.76 30.24
C ARG E 156 29.38 22.83 29.16
N LEU E 157 29.97 22.62 27.99
CA LEU E 157 29.94 23.62 26.98
C LEU E 157 28.56 23.86 26.36
N GLN E 158 27.75 22.84 26.28
CA GLN E 158 26.39 23.03 25.79
C GLN E 158 25.56 23.93 26.71
N LYS E 159 25.66 23.68 28.02
CA LYS E 159 24.92 24.41 28.98
C LYS E 159 25.29 25.85 28.85
N LEU E 160 26.59 26.16 28.92
CA LEU E 160 27.06 27.54 28.83
C LEU E 160 26.65 28.12 27.47
N GLY E 161 26.83 27.35 26.41
CA GLY E 161 26.44 27.77 25.07
C GLY E 161 24.98 28.18 24.98
N SER E 162 24.11 27.29 25.45
CA SER E 162 22.67 27.48 25.53
C SER E 162 22.21 28.70 26.42
N ALA E 163 23.06 29.13 27.37
CA ALA E 163 22.74 30.25 28.25
C ALA E 163 23.42 31.53 27.77
N GLY E 164 24.24 31.44 26.72
CA GLY E 164 25.04 32.59 26.30
C GLY E 164 26.18 32.96 27.24
N GLN E 165 26.84 31.97 27.83
CA GLN E 165 27.81 32.24 28.87
C GLN E 165 29.16 31.58 28.62
N LEU E 166 29.43 31.17 27.39
CA LEU E 166 30.77 30.69 27.07
C LEU E 166 31.81 31.75 27.41
N SER E 167 32.89 31.33 28.05
CA SER E 167 33.88 32.32 28.44
C SER E 167 34.87 32.49 27.32
N THR E 168 35.62 33.58 27.34
CA THR E 168 36.74 33.85 26.43
C THR E 168 37.66 32.63 26.28
N ASN E 169 38.08 32.10 27.41
CA ASN E 169 38.89 30.91 27.40
C ASN E 169 38.26 29.69 26.66
N ASP E 170 36.97 29.49 26.79
CA ASP E 170 36.35 28.39 26.09
C ASP E 170 36.37 28.66 24.58
N LEU E 171 36.64 29.92 24.21
CA LEU E 171 36.52 30.34 22.80
C LEU E 171 37.83 30.38 22.03
N ILE E 172 38.97 30.43 22.71
CA ILE E 172 40.23 30.55 22.01
C ILE E 172 41.05 29.28 22.03
N GLY E 173 42.05 29.26 21.14
CA GLY E 173 43.02 28.21 21.09
C GLY E 173 42.60 26.96 20.36
N GLY E 174 41.52 27.05 19.56
CA GLY E 174 41.10 25.94 18.69
C GLY E 174 42.27 25.61 17.78
N THR E 175 42.51 24.32 17.55
CA THR E 175 43.50 23.89 16.59
C THR E 175 42.89 23.13 15.41
N PHE E 176 41.63 22.76 15.52
CA PHE E 176 40.95 21.85 14.60
C PHE E 176 39.44 21.90 14.99
N THR E 177 38.53 21.69 14.03
CA THR E 177 37.11 21.73 14.32
C THR E 177 36.26 20.59 13.77
N LEU E 178 35.24 20.19 14.55
CA LEU E 178 34.12 19.34 14.05
C LEU E 178 32.76 20.07 14.06
N SER E 179 31.99 19.89 12.99
CA SER E 179 30.73 20.57 12.84
C SER E 179 29.70 19.51 12.70
N ASN E 180 29.11 19.12 13.83
CA ASN E 180 28.02 18.16 13.79
C ASN E 180 26.72 18.75 13.30
N ILE E 181 26.66 19.14 12.04
CA ILE E 181 25.42 19.70 11.51
C ILE E 181 24.31 18.65 11.46
N GLY E 182 24.71 17.37 11.47
CA GLY E 182 23.79 16.24 11.38
C GLY E 182 22.86 16.08 12.57
N SER E 183 23.13 16.76 13.68
CA SER E 183 22.18 16.82 14.77
C SER E 183 20.98 17.63 14.33
N ILE E 184 21.14 18.43 13.29
CA ILE E 184 19.99 19.11 12.75
C ILE E 184 19.53 18.42 11.48
N GLY E 185 20.45 18.04 10.62
CA GLY E 185 20.07 17.36 9.39
C GLY E 185 21.29 17.30 8.49
N GLY E 186 21.13 16.72 7.31
CA GLY E 186 22.13 16.72 6.26
C GLY E 186 22.82 15.39 5.88
N THR E 187 23.41 15.37 4.69
CA THR E 187 24.27 14.29 4.29
C THR E 187 25.65 14.90 4.20
N TYR E 188 26.01 15.39 3.02
CA TYR E 188 27.34 15.97 2.81
C TYR E 188 27.27 17.46 2.99
N ALA E 189 28.44 18.09 3.14
CA ALA E 189 28.45 19.53 3.21
C ALA E 189 29.78 20.09 2.69
N LYS E 190 29.87 21.42 2.66
CA LYS E 190 31.16 22.09 2.38
C LYS E 190 31.39 23.09 3.47
N PRO E 191 31.99 22.63 4.57
CA PRO E 191 32.33 23.41 5.73
C PRO E 191 33.47 24.37 5.41
N VAL E 192 33.51 25.53 6.07
CA VAL E 192 34.51 26.57 5.80
C VAL E 192 35.52 26.56 6.95
N ILE E 193 36.81 26.54 6.62
CA ILE E 193 37.83 26.44 7.63
C ILE E 193 37.89 27.73 8.46
N LEU E 194 38.24 27.58 9.73
CA LEU E 194 38.32 28.68 10.64
C LEU E 194 39.73 29.06 10.90
N PRO E 195 40.18 30.15 10.30
CA PRO E 195 41.58 30.56 10.47
C PRO E 195 41.87 30.81 11.96
N PRO E 196 43.07 30.44 12.46
CA PRO E 196 44.21 29.97 11.65
C PRO E 196 44.36 28.42 11.62
N GLU E 197 43.26 27.69 11.79
CA GLU E 197 43.27 26.25 11.56
C GLU E 197 43.41 25.95 10.08
N VAL E 198 43.74 24.68 9.78
CA VAL E 198 43.94 24.25 8.42
C VAL E 198 42.92 23.18 7.97
N ALA E 199 42.03 22.78 8.88
CA ALA E 199 41.01 21.77 8.55
C ALA E 199 39.77 21.78 9.42
N ILE E 200 38.68 21.24 8.85
CA ILE E 200 37.41 21.07 9.55
C ILE E 200 36.66 19.86 8.96
N GLY E 201 35.91 19.16 9.81
CA GLY E 201 35.06 18.05 9.38
C GLY E 201 33.61 18.39 9.64
N ALA E 202 32.72 18.09 8.68
CA ALA E 202 31.28 18.20 8.98
C ALA E 202 30.64 16.85 8.93
N LEU E 203 29.77 16.55 9.92
CA LEU E 203 29.05 15.26 10.01
C LEU E 203 27.57 15.36 9.66
N GLY E 204 27.07 14.48 8.83
CA GLY E 204 25.67 14.57 8.40
C GLY E 204 24.84 13.71 9.33
N THR E 205 23.53 13.64 9.08
CA THR E 205 22.64 12.83 9.89
C THR E 205 22.92 11.36 9.68
N ILE E 206 23.02 10.65 10.80
CA ILE E 206 23.08 9.19 10.85
C ILE E 206 21.73 8.57 10.46
N LYS E 207 21.73 7.77 9.41
CA LYS E 207 20.53 7.38 8.71
C LYS E 207 20.64 5.89 8.31
N ALA E 208 19.50 5.20 8.41
CA ALA E 208 19.43 3.78 8.09
C ALA E 208 19.31 3.56 6.59
N LEU E 209 20.31 2.95 5.99
CA LEU E 209 20.32 2.72 4.56
C LEU E 209 20.56 1.26 4.28
N PRO E 210 20.05 0.73 3.17
CA PRO E 210 20.42 -0.63 2.78
C PRO E 210 21.84 -0.75 2.28
N ARG E 211 22.57 -1.70 2.82
CA ARG E 211 23.94 -1.97 2.41
C ARG E 211 24.21 -3.48 2.50
N PHE E 212 25.27 -3.91 1.84
CA PHE E 212 25.64 -5.32 1.80
C PHE E 212 26.56 -5.66 2.94
N ASN E 213 26.36 -6.84 3.52
CA ASN E 213 27.33 -7.40 4.46
C ASN E 213 28.33 -8.30 3.72
N GLU E 214 29.25 -8.92 4.45
CA GLU E 214 30.22 -9.81 3.81
C GLU E 214 29.56 -11.00 3.10
N LYS E 215 28.41 -11.45 3.60
CA LYS E 215 27.62 -12.53 2.96
C LYS E 215 26.94 -12.18 1.61
N GLY E 216 26.94 -10.90 1.24
CA GLY E 216 26.20 -10.43 0.07
C GLY E 216 24.74 -10.15 0.33
N GLU E 217 24.33 -10.09 1.59
CA GLU E 217 22.92 -9.78 1.90
C GLU E 217 22.67 -8.30 2.24
N VAL E 218 21.46 -7.85 1.91
CA VAL E 218 20.98 -6.51 2.21
C VAL E 218 20.62 -6.27 3.70
N CYS E 219 21.30 -5.30 4.29
CA CYS E 219 21.23 -5.08 5.73
C CYS E 219 20.74 -3.72 6.07
N LYS E 220 20.37 -3.56 7.34
CA LYS E 220 20.06 -2.29 7.90
C LYS E 220 21.41 -1.79 8.36
N ALA E 221 21.91 -0.76 7.69
CA ALA E 221 23.15 -0.11 8.10
C ALA E 221 22.93 1.35 8.52
N GLN E 222 23.55 1.71 9.64
CA GLN E 222 23.55 3.08 10.15
C GLN E 222 24.67 3.84 9.48
N ILE E 223 24.32 4.62 8.45
CA ILE E 223 25.29 5.31 7.59
C ILE E 223 25.35 6.80 7.95
N MET E 224 26.56 7.33 8.16
CA MET E 224 26.79 8.76 8.31
C MET E 224 27.77 9.26 7.25
N ASN E 225 27.46 10.42 6.65
CA ASN E 225 28.39 11.07 5.76
C ASN E 225 29.35 11.96 6.54
N VAL E 226 30.60 12.07 6.09
CA VAL E 226 31.52 13.05 6.62
C VAL E 226 32.06 13.89 5.44
N SER E 227 32.29 15.19 5.67
CA SER E 227 32.88 16.10 4.68
C SER E 227 34.05 16.85 5.31
N TRP E 228 35.24 16.70 4.73
CA TRP E 228 36.39 17.37 5.29
C TRP E 228 36.75 18.52 4.34
N SER E 229 37.20 19.66 4.88
CA SER E 229 37.83 20.66 4.06
C SER E 229 39.19 20.85 4.67
N ALA E 230 40.18 21.13 3.82
CA ALA E 230 41.53 21.35 4.28
C ALA E 230 42.19 22.43 3.42
N ASP E 231 43.14 23.16 4.02
CA ASP E 231 43.95 24.14 3.31
C ASP E 231 44.90 23.47 2.32
N HIS E 232 44.51 23.46 1.07
CA HIS E 232 45.20 22.74 0.06
C HIS E 232 46.59 23.32 -0.22
N ARG E 233 46.94 24.45 0.39
CA ARG E 233 48.25 25.00 0.14
C ARG E 233 49.35 24.14 0.73
N ILE E 234 49.05 23.43 1.83
CA ILE E 234 50.00 22.63 2.56
C ILE E 234 49.48 21.23 2.87
N ILE E 235 48.17 21.00 2.76
CA ILE E 235 47.63 19.64 2.93
C ILE E 235 47.19 19.13 1.57
N ASP E 236 47.59 17.90 1.25
CA ASP E 236 47.27 17.27 -0.02
C ASP E 236 46.13 16.28 0.16
N GLY E 237 45.58 15.79 -0.94
CA GLY E 237 44.42 14.87 -0.94
C GLY E 237 44.64 13.55 -0.23
N ALA E 238 45.77 12.95 -0.52
CA ALA E 238 46.14 11.67 0.08
C ALA E 238 46.19 11.79 1.58
N THR E 239 46.78 12.89 2.09
CA THR E 239 46.84 13.10 3.54
C THR E 239 45.45 13.18 4.15
N VAL E 240 44.57 14.02 3.60
CA VAL E 240 43.19 14.01 4.14
C VAL E 240 42.55 12.62 4.07
N SER E 241 42.80 11.88 3.02
CA SER E 241 42.08 10.62 2.87
C SER E 241 42.64 9.53 3.78
N ARG E 242 43.96 9.56 3.97
CA ARG E 242 44.58 8.63 4.89
C ARG E 242 44.14 8.93 6.32
N PHE E 243 43.91 10.20 6.60
CA PHE E 243 43.44 10.55 7.91
C PHE E 243 41.97 10.18 8.08
N SER E 244 41.17 10.45 7.05
CA SER E 244 39.77 10.05 7.10
C SER E 244 39.63 8.49 7.23
N ASN E 245 40.24 7.71 6.32
CA ASN E 245 40.27 6.26 6.52
C ASN E 245 40.66 5.86 7.92
N LEU E 246 41.59 6.57 8.57
CA LEU E 246 42.03 6.10 9.88
C LEU E 246 40.97 6.40 10.98
N TRP E 247 40.45 7.62 10.95
CA TRP E 247 39.35 8.06 11.80
C TRP E 247 38.16 7.09 11.67
N LYS E 248 37.78 6.79 10.43
CA LYS E 248 36.61 5.98 10.13
C LYS E 248 36.79 4.55 10.65
N SER E 249 38.01 4.05 10.50
CA SER E 249 38.24 2.69 10.95
C SER E 249 38.14 2.67 12.46
N TYR E 250 38.51 3.80 13.09
CA TYR E 250 38.29 3.91 14.55
C TYR E 250 36.83 3.85 14.91
N LEU E 251 35.96 4.29 14.01
CA LEU E 251 34.54 4.33 14.34
C LEU E 251 33.81 3.07 13.87
N GLU E 252 34.23 2.54 12.73
CA GLU E 252 33.67 1.32 12.16
C GLU E 252 34.01 0.11 12.98
N ASN E 253 35.13 0.19 13.70
CA ASN E 253 35.65 -0.87 14.57
C ASN E 253 36.20 -0.26 15.85
N PRO E 254 35.32 0.15 16.78
CA PRO E 254 35.74 0.83 18.01
C PRO E 254 36.74 0.05 18.83
N ALA E 255 36.75 -1.25 18.65
CA ALA E 255 37.76 -2.07 19.27
C ALA E 255 39.12 -1.53 18.96
N PHE E 256 39.33 -0.95 17.78
CA PHE E 256 40.65 -0.44 17.43
C PHE E 256 41.08 0.69 18.39
N MET E 257 40.11 1.38 18.98
CA MET E 257 40.44 2.41 19.95
C MET E 257 40.93 1.80 21.26
N LEU E 258 40.36 0.65 21.65
CA LEU E 258 40.78 -0.01 22.85
C LEU E 258 42.26 -0.25 22.91
N LEU E 259 42.82 -0.72 21.81
CA LEU E 259 44.19 -1.17 21.77
C LEU E 259 45.18 -0.18 22.39
N ASP E 260 45.02 1.13 22.11
CA ASP E 260 46.08 2.08 22.49
C ASP E 260 45.82 3.05 23.63
N LEU E 261 44.60 3.08 24.17
CA LEU E 261 44.27 4.00 25.27
C LEU E 261 44.72 3.47 26.65
N LYS E 262 45.02 4.40 27.55
CA LYS E 262 45.67 4.10 28.84
C LYS E 262 44.77 4.37 30.09
N GLY F 29 43.79 19.61 -34.35
CA GLY F 29 45.25 19.65 -34.67
C GLY F 29 45.98 20.82 -34.02
N LYS F 30 45.38 22.02 -34.08
CA LYS F 30 46.09 23.22 -33.64
C LYS F 30 45.30 24.04 -32.61
N ASP F 31 46.01 24.69 -31.67
CA ASP F 31 45.35 25.56 -30.68
C ASP F 31 44.64 26.76 -31.33
N ARG F 32 43.44 27.09 -30.88
CA ARG F 32 42.75 28.28 -31.30
C ARG F 32 42.52 29.20 -30.11
N THR F 33 42.92 30.45 -30.26
CA THR F 33 42.60 31.50 -29.29
C THR F 33 41.49 32.42 -29.85
N GLU F 34 40.50 32.69 -29.01
CA GLU F 34 39.45 33.64 -29.39
C GLU F 34 38.84 34.38 -28.19
N PRO F 35 38.67 35.71 -28.30
CA PRO F 35 37.90 36.59 -27.41
C PRO F 35 36.67 35.96 -26.79
N VAL F 36 36.53 36.08 -25.47
CA VAL F 36 35.26 35.83 -24.83
C VAL F 36 34.29 36.84 -25.45
N LYS F 37 33.32 36.34 -26.20
CA LYS F 37 32.40 37.15 -27.02
C LYS F 37 31.36 37.80 -26.11
N GLY F 38 30.35 38.47 -26.68
CA GLY F 38 29.49 39.43 -25.97
C GLY F 38 28.68 38.96 -24.77
N PHE F 39 27.60 38.27 -25.03
CA PHE F 39 26.84 37.71 -23.94
C PHE F 39 27.73 37.04 -22.88
N HIS F 40 28.71 36.25 -23.31
CA HIS F 40 29.47 35.46 -22.36
C HIS F 40 30.25 36.29 -21.34
N LYS F 41 30.33 37.60 -21.56
CA LYS F 41 31.01 38.46 -20.62
C LYS F 41 30.25 38.66 -19.31
N ALA F 42 28.93 38.56 -19.36
CA ALA F 42 28.11 38.58 -18.13
C ALA F 42 28.53 37.53 -17.04
N MET F 43 28.70 36.27 -17.45
CA MET F 43 29.16 35.21 -16.57
C MET F 43 30.53 35.54 -15.98
N VAL F 44 31.44 36.02 -16.80
CA VAL F 44 32.74 36.37 -16.29
C VAL F 44 32.56 37.33 -15.12
N LYS F 45 31.74 38.36 -15.32
CA LYS F 45 31.58 39.38 -14.34
C LYS F 45 30.84 38.88 -13.09
N THR F 46 29.71 38.23 -13.27
CA THR F 46 28.92 37.72 -12.15
C THR F 46 29.73 36.71 -11.30
N MET F 47 30.36 35.76 -11.98
CA MET F 47 31.16 34.74 -11.29
C MET F 47 32.39 35.31 -10.61
N SER F 48 32.97 36.36 -11.15
CA SER F 48 34.14 36.96 -10.52
C SER F 48 33.72 37.65 -9.25
N ALA F 49 32.57 38.29 -9.26
CA ALA F 49 32.12 39.02 -8.08
C ALA F 49 31.78 37.95 -6.97
N ALA F 50 31.29 36.78 -7.39
CA ALA F 50 31.01 35.68 -6.46
C ALA F 50 32.23 35.23 -5.60
N LEU F 51 33.44 35.40 -6.11
CA LEU F 51 34.62 35.12 -5.30
C LEU F 51 34.66 35.83 -3.97
N LYS F 52 34.00 36.98 -3.89
CA LYS F 52 33.95 37.73 -2.66
C LYS F 52 33.03 37.09 -1.60
N ILE F 53 32.22 36.13 -2.00
CA ILE F 53 31.35 35.48 -1.05
C ILE F 53 31.97 34.21 -0.53
N PRO F 54 32.12 34.10 0.77
CA PRO F 54 32.56 32.78 1.32
C PRO F 54 31.40 31.81 1.36
N HIS F 55 31.47 30.79 0.51
CA HIS F 55 30.40 29.85 0.30
C HIS F 55 30.44 28.70 1.32
N PHE F 56 29.31 28.49 2.00
CA PHE F 56 29.10 27.31 2.85
C PHE F 56 28.25 26.37 2.03
N GLY F 57 28.44 25.08 2.11
CA GLY F 57 27.59 24.23 1.31
C GLY F 57 26.97 23.26 2.26
N TYR F 58 25.72 22.91 2.05
CA TYR F 58 25.05 21.89 2.84
C TYR F 58 24.17 21.06 1.88
N CYS F 59 24.14 19.74 2.04
CA CYS F 59 23.41 18.86 1.13
C CYS F 59 22.51 17.91 1.87
N ASP F 60 21.44 17.50 1.21
CA ASP F 60 20.62 16.48 1.76
C ASP F 60 20.07 15.66 0.66
N GLU F 61 19.34 14.63 1.07
CA GLU F 61 18.57 13.85 0.11
C GLU F 61 17.12 13.98 0.48
N VAL F 62 16.28 13.96 -0.51
CA VAL F 62 14.87 14.12 -0.23
C VAL F 62 14.01 13.09 -0.95
N ASP F 63 13.00 12.58 -0.26
CA ASP F 63 12.21 11.47 -0.79
C ASP F 63 10.99 12.04 -1.49
N LEU F 64 11.08 12.11 -2.81
CA LEU F 64 10.01 12.68 -3.62
C LEU F 64 8.96 11.68 -4.15
N THR F 65 8.89 10.51 -3.51
CA THR F 65 8.01 9.45 -3.96
C THR F 65 6.59 9.96 -3.97
N GLU F 66 6.13 10.57 -2.88
CA GLU F 66 4.79 11.10 -2.85
C GLU F 66 4.59 12.21 -3.91
N LEU F 67 5.55 13.14 -3.98
CA LEU F 67 5.51 14.24 -4.96
C LEU F 67 5.34 13.75 -6.38
N VAL F 68 6.04 12.66 -6.70
CA VAL F 68 5.97 12.10 -8.02
C VAL F 68 4.54 11.61 -8.32
N LYS F 69 3.98 10.90 -7.35
CA LYS F 69 2.62 10.42 -7.47
C LYS F 69 1.73 11.67 -7.62
N LEU F 70 1.81 12.56 -6.65
CA LEU F 70 1.08 13.81 -6.67
C LEU F 70 0.99 14.46 -8.04
N ARG F 71 2.16 14.74 -8.60
CA ARG F 71 2.31 15.35 -9.92
C ARG F 71 1.78 14.51 -11.07
N GLU F 72 1.84 13.19 -10.93
CA GLU F 72 1.12 12.35 -11.93
C GLU F 72 -0.40 12.61 -11.96
N GLU F 73 -1.02 12.65 -10.79
CA GLU F 73 -2.46 12.91 -10.77
C GLU F 73 -2.80 14.36 -11.22
N LEU F 74 -1.87 15.30 -11.01
CA LEU F 74 -2.08 16.68 -11.49
C LEU F 74 -1.81 16.95 -13.00
N LYS F 75 -1.06 16.08 -13.65
CA LYS F 75 -0.64 16.42 -15.03
C LYS F 75 -1.78 16.73 -15.99
N PRO F 76 -2.85 15.89 -16.03
CA PRO F 76 -3.97 16.13 -16.96
C PRO F 76 -4.73 17.44 -16.72
N ILE F 77 -4.62 17.97 -15.52
CA ILE F 77 -5.36 19.17 -15.16
C ILE F 77 -4.54 20.32 -15.65
N ALA F 78 -3.22 20.20 -15.46
CA ALA F 78 -2.21 21.01 -16.13
C ALA F 78 -2.36 20.99 -17.66
N PHE F 79 -2.33 19.80 -18.25
CA PHE F 79 -2.56 19.71 -19.68
C PHE F 79 -3.90 20.37 -20.03
N ALA F 80 -4.99 19.93 -19.40
CA ALA F 80 -6.30 20.52 -19.70
C ALA F 80 -6.35 22.08 -19.63
N ARG F 81 -5.47 22.71 -18.84
CA ARG F 81 -5.42 24.19 -18.76
C ARG F 81 -4.35 24.87 -19.65
N GLY F 82 -3.63 24.10 -20.45
CA GLY F 82 -2.65 24.64 -21.39
C GLY F 82 -1.22 24.78 -20.87
N ILE F 83 -0.92 24.17 -19.71
CA ILE F 83 0.35 24.36 -18.97
C ILE F 83 1.16 23.05 -18.82
N LYS F 84 2.49 23.10 -18.98
CA LYS F 84 3.29 21.94 -18.62
C LYS F 84 3.66 22.05 -17.14
N LEU F 85 3.37 21.02 -16.36
CA LEU F 85 3.72 21.02 -14.95
C LEU F 85 4.83 20.05 -14.65
N SER F 86 5.99 20.66 -14.31
CA SER F 86 7.17 19.93 -13.88
C SER F 86 7.22 19.92 -12.34
N PHE F 87 8.33 19.49 -11.77
CA PHE F 87 8.55 19.62 -10.35
C PHE F 87 8.89 21.02 -9.91
N MET F 88 9.30 21.86 -10.84
CA MET F 88 9.83 23.16 -10.40
C MET F 88 8.82 23.99 -9.59
N PRO F 89 7.58 24.17 -10.06
CA PRO F 89 6.63 24.99 -9.33
C PRO F 89 6.50 24.50 -7.92
N PHE F 90 6.62 23.20 -7.70
CA PHE F 90 6.63 22.69 -6.30
C PHE F 90 7.84 23.11 -5.51
N PHE F 91 9.02 23.01 -6.13
CA PHE F 91 10.21 23.30 -5.43
C PHE F 91 10.10 24.77 -5.07
N LEU F 92 9.60 25.55 -6.01
CA LEU F 92 9.56 27.00 -5.84
C LEU F 92 8.61 27.42 -4.70
N LYS F 93 7.39 26.84 -4.66
CA LYS F 93 6.43 27.19 -3.63
C LYS F 93 6.97 26.81 -2.28
N ALA F 94 7.59 25.64 -2.21
CA ALA F 94 8.12 25.16 -0.95
C ALA F 94 9.27 26.07 -0.49
N ALA F 95 10.14 26.45 -1.41
CA ALA F 95 11.24 27.39 -1.13
C ALA F 95 10.69 28.68 -0.52
N SER F 96 9.66 29.21 -1.16
CA SER F 96 9.06 30.46 -0.72
C SER F 96 8.47 30.28 0.66
N LEU F 97 7.72 29.21 0.88
CA LEU F 97 7.16 29.00 2.20
C LEU F 97 8.25 28.88 3.24
N GLY F 98 9.37 28.31 2.85
CA GLY F 98 10.50 28.21 3.75
C GLY F 98 11.16 29.55 3.98
N LEU F 99 11.21 30.38 2.93
CA LEU F 99 11.87 31.66 3.06
C LEU F 99 11.10 32.58 3.99
N LEU F 100 9.77 32.36 4.10
CA LEU F 100 8.96 33.07 5.09
C LEU F 100 9.43 32.80 6.52
N GLN F 101 9.81 31.55 6.81
CA GLN F 101 10.33 31.20 8.09
C GLN F 101 11.78 31.63 8.26
N PHE F 102 12.57 31.66 7.18
CA PHE F 102 13.98 32.09 7.33
C PHE F 102 14.32 33.24 6.39
N PRO F 103 13.86 34.44 6.74
CA PRO F 103 13.93 35.51 5.75
C PRO F 103 15.37 35.96 5.47
N ILE F 104 16.31 35.56 6.32
CA ILE F 104 17.69 35.94 6.12
C ILE F 104 18.22 35.35 4.82
N LEU F 105 17.53 34.37 4.26
CA LEU F 105 18.01 33.73 3.05
C LEU F 105 17.51 34.45 1.79
N ASN F 106 16.63 35.44 1.98
CA ASN F 106 16.08 36.22 0.86
C ASN F 106 16.46 37.64 1.15
N ALA F 107 17.74 37.92 1.14
CA ALA F 107 18.28 39.16 1.70
C ALA F 107 19.54 39.46 0.95
N SER F 108 20.05 40.67 1.10
CA SER F 108 21.36 41.00 0.52
C SER F 108 22.23 41.66 1.51
N VAL F 109 23.49 41.68 1.16
CA VAL F 109 24.46 42.26 2.02
C VAL F 109 25.17 43.36 1.23
N ASP F 110 25.73 44.34 1.92
CA ASP F 110 26.42 45.45 1.24
C ASP F 110 27.92 45.26 1.11
N GLU F 111 28.61 46.23 0.51
CA GLU F 111 29.97 45.98 0.05
C GLU F 111 30.84 45.44 1.18
N ASN F 112 30.84 46.06 2.35
CA ASN F 112 31.67 45.49 3.44
C ASN F 112 30.94 44.67 4.49
N CYS F 113 29.70 44.29 4.16
CA CYS F 113 28.94 43.33 4.94
C CYS F 113 28.67 43.84 6.35
N GLN F 114 28.13 45.06 6.41
CA GLN F 114 27.86 45.71 7.68
C GLN F 114 26.37 45.92 7.86
N ASN F 115 25.62 45.84 6.78
CA ASN F 115 24.18 45.94 6.87
C ASN F 115 23.55 44.90 6.00
N ILE F 116 22.46 44.32 6.48
CA ILE F 116 21.68 43.33 5.72
C ILE F 116 20.37 43.96 5.29
N THR F 117 19.99 43.75 4.05
CA THR F 117 18.67 44.10 3.63
C THR F 117 17.87 42.81 3.40
N TYR F 118 16.84 42.60 4.25
CA TYR F 118 15.84 41.51 4.13
C TYR F 118 14.85 41.96 3.06
N LYS F 119 14.64 41.13 2.05
CA LYS F 119 13.81 41.55 0.96
C LYS F 119 12.47 40.86 1.06
N ALA F 120 11.42 41.62 0.76
CA ALA F 120 10.10 41.15 0.98
C ALA F 120 9.61 40.30 -0.16
N SER F 121 10.02 40.61 -1.37
CA SER F 121 9.52 39.87 -2.52
C SER F 121 10.30 38.57 -2.68
N HIS F 122 9.65 37.45 -2.96
CA HIS F 122 10.43 36.26 -3.26
C HIS F 122 10.55 36.17 -4.73
N ASN F 123 11.56 36.82 -5.32
CA ASN F 123 11.72 36.82 -6.80
C ASN F 123 12.75 35.78 -7.09
N ILE F 124 12.29 34.58 -7.49
CA ILE F 124 13.18 33.44 -7.39
C ILE F 124 13.68 33.10 -8.73
N GLY F 125 14.99 33.23 -8.91
CA GLY F 125 15.59 32.93 -10.21
C GLY F 125 15.62 31.45 -10.53
N ILE F 126 15.53 31.19 -11.84
CA ILE F 126 15.55 29.86 -12.44
C ILE F 126 16.76 29.78 -13.33
N ALA F 127 17.81 29.10 -12.92
CA ALA F 127 19.01 29.01 -13.79
C ALA F 127 18.52 28.30 -15.02
N MET F 128 18.67 28.92 -16.19
CA MET F 128 18.25 28.18 -17.37
C MET F 128 19.23 28.05 -18.50
N ASP F 129 19.22 26.85 -19.05
CA ASP F 129 20.13 26.51 -20.07
C ASP F 129 19.52 26.93 -21.43
N THR F 130 20.29 27.63 -22.25
CA THR F 130 19.85 27.91 -23.63
C THR F 130 20.92 27.46 -24.63
N GLU F 131 20.66 27.68 -25.91
CA GLU F 131 21.66 27.51 -26.94
C GLU F 131 22.65 28.68 -26.94
N GLN F 132 22.38 29.70 -26.15
CA GLN F 132 23.33 30.77 -25.90
C GLN F 132 23.98 30.68 -24.50
N GLY F 133 23.88 29.51 -23.88
CA GLY F 133 24.37 29.37 -22.56
C GLY F 133 23.41 29.84 -21.48
N LEU F 134 24.00 30.25 -20.36
CA LEU F 134 23.28 30.42 -19.11
C LEU F 134 22.62 31.75 -18.95
N ILE F 135 21.34 31.67 -18.60
CA ILE F 135 20.61 32.87 -18.26
C ILE F 135 19.71 32.66 -17.03
N VAL F 136 19.55 33.70 -16.24
CA VAL F 136 18.78 33.57 -14.99
C VAL F 136 17.58 34.51 -14.84
N PRO F 137 16.44 34.18 -15.47
CA PRO F 137 15.26 34.95 -15.22
C PRO F 137 14.66 34.51 -13.86
N ASN F 138 13.74 35.30 -13.32
CA ASN F 138 13.11 34.95 -12.06
C ASN F 138 11.58 35.08 -12.17
N VAL F 139 10.89 34.31 -11.33
CA VAL F 139 9.47 34.42 -11.11
C VAL F 139 9.23 35.43 -9.97
N LYS F 140 8.53 36.51 -10.28
CA LYS F 140 8.23 37.60 -9.36
C LYS F 140 7.22 37.23 -8.29
N ASN F 141 7.58 37.47 -7.03
CA ASN F 141 6.64 37.39 -5.89
C ASN F 141 6.05 36.01 -5.80
N VAL F 142 6.92 35.03 -5.72
CA VAL F 142 6.45 33.67 -5.57
C VAL F 142 5.52 33.56 -4.37
N GLN F 143 5.75 34.38 -3.33
CA GLN F 143 5.02 34.25 -2.08
C GLN F 143 3.53 34.57 -2.20
N ILE F 144 3.10 35.19 -3.29
CA ILE F 144 1.67 35.41 -3.48
C ILE F 144 1.16 34.62 -4.67
N ARG F 145 1.82 33.53 -5.06
CA ARG F 145 1.34 32.85 -6.25
C ARG F 145 1.07 31.40 -6.01
N SER F 146 0.14 30.82 -6.76
CA SER F 146 -0.19 29.43 -6.56
C SER F 146 0.78 28.59 -7.37
N ILE F 147 0.95 27.32 -7.02
CA ILE F 147 1.70 26.42 -7.89
C ILE F 147 1.27 26.62 -9.35
N PHE F 148 -0.01 26.62 -9.63
CA PHE F 148 -0.42 26.68 -11.01
C PHE F 148 0.07 27.97 -11.67
N GLU F 149 -0.13 29.09 -10.97
CA GLU F 149 0.47 30.38 -11.40
C GLU F 149 2.00 30.31 -11.65
N ILE F 150 2.69 29.53 -10.83
CA ILE F 150 4.11 29.44 -10.95
C ILE F 150 4.43 28.60 -12.16
N ALA F 151 3.67 27.54 -12.35
CA ALA F 151 3.87 26.70 -13.50
C ALA F 151 3.69 27.54 -14.75
N THR F 152 2.61 28.31 -14.78
CA THR F 152 2.33 29.25 -15.87
C THR F 152 3.50 30.24 -16.17
N GLU F 153 4.00 30.92 -15.14
CA GLU F 153 5.03 31.92 -15.35
C GLU F 153 6.35 31.22 -15.80
N LEU F 154 6.64 30.03 -15.22
CA LEU F 154 7.74 29.17 -15.68
C LEU F 154 7.67 28.94 -17.16
N ASN F 155 6.55 28.39 -17.63
CA ASN F 155 6.31 28.12 -19.04
C ASN F 155 6.59 29.35 -19.93
N ARG F 156 6.09 30.52 -19.51
CA ARG F 156 6.29 31.75 -20.25
C ARG F 156 7.79 32.03 -20.36
N LEU F 157 8.50 31.87 -19.23
CA LEU F 157 9.93 32.13 -19.21
C LEU F 157 10.76 31.15 -20.08
N GLN F 158 10.34 29.88 -20.14
CA GLN F 158 10.99 28.89 -20.99
C GLN F 158 10.74 29.18 -22.47
N LYS F 159 9.55 29.60 -22.83
CA LYS F 159 9.36 30.05 -24.18
C LYS F 159 10.21 31.27 -24.51
N LEU F 160 10.23 32.28 -23.65
CA LEU F 160 10.94 33.51 -24.02
C LEU F 160 12.43 33.24 -24.10
N GLY F 161 12.88 32.39 -23.17
CA GLY F 161 14.27 32.20 -22.91
C GLY F 161 14.91 31.47 -24.06
N SER F 162 14.26 30.41 -24.51
CA SER F 162 14.81 29.69 -25.63
C SER F 162 14.58 30.39 -26.99
N ALA F 163 13.92 31.55 -26.98
CA ALA F 163 13.80 32.37 -28.16
C ALA F 163 14.76 33.60 -28.17
N GLY F 164 15.52 33.79 -27.09
CA GLY F 164 16.28 35.05 -26.83
C GLY F 164 15.45 36.33 -26.59
N GLN F 165 14.23 36.16 -26.05
CA GLN F 165 13.33 37.29 -25.88
C GLN F 165 12.97 37.65 -24.43
N LEU F 166 13.79 37.27 -23.48
CA LEU F 166 13.48 37.60 -22.11
C LEU F 166 13.64 39.09 -21.97
N SER F 167 12.71 39.75 -21.30
CA SER F 167 12.85 41.21 -21.11
C SER F 167 13.85 41.54 -19.99
N THR F 168 14.23 42.81 -19.95
CA THR F 168 15.02 43.32 -18.87
C THR F 168 14.41 43.00 -17.51
N ASN F 169 13.13 43.33 -17.35
CA ASN F 169 12.38 43.03 -16.16
C ASN F 169 12.32 41.54 -15.74
N ASP F 170 12.26 40.61 -16.67
CA ASP F 170 12.31 39.19 -16.27
C ASP F 170 13.67 38.82 -15.71
N LEU F 171 14.70 39.57 -16.09
CA LEU F 171 16.09 39.29 -15.73
C LEU F 171 16.59 39.92 -14.42
N ILE F 172 15.86 40.93 -13.90
CA ILE F 172 16.30 41.71 -12.74
C ILE F 172 15.49 41.46 -11.48
N GLY F 173 16.06 41.94 -10.36
CA GLY F 173 15.45 41.87 -9.02
C GLY F 173 15.40 40.51 -8.32
N GLY F 174 16.27 39.58 -8.73
CA GLY F 174 16.30 38.25 -8.16
C GLY F 174 16.63 38.33 -6.69
N THR F 175 15.98 37.51 -5.86
CA THR F 175 16.31 37.56 -4.45
C THR F 175 16.97 36.26 -3.99
N PHE F 176 16.84 35.22 -4.83
CA PHE F 176 17.20 33.87 -4.46
C PHE F 176 17.10 33.04 -5.72
N THR F 177 17.89 31.98 -5.84
CA THR F 177 17.89 31.17 -7.06
C THR F 177 17.76 29.67 -6.83
N LEU F 178 17.10 28.99 -7.80
CA LEU F 178 17.14 27.53 -7.91
C LEU F 178 17.73 27.09 -9.21
N SER F 179 18.56 26.06 -9.16
CA SER F 179 19.18 25.57 -10.35
C SER F 179 18.84 24.10 -10.48
N ASN F 180 17.91 23.83 -11.38
CA ASN F 180 17.50 22.49 -11.68
C ASN F 180 18.42 21.77 -12.72
N ILE F 181 19.68 21.66 -12.35
CA ILE F 181 20.64 20.90 -13.14
C ILE F 181 20.20 19.45 -13.38
N GLY F 182 19.45 18.91 -12.45
CA GLY F 182 18.91 17.54 -12.54
C GLY F 182 18.08 17.28 -13.79
N SER F 183 17.68 18.36 -14.49
CA SER F 183 16.90 18.13 -15.70
C SER F 183 17.87 17.66 -16.76
N ILE F 184 19.18 17.82 -16.49
CA ILE F 184 20.18 17.31 -17.40
C ILE F 184 20.84 16.10 -16.78
N GLY F 185 21.20 16.18 -15.51
CA GLY F 185 21.88 15.05 -14.88
C GLY F 185 22.35 15.47 -13.51
N GLY F 186 22.89 14.53 -12.74
CA GLY F 186 23.58 14.88 -11.50
C GLY F 186 23.02 14.37 -10.16
N THR F 187 23.89 14.30 -9.15
CA THR F 187 23.43 14.04 -7.78
C THR F 187 23.66 15.30 -7.02
N TYR F 188 24.80 15.47 -6.36
CA TYR F 188 25.10 16.72 -5.63
C TYR F 188 25.81 17.75 -6.47
N ALA F 189 25.87 18.97 -5.97
CA ALA F 189 26.61 20.02 -6.70
C ALA F 189 27.16 21.06 -5.74
N LYS F 190 27.90 22.02 -6.26
CA LYS F 190 28.37 23.11 -5.43
C LYS F 190 28.11 24.33 -6.28
N PRO F 191 26.89 24.89 -6.21
CA PRO F 191 26.50 26.04 -7.04
C PRO F 191 27.02 27.30 -6.47
N VAL F 192 27.13 28.29 -7.34
CA VAL F 192 27.76 29.57 -7.04
C VAL F 192 26.63 30.62 -6.85
N ILE F 193 26.58 31.22 -5.67
CA ILE F 193 25.65 32.29 -5.38
C ILE F 193 25.85 33.40 -6.42
N LEU F 194 24.75 33.96 -6.90
CA LEU F 194 24.74 35.10 -7.84
C LEU F 194 24.58 36.37 -7.07
N PRO F 195 25.63 37.17 -6.92
CA PRO F 195 25.52 38.46 -6.21
C PRO F 195 24.45 39.30 -6.89
N PRO F 196 23.71 40.13 -6.11
CA PRO F 196 23.92 40.30 -4.67
C PRO F 196 23.02 39.44 -3.80
N GLU F 197 22.52 38.33 -4.33
CA GLU F 197 21.87 37.30 -3.47
C GLU F 197 22.81 36.64 -2.43
N VAL F 198 22.23 35.93 -1.45
CA VAL F 198 23.00 35.22 -0.44
C VAL F 198 22.84 33.69 -0.37
N ALA F 199 22.04 33.09 -1.25
CA ALA F 199 21.86 31.66 -1.24
C ALA F 199 21.39 31.16 -2.60
N ILE F 200 21.64 29.87 -2.87
CA ILE F 200 21.27 29.21 -4.12
C ILE F 200 21.17 27.68 -3.84
N GLY F 201 20.25 27.01 -4.51
CA GLY F 201 20.03 25.56 -4.37
C GLY F 201 20.12 24.87 -5.70
N ALA F 202 20.82 23.74 -5.71
CA ALA F 202 20.90 23.02 -6.94
C ALA F 202 20.25 21.66 -6.70
N LEU F 203 19.38 21.25 -7.60
CA LEU F 203 18.67 19.96 -7.54
C LEU F 203 19.21 18.95 -8.54
N GLY F 204 19.49 17.73 -8.06
CA GLY F 204 20.01 16.67 -8.88
C GLY F 204 18.89 15.87 -9.51
N THR F 205 19.25 14.87 -10.30
CA THR F 205 18.27 14.09 -11.00
C THR F 205 17.56 13.18 -9.99
N ILE F 206 16.25 13.09 -10.14
CA ILE F 206 15.41 12.17 -9.39
C ILE F 206 15.65 10.73 -9.85
N LYS F 207 16.07 9.88 -8.92
CA LYS F 207 16.41 8.50 -9.25
C LYS F 207 15.74 7.55 -8.25
N ALA F 208 15.39 6.38 -8.76
CA ALA F 208 14.82 5.34 -7.95
C ALA F 208 15.95 4.61 -7.21
N LEU F 209 15.94 4.65 -5.87
CA LEU F 209 16.92 3.98 -5.00
C LEU F 209 16.23 3.07 -3.97
N PRO F 210 16.91 1.98 -3.60
CA PRO F 210 16.47 1.14 -2.48
C PRO F 210 16.50 1.88 -1.14
N ARG F 211 15.34 2.09 -0.53
CA ARG F 211 15.31 2.69 0.80
C ARG F 211 14.38 1.92 1.74
N PHE F 212 14.55 2.13 3.04
CA PHE F 212 13.75 1.47 4.06
C PHE F 212 12.51 2.27 4.30
N ASN F 213 11.36 1.62 4.29
CA ASN F 213 10.14 2.26 4.85
C ASN F 213 10.05 2.13 6.38
N GLU F 214 8.94 2.63 6.91
CA GLU F 214 8.70 2.58 8.36
C GLU F 214 8.66 1.14 8.94
N LYS F 215 8.17 0.16 8.18
CA LYS F 215 8.18 -1.25 8.64
C LYS F 215 9.57 -1.91 8.58
N GLY F 216 10.57 -1.14 8.15
CA GLY F 216 11.90 -1.68 7.96
C GLY F 216 12.06 -2.50 6.67
N GLU F 217 11.16 -2.28 5.70
CA GLU F 217 11.19 -3.03 4.44
C GLU F 217 11.90 -2.23 3.35
N VAL F 218 12.40 -2.93 2.33
CA VAL F 218 13.13 -2.33 1.24
C VAL F 218 12.20 -1.89 0.13
N CYS F 219 12.18 -0.59 -0.14
CA CYS F 219 11.23 0.04 -1.05
C CYS F 219 11.89 0.67 -2.25
N LYS F 220 11.07 1.00 -3.23
CA LYS F 220 11.48 1.82 -4.34
C LYS F 220 11.15 3.21 -3.85
N ALA F 221 12.18 4.05 -3.68
CA ALA F 221 11.98 5.44 -3.34
C ALA F 221 12.55 6.31 -4.46
N GLN F 222 11.75 7.29 -4.91
CA GLN F 222 12.22 8.35 -5.80
C GLN F 222 13.06 9.38 -5.01
N ILE F 223 14.38 9.26 -5.06
CA ILE F 223 15.29 10.12 -4.28
C ILE F 223 15.86 11.27 -5.12
N MET F 224 15.82 12.46 -4.56
CA MET F 224 16.44 13.60 -5.20
C MET F 224 17.40 14.23 -4.20
N ASN F 225 18.55 14.63 -4.71
CA ASN F 225 19.53 15.32 -3.93
C ASN F 225 19.39 16.80 -4.08
N VAL F 226 19.56 17.47 -2.95
CA VAL F 226 19.65 18.90 -3.00
C VAL F 226 20.99 19.36 -2.43
N SER F 227 21.57 20.38 -3.08
CA SER F 227 22.77 21.06 -2.60
C SER F 227 22.49 22.56 -2.47
N TRP F 228 22.75 23.12 -1.28
CA TRP F 228 22.60 24.56 -1.06
C TRP F 228 23.95 25.22 -0.81
N SER F 229 24.11 26.45 -1.27
CA SER F 229 25.26 27.28 -0.93
C SER F 229 24.73 28.60 -0.38
N ALA F 230 25.43 29.12 0.61
CA ALA F 230 24.96 30.29 1.30
C ALA F 230 26.16 31.12 1.69
N ASP F 231 25.93 32.41 1.79
CA ASP F 231 26.93 33.40 2.21
C ASP F 231 27.19 33.27 3.71
N HIS F 232 28.27 32.58 4.04
CA HIS F 232 28.59 32.29 5.39
C HIS F 232 28.97 33.53 6.26
N ARG F 233 29.12 34.71 5.65
CA ARG F 233 29.36 35.91 6.45
C ARG F 233 28.17 36.21 7.38
N ILE F 234 26.96 36.01 6.84
CA ILE F 234 25.77 36.22 7.60
C ILE F 234 24.84 35.04 7.81
N ILE F 235 25.06 33.92 7.10
CA ILE F 235 24.22 32.75 7.27
C ILE F 235 24.99 31.61 7.85
N ASP F 236 24.44 30.99 8.90
CA ASP F 236 25.10 29.87 9.51
C ASP F 236 24.47 28.56 9.08
N GLY F 237 25.14 27.47 9.43
CA GLY F 237 24.78 26.17 8.92
C GLY F 237 23.47 25.68 9.47
N ALA F 238 23.23 25.97 10.73
CA ALA F 238 21.95 25.64 11.35
C ALA F 238 20.80 26.24 10.59
N THR F 239 20.90 27.53 10.25
CA THR F 239 19.86 28.22 9.51
C THR F 239 19.54 27.51 8.21
N VAL F 240 20.57 27.20 7.41
CA VAL F 240 20.32 26.49 6.13
C VAL F 240 19.65 25.11 6.32
N SER F 241 20.16 24.36 7.30
CA SER F 241 19.63 23.04 7.62
C SER F 241 18.17 23.09 8.04
N ARG F 242 17.87 24.00 8.93
CA ARG F 242 16.48 24.24 9.26
C ARG F 242 15.66 24.58 8.03
N PHE F 243 16.17 25.48 7.18
CA PHE F 243 15.43 25.91 6.01
C PHE F 243 15.25 24.67 5.13
N SER F 244 16.30 23.84 5.01
CA SER F 244 16.27 22.71 4.16
C SER F 244 15.29 21.68 4.71
N ASN F 245 15.42 21.33 5.98
CA ASN F 245 14.41 20.49 6.63
C ASN F 245 12.95 20.92 6.36
N LEU F 246 12.62 22.21 6.49
CA LEU F 246 11.20 22.65 6.25
C LEU F 246 10.78 22.36 4.80
N TRP F 247 11.63 22.80 3.88
CA TRP F 247 11.39 22.70 2.46
C TRP F 247 11.18 21.23 2.09
N LYS F 248 12.11 20.41 2.54
CA LYS F 248 12.03 18.99 2.42
C LYS F 248 10.70 18.51 2.99
N SER F 249 10.36 18.94 4.19
CA SER F 249 9.15 18.39 4.75
C SER F 249 7.96 18.75 3.84
N TYR F 250 7.95 19.95 3.22
CA TYR F 250 6.87 20.27 2.30
C TYR F 250 6.82 19.35 1.11
N LEU F 251 7.98 18.90 0.66
CA LEU F 251 8.00 18.06 -0.53
C LEU F 251 7.80 16.61 -0.16
N GLU F 252 8.25 16.21 1.03
CA GLU F 252 8.13 14.81 1.42
C GLU F 252 6.71 14.50 1.81
N ASN F 253 6.06 15.46 2.48
CA ASN F 253 4.61 15.40 2.76
C ASN F 253 3.88 16.65 2.23
N PRO F 254 3.51 16.65 0.94
CA PRO F 254 2.95 17.80 0.24
C PRO F 254 1.71 18.37 0.89
N ALA F 255 1.15 17.60 1.79
CA ALA F 255 -0.03 17.96 2.49
C ALA F 255 0.27 19.03 3.47
N PHE F 256 1.47 19.00 4.05
CA PHE F 256 1.82 19.98 5.03
C PHE F 256 1.76 21.38 4.40
N MET F 257 1.91 21.48 3.07
CA MET F 257 1.76 22.75 2.35
C MET F 257 0.35 23.28 2.35
N LEU F 258 -0.62 22.37 2.29
CA LEU F 258 -2.03 22.71 2.30
C LEU F 258 -2.45 23.57 3.50
N LEU F 259 -1.85 23.31 4.65
CA LEU F 259 -2.28 23.89 5.89
C LEU F 259 -2.32 25.45 5.90
N ASP F 260 -1.40 26.12 5.19
CA ASP F 260 -1.30 27.57 5.32
C ASP F 260 -1.48 28.34 4.04
N LEU F 261 -1.78 27.66 2.95
CA LEU F 261 -2.07 28.33 1.71
C LEU F 261 -3.53 28.77 1.64
N LYS F 262 -3.79 29.86 0.93
CA LYS F 262 -5.09 30.58 0.93
C LYS F 262 -5.79 30.61 -0.45
N GLY G 29 -9.81 -38.85 -70.59
CA GLY G 29 -9.90 -37.53 -71.30
C GLY G 29 -11.16 -37.35 -72.13
N LYS G 30 -11.86 -38.46 -72.41
CA LYS G 30 -13.14 -38.39 -73.14
C LYS G 30 -14.33 -39.00 -72.33
N ASP G 31 -15.51 -38.41 -72.55
CA ASP G 31 -16.79 -38.87 -71.97
C ASP G 31 -17.11 -40.28 -72.51
N ARG G 32 -17.67 -41.18 -71.70
CA ARG G 32 -18.13 -42.49 -72.21
C ARG G 32 -19.59 -42.73 -71.78
N THR G 33 -20.42 -43.14 -72.73
CA THR G 33 -21.81 -43.49 -72.46
C THR G 33 -21.98 -45.00 -72.47
N GLU G 34 -22.65 -45.49 -71.45
CA GLU G 34 -22.74 -46.90 -71.15
C GLU G 34 -24.18 -47.18 -70.81
N PRO G 35 -24.78 -48.28 -71.34
CA PRO G 35 -26.14 -48.56 -70.88
C PRO G 35 -26.22 -49.08 -69.45
N VAL G 36 -27.35 -48.85 -68.82
CA VAL G 36 -27.68 -49.45 -67.54
C VAL G 36 -28.22 -50.85 -67.87
N LYS G 37 -27.55 -51.88 -67.40
CA LYS G 37 -27.93 -53.25 -67.80
C LYS G 37 -28.08 -54.20 -66.63
N GLY G 38 -28.60 -55.38 -66.94
CA GLY G 38 -28.69 -56.48 -65.99
C GLY G 38 -29.44 -56.17 -64.71
N PHE G 39 -28.80 -56.50 -63.59
CA PHE G 39 -29.36 -56.26 -62.26
C PHE G 39 -29.48 -54.77 -61.93
N HIS G 40 -28.54 -53.97 -62.43
CA HIS G 40 -28.54 -52.53 -62.16
C HIS G 40 -29.81 -51.81 -62.60
N LYS G 41 -30.62 -52.46 -63.45
CA LYS G 41 -31.96 -51.99 -63.83
C LYS G 41 -32.98 -52.03 -62.66
N ALA G 42 -32.72 -52.87 -61.66
CA ALA G 42 -33.66 -53.05 -60.57
C ALA G 42 -33.79 -51.81 -59.70
N MET G 43 -32.61 -51.29 -59.30
CA MET G 43 -32.42 -50.08 -58.47
C MET G 43 -33.06 -48.86 -59.16
N VAL G 44 -32.92 -48.75 -60.48
CA VAL G 44 -33.57 -47.70 -61.21
C VAL G 44 -35.07 -47.77 -60.93
N LYS G 45 -35.65 -48.97 -61.05
CA LYS G 45 -37.11 -49.15 -60.96
C LYS G 45 -37.61 -48.92 -59.55
N THR G 46 -36.92 -49.53 -58.56
CA THR G 46 -37.24 -49.37 -57.14
C THR G 46 -37.18 -47.89 -56.65
N MET G 47 -36.04 -47.24 -56.90
CA MET G 47 -35.89 -45.84 -56.53
C MET G 47 -36.86 -44.93 -57.33
N SER G 48 -37.21 -45.27 -58.58
CA SER G 48 -38.21 -44.48 -59.27
C SER G 48 -39.54 -44.59 -58.55
N ALA G 49 -39.84 -45.80 -58.05
CA ALA G 49 -41.16 -45.99 -57.47
C ALA G 49 -41.24 -45.27 -56.11
N ALA G 50 -40.12 -45.20 -55.40
CA ALA G 50 -40.09 -44.50 -54.12
C ALA G 50 -40.43 -43.03 -54.24
N LEU G 51 -40.25 -42.45 -55.43
CA LEU G 51 -40.68 -41.04 -55.66
C LEU G 51 -42.13 -40.78 -55.33
N LYS G 52 -42.98 -41.79 -55.45
CA LYS G 52 -44.37 -41.64 -55.05
C LYS G 52 -44.55 -41.64 -53.54
N ILE G 53 -43.51 -41.94 -52.76
CA ILE G 53 -43.60 -41.85 -51.30
C ILE G 53 -43.11 -40.52 -50.73
N PRO G 54 -43.99 -39.80 -50.02
CA PRO G 54 -43.54 -38.62 -49.25
C PRO G 54 -42.75 -39.02 -48.00
N HIS G 55 -41.42 -38.87 -48.05
CA HIS G 55 -40.58 -39.33 -46.99
C HIS G 55 -40.52 -38.27 -45.89
N PHE G 56 -40.69 -38.71 -44.66
CA PHE G 56 -40.49 -37.90 -43.49
C PHE G 56 -39.23 -38.50 -42.90
N GLY G 57 -38.32 -37.69 -42.39
CA GLY G 57 -37.13 -38.22 -41.78
C GLY G 57 -37.10 -37.82 -40.35
N TYR G 58 -36.54 -38.70 -39.51
CA TYR G 58 -36.36 -38.43 -38.10
C TYR G 58 -35.03 -39.06 -37.62
N CYS G 59 -34.29 -38.33 -36.78
CA CYS G 59 -32.95 -38.81 -36.39
C CYS G 59 -32.74 -38.76 -34.92
N ASP G 60 -31.78 -39.52 -34.44
CA ASP G 60 -31.45 -39.53 -33.06
C ASP G 60 -30.07 -40.08 -32.88
N GLU G 61 -29.53 -39.94 -31.68
CA GLU G 61 -28.24 -40.50 -31.35
C GLU G 61 -28.51 -41.44 -30.23
N VAL G 62 -27.84 -42.58 -30.25
CA VAL G 62 -28.09 -43.71 -29.36
C VAL G 62 -26.77 -43.95 -28.64
N ASP G 63 -26.82 -44.23 -27.34
CA ASP G 63 -25.61 -44.42 -26.57
C ASP G 63 -25.35 -45.89 -26.49
N LEU G 64 -24.38 -46.36 -27.24
CA LEU G 64 -24.20 -47.80 -27.33
C LEU G 64 -23.13 -48.36 -26.39
N THR G 65 -22.69 -47.56 -25.43
CA THR G 65 -21.58 -47.93 -24.56
C THR G 65 -21.83 -49.27 -23.83
N GLU G 66 -23.05 -49.49 -23.32
CA GLU G 66 -23.36 -50.77 -22.74
C GLU G 66 -23.40 -51.86 -23.80
N LEU G 67 -24.02 -51.58 -24.95
CA LEU G 67 -24.05 -52.62 -25.99
C LEU G 67 -22.67 -53.04 -26.47
N VAL G 68 -21.77 -52.07 -26.60
CA VAL G 68 -20.43 -52.36 -27.03
C VAL G 68 -19.81 -53.36 -26.07
N LYS G 69 -19.88 -53.07 -24.78
CA LYS G 69 -19.30 -53.94 -23.77
C LYS G 69 -20.02 -55.28 -23.84
N LEU G 70 -21.34 -55.24 -23.85
CA LEU G 70 -22.13 -56.44 -23.90
C LEU G 70 -21.78 -57.32 -25.09
N ARG G 71 -21.46 -56.73 -26.25
CA ARG G 71 -21.10 -57.52 -27.44
C ARG G 71 -19.75 -58.19 -27.31
N GLU G 72 -18.81 -57.49 -26.72
CA GLU G 72 -17.54 -58.08 -26.35
C GLU G 72 -17.68 -59.29 -25.42
N GLU G 73 -18.54 -59.18 -24.41
CA GLU G 73 -18.75 -60.31 -23.54
C GLU G 73 -19.23 -61.53 -24.32
N LEU G 74 -20.09 -61.31 -25.32
CA LEU G 74 -20.64 -62.39 -26.12
C LEU G 74 -19.77 -62.84 -27.28
N LYS G 75 -18.84 -61.99 -27.70
CA LYS G 75 -18.02 -62.34 -28.86
C LYS G 75 -17.46 -63.74 -28.73
N PRO G 76 -16.70 -64.04 -27.66
CA PRO G 76 -16.18 -65.41 -27.48
C PRO G 76 -17.18 -66.57 -27.65
N ILE G 77 -18.44 -66.38 -27.27
CA ILE G 77 -19.42 -67.47 -27.28
C ILE G 77 -19.93 -67.75 -28.69
N ALA G 78 -20.12 -66.68 -29.46
CA ALA G 78 -20.57 -66.80 -30.84
C ALA G 78 -19.48 -67.37 -31.69
N PHE G 79 -18.25 -66.93 -31.47
CA PHE G 79 -17.20 -67.45 -32.32
C PHE G 79 -17.04 -68.92 -32.02
N ALA G 80 -17.17 -69.28 -30.75
CA ALA G 80 -17.11 -70.65 -30.31
C ALA G 80 -18.26 -71.48 -30.86
N ARG G 81 -19.27 -70.84 -31.40
CA ARG G 81 -20.33 -71.59 -32.07
C ARG G 81 -20.26 -71.41 -33.57
N GLY G 82 -19.24 -70.71 -34.07
CA GLY G 82 -19.01 -70.47 -35.52
C GLY G 82 -19.83 -69.35 -36.18
N ILE G 83 -20.16 -68.34 -35.40
CA ILE G 83 -20.90 -67.19 -35.85
C ILE G 83 -20.10 -65.88 -35.59
N LYS G 84 -19.98 -65.05 -36.60
CA LYS G 84 -19.51 -63.69 -36.39
C LYS G 84 -20.70 -62.90 -35.87
N LEU G 85 -20.56 -62.31 -34.70
CA LEU G 85 -21.66 -61.57 -34.10
C LEU G 85 -21.33 -60.09 -34.17
N SER G 86 -21.96 -59.36 -35.10
CA SER G 86 -21.80 -57.90 -35.17
C SER G 86 -22.87 -57.21 -34.25
N PHE G 87 -23.12 -55.91 -34.41
CA PHE G 87 -24.22 -55.23 -33.77
C PHE G 87 -25.54 -55.49 -34.48
N MET G 88 -25.50 -55.88 -35.76
CA MET G 88 -26.75 -55.95 -36.50
C MET G 88 -27.81 -56.82 -35.88
N PRO G 89 -27.43 -58.01 -35.39
CA PRO G 89 -28.49 -58.85 -34.79
C PRO G 89 -29.20 -58.19 -33.61
N PHE G 90 -28.50 -57.37 -32.85
CA PHE G 90 -29.16 -56.59 -31.78
C PHE G 90 -30.04 -55.47 -32.33
N PHE G 91 -29.64 -54.86 -33.45
CA PHE G 91 -30.44 -53.80 -34.01
C PHE G 91 -31.71 -54.45 -34.50
N LEU G 92 -31.60 -55.62 -35.12
CA LEU G 92 -32.76 -56.26 -35.72
C LEU G 92 -33.73 -56.76 -34.68
N LYS G 93 -33.22 -57.44 -33.66
CA LYS G 93 -34.12 -57.95 -32.63
C LYS G 93 -34.83 -56.77 -32.00
N ALA G 94 -34.10 -55.70 -31.73
CA ALA G 94 -34.71 -54.54 -31.06
C ALA G 94 -35.75 -53.85 -31.98
N ALA G 95 -35.43 -53.79 -33.26
CA ALA G 95 -36.36 -53.27 -34.24
C ALA G 95 -37.63 -54.12 -34.21
N SER G 96 -37.49 -55.42 -34.25
CA SER G 96 -38.68 -56.27 -34.30
C SER G 96 -39.55 -56.12 -33.02
N LEU G 97 -38.91 -56.06 -31.87
CA LEU G 97 -39.70 -55.83 -30.68
C LEU G 97 -40.42 -54.45 -30.82
N GLY G 98 -39.75 -53.48 -31.44
CA GLY G 98 -40.35 -52.19 -31.70
C GLY G 98 -41.60 -52.35 -32.52
N LEU G 99 -41.49 -53.15 -33.59
CA LEU G 99 -42.57 -53.21 -34.55
C LEU G 99 -43.81 -53.92 -34.00
N LEU G 100 -43.62 -54.76 -32.98
CA LEU G 100 -44.76 -55.37 -32.31
C LEU G 100 -45.62 -54.26 -31.67
N GLN G 101 -44.97 -53.28 -31.00
CA GLN G 101 -45.65 -52.12 -30.42
C GLN G 101 -46.14 -51.14 -31.47
N PHE G 102 -45.52 -51.10 -32.64
CA PHE G 102 -45.96 -50.13 -33.65
C PHE G 102 -46.20 -50.73 -35.01
N PRO G 103 -47.21 -51.58 -35.12
CA PRO G 103 -47.26 -52.44 -36.30
C PRO G 103 -47.39 -51.67 -37.61
N ILE G 104 -47.81 -50.41 -37.56
CA ILE G 104 -47.96 -49.68 -38.81
C ILE G 104 -46.62 -49.45 -39.54
N LEU G 105 -45.49 -49.52 -38.85
CA LEU G 105 -44.23 -49.45 -39.52
C LEU G 105 -43.91 -50.72 -40.33
N ASN G 106 -44.68 -51.81 -40.12
CA ASN G 106 -44.40 -53.08 -40.81
C ASN G 106 -45.60 -53.39 -41.67
N ALA G 107 -45.92 -52.47 -42.57
CA ALA G 107 -47.18 -52.46 -43.31
C ALA G 107 -46.96 -51.99 -44.76
N SER G 108 -48.01 -52.01 -45.57
CA SER G 108 -48.01 -51.47 -46.94
C SER G 108 -49.33 -50.76 -47.17
N VAL G 109 -49.32 -49.89 -48.18
CA VAL G 109 -50.51 -49.19 -48.62
C VAL G 109 -50.66 -49.61 -50.06
N ASP G 110 -51.83 -49.41 -50.66
CA ASP G 110 -52.04 -49.79 -52.04
C ASP G 110 -51.78 -48.60 -52.95
N GLU G 111 -52.02 -48.79 -54.26
CA GLU G 111 -51.73 -47.72 -55.23
C GLU G 111 -52.19 -46.33 -54.77
N ASN G 112 -53.47 -46.14 -54.46
CA ASN G 112 -53.94 -44.79 -54.09
C ASN G 112 -53.96 -44.50 -52.59
N CYS G 113 -53.37 -45.41 -51.83
CA CYS G 113 -53.25 -45.23 -50.39
C CYS G 113 -54.61 -45.13 -49.69
N GLN G 114 -55.55 -45.96 -50.11
CA GLN G 114 -56.79 -46.07 -49.35
C GLN G 114 -56.87 -47.29 -48.44
N ASN G 115 -55.89 -48.17 -48.50
CA ASN G 115 -55.87 -49.34 -47.65
C ASN G 115 -54.49 -49.68 -47.10
N ILE G 116 -54.40 -49.84 -45.79
CA ILE G 116 -53.17 -50.29 -45.14
C ILE G 116 -53.29 -51.81 -44.93
N THR G 117 -52.22 -52.54 -45.25
CA THR G 117 -52.10 -53.94 -44.87
C THR G 117 -50.96 -54.10 -43.85
N TYR G 118 -51.32 -54.50 -42.61
CA TYR G 118 -50.35 -54.72 -41.53
C TYR G 118 -49.81 -56.13 -41.68
N LYS G 119 -48.49 -56.26 -41.67
CA LYS G 119 -47.89 -57.53 -41.95
C LYS G 119 -47.42 -58.20 -40.66
N ALA G 120 -47.89 -59.42 -40.45
CA ALA G 120 -47.51 -60.24 -39.30
C ALA G 120 -46.03 -60.56 -39.31
N SER G 121 -45.49 -61.01 -40.45
CA SER G 121 -44.07 -61.39 -40.55
C SER G 121 -43.09 -60.20 -40.47
N HIS G 122 -42.15 -60.16 -39.51
CA HIS G 122 -41.09 -59.17 -39.66
C HIS G 122 -39.94 -59.69 -40.53
N ASN G 123 -40.06 -59.53 -41.84
CA ASN G 123 -39.01 -59.89 -42.76
C ASN G 123 -38.18 -58.64 -42.99
N ILE G 124 -37.06 -58.53 -42.29
CA ILE G 124 -36.33 -57.27 -42.21
C ILE G 124 -35.19 -57.29 -43.19
N GLY G 125 -35.30 -56.49 -44.25
CA GLY G 125 -34.23 -56.40 -45.24
C GLY G 125 -32.96 -55.85 -44.66
N ILE G 126 -31.83 -56.33 -45.18
CA ILE G 126 -30.52 -55.91 -44.76
C ILE G 126 -29.93 -55.35 -46.03
N ALA G 127 -29.79 -54.03 -46.10
CA ALA G 127 -29.16 -53.38 -47.29
C ALA G 127 -27.74 -53.89 -47.34
N MET G 128 -27.30 -54.47 -48.44
CA MET G 128 -25.92 -54.88 -48.39
C MET G 128 -25.06 -54.56 -49.56
N ASP G 129 -23.87 -54.09 -49.19
CA ASP G 129 -22.85 -53.73 -50.14
C ASP G 129 -22.17 -54.97 -50.67
N THR G 130 -22.26 -55.18 -51.98
CA THR G 130 -21.50 -56.23 -52.66
C THR G 130 -20.74 -55.66 -53.84
N GLU G 131 -19.90 -56.49 -54.43
CA GLU G 131 -19.13 -56.09 -55.61
C GLU G 131 -19.96 -55.96 -56.90
N GLN G 132 -21.19 -56.46 -56.89
CA GLN G 132 -22.15 -56.14 -57.97
C GLN G 132 -23.08 -54.95 -57.58
N GLY G 133 -22.76 -54.23 -56.52
CA GLY G 133 -23.60 -53.12 -56.12
C GLY G 133 -24.57 -53.56 -55.06
N LEU G 134 -25.62 -52.76 -54.90
CA LEU G 134 -26.50 -52.86 -53.77
C LEU G 134 -27.45 -54.02 -53.94
N ILE G 135 -27.66 -54.76 -52.87
CA ILE G 135 -28.66 -55.80 -52.85
C ILE G 135 -29.27 -55.84 -51.44
N VAL G 136 -30.54 -56.24 -51.38
CA VAL G 136 -31.31 -56.24 -50.11
C VAL G 136 -32.02 -57.58 -49.84
N PRO G 137 -31.34 -58.55 -49.24
CA PRO G 137 -32.13 -59.70 -48.89
C PRO G 137 -32.66 -59.46 -47.49
N ASN G 138 -33.52 -60.32 -46.99
CA ASN G 138 -34.09 -60.10 -45.66
C ASN G 138 -34.03 -61.33 -44.81
N VAL G 139 -34.00 -61.13 -43.50
CA VAL G 139 -34.06 -62.21 -42.53
C VAL G 139 -35.52 -62.43 -42.25
N LYS G 140 -36.04 -63.60 -42.60
CA LYS G 140 -37.48 -63.90 -42.48
C LYS G 140 -37.82 -64.06 -41.02
N ASN G 141 -39.03 -63.64 -40.65
CA ASN G 141 -39.63 -63.86 -39.33
C ASN G 141 -38.78 -63.56 -38.09
N VAL G 142 -38.17 -62.38 -38.12
CA VAL G 142 -37.22 -61.99 -37.06
C VAL G 142 -37.88 -62.10 -35.69
N GLN G 143 -39.20 -61.97 -35.68
CA GLN G 143 -39.97 -61.90 -34.42
C GLN G 143 -40.02 -63.26 -33.72
N ILE G 144 -39.73 -64.36 -34.43
CA ILE G 144 -39.68 -65.65 -33.77
C ILE G 144 -38.25 -66.20 -33.66
N ARG G 145 -37.27 -65.30 -33.77
CA ARG G 145 -35.87 -65.70 -33.75
C ARG G 145 -35.03 -65.09 -32.59
N SER G 146 -34.02 -65.81 -32.10
CA SER G 146 -33.10 -65.24 -31.11
C SER G 146 -32.03 -64.35 -31.74
N ILE G 147 -31.37 -63.55 -30.92
CA ILE G 147 -30.23 -62.76 -31.36
C ILE G 147 -29.19 -63.65 -32.00
N PHE G 148 -29.05 -64.88 -31.50
CA PHE G 148 -28.12 -65.83 -32.10
C PHE G 148 -28.59 -66.34 -33.46
N GLU G 149 -29.85 -66.75 -33.56
CA GLU G 149 -30.33 -67.32 -34.79
C GLU G 149 -30.26 -66.26 -35.85
N ILE G 150 -30.52 -65.01 -35.45
CA ILE G 150 -30.47 -63.90 -36.38
C ILE G 150 -29.05 -63.72 -36.90
N ALA G 151 -28.07 -63.76 -36.01
CA ALA G 151 -26.68 -63.64 -36.43
C ALA G 151 -26.34 -64.71 -37.48
N THR G 152 -26.76 -65.93 -37.19
CA THR G 152 -26.56 -67.07 -38.09
C THR G 152 -27.09 -66.80 -39.48
N GLU G 153 -28.30 -66.25 -39.55
CA GLU G 153 -28.97 -66.07 -40.82
C GLU G 153 -28.27 -64.94 -41.60
N LEU G 154 -27.75 -63.97 -40.86
CA LEU G 154 -27.08 -62.82 -41.41
C LEU G 154 -25.76 -63.28 -41.98
N ASN G 155 -25.09 -64.11 -41.18
CA ASN G 155 -23.83 -64.68 -41.56
C ASN G 155 -24.03 -65.42 -42.89
N ARG G 156 -25.11 -66.21 -42.95
CA ARG G 156 -25.45 -66.98 -44.15
C ARG G 156 -25.68 -66.00 -45.33
N LEU G 157 -26.46 -64.95 -45.08
CA LEU G 157 -26.74 -64.02 -46.14
C LEU G 157 -25.50 -63.21 -46.60
N GLN G 158 -24.61 -62.82 -45.67
CA GLN G 158 -23.30 -62.24 -46.03
C GLN G 158 -22.42 -63.15 -46.99
N LYS G 159 -22.40 -64.46 -46.78
CA LYS G 159 -21.56 -65.26 -47.61
C LYS G 159 -22.14 -65.36 -49.02
N LEU G 160 -23.45 -65.62 -49.12
CA LEU G 160 -24.10 -65.66 -50.40
C LEU G 160 -23.99 -64.29 -51.11
N GLY G 161 -24.32 -63.21 -50.40
CA GLY G 161 -24.23 -61.90 -51.00
C GLY G 161 -22.89 -61.61 -51.63
N SER G 162 -21.81 -61.82 -50.87
CA SER G 162 -20.49 -61.52 -51.35
C SER G 162 -20.02 -62.48 -52.45
N ALA G 163 -20.83 -63.49 -52.76
CA ALA G 163 -20.46 -64.43 -53.79
C ALA G 163 -21.46 -64.36 -54.94
N GLY G 164 -22.43 -63.44 -54.86
CA GLY G 164 -23.42 -63.26 -55.94
C GLY G 164 -24.44 -64.40 -56.04
N GLN G 165 -24.75 -65.03 -54.91
CA GLN G 165 -25.57 -66.22 -54.95
C GLN G 165 -26.85 -66.16 -54.10
N LEU G 166 -27.23 -64.97 -53.65
CA LEU G 166 -28.56 -64.82 -53.06
C LEU G 166 -29.64 -65.34 -54.06
N SER G 167 -30.55 -66.16 -53.56
CA SER G 167 -31.66 -66.69 -54.34
C SER G 167 -32.86 -65.75 -54.27
N THR G 168 -33.87 -66.00 -55.10
CA THR G 168 -35.09 -65.21 -55.18
C THR G 168 -35.74 -65.11 -53.80
N ASN G 169 -35.78 -66.24 -53.12
CA ASN G 169 -36.43 -66.27 -51.86
C ASN G 169 -35.74 -65.37 -50.80
N ASP G 170 -34.41 -65.31 -50.79
CA ASP G 170 -33.77 -64.40 -49.85
C ASP G 170 -34.16 -62.96 -50.21
N LEU G 171 -34.49 -62.76 -51.49
CA LEU G 171 -34.76 -61.43 -52.01
C LEU G 171 -36.19 -60.88 -51.86
N ILE G 172 -37.21 -61.74 -51.73
CA ILE G 172 -38.59 -61.24 -51.64
C ILE G 172 -39.15 -61.17 -50.21
N GLY G 173 -40.35 -60.59 -50.15
CA GLY G 173 -41.16 -60.56 -48.95
C GLY G 173 -40.75 -59.56 -47.91
N GLY G 174 -39.75 -58.70 -48.21
CA GLY G 174 -39.23 -57.76 -47.22
C GLY G 174 -40.38 -56.95 -46.66
N THR G 175 -40.38 -56.69 -45.35
CA THR G 175 -41.41 -55.81 -44.80
C THR G 175 -40.90 -54.49 -44.22
N PHE G 176 -39.60 -54.37 -44.04
CA PHE G 176 -39.02 -53.28 -43.29
C PHE G 176 -37.54 -53.42 -43.55
N THR G 177 -36.78 -52.34 -43.53
CA THR G 177 -35.36 -52.48 -43.85
C THR G 177 -34.51 -51.68 -42.90
N LEU G 178 -33.41 -52.32 -42.48
CA LEU G 178 -32.27 -51.65 -41.90
C LEU G 178 -31.06 -51.50 -42.87
N SER G 179 -30.45 -50.31 -42.85
CA SER G 179 -29.26 -50.00 -43.66
C SER G 179 -28.07 -49.57 -42.81
N ASN G 180 -27.21 -50.54 -42.49
CA ASN G 180 -26.02 -50.28 -41.70
C ASN G 180 -24.88 -49.70 -42.54
N ILE G 181 -25.14 -48.57 -43.17
CA ILE G 181 -24.09 -47.82 -43.85
C ILE G 181 -22.89 -47.53 -42.97
N GLY G 182 -23.10 -47.60 -41.66
CA GLY G 182 -22.05 -47.22 -40.73
C GLY G 182 -20.88 -48.20 -40.70
N SER G 183 -21.09 -49.41 -41.23
CA SER G 183 -19.97 -50.35 -41.40
C SER G 183 -18.96 -49.76 -42.37
N ILE G 184 -19.36 -48.79 -43.17
CA ILE G 184 -18.36 -48.15 -44.03
C ILE G 184 -18.02 -46.77 -43.51
N GLY G 185 -19.05 -46.05 -43.08
CA GLY G 185 -18.91 -44.70 -42.48
C GLY G 185 -20.25 -44.01 -42.32
N GLY G 186 -20.23 -42.77 -41.81
CA GLY G 186 -21.40 -41.88 -41.81
C GLY G 186 -21.82 -41.46 -40.39
N THR G 187 -22.52 -40.34 -40.31
CA THR G 187 -23.22 -40.04 -39.13
C THR G 187 -24.70 -40.23 -39.43
N TYR G 188 -25.35 -39.19 -39.91
CA TYR G 188 -26.76 -39.21 -40.26
C TYR G 188 -26.93 -39.48 -41.77
N ALA G 189 -28.15 -39.83 -42.18
CA ALA G 189 -28.41 -40.21 -43.57
C ALA G 189 -29.82 -39.87 -44.05
N LYS G 190 -30.10 -39.95 -45.33
CA LYS G 190 -31.53 -39.90 -45.75
C LYS G 190 -31.83 -41.09 -46.64
N PRO G 191 -32.16 -42.24 -46.03
CA PRO G 191 -32.43 -43.49 -46.74
C PRO G 191 -33.73 -43.40 -47.45
N VAL G 192 -33.79 -44.09 -48.57
CA VAL G 192 -34.98 -44.10 -49.36
C VAL G 192 -35.70 -45.38 -49.04
N ILE G 193 -36.99 -45.25 -48.78
CA ILE G 193 -37.87 -46.37 -48.56
C ILE G 193 -37.97 -47.20 -49.81
N LEU G 194 -38.01 -48.52 -49.61
CA LEU G 194 -38.17 -49.55 -50.67
C LEU G 194 -39.60 -50.00 -50.89
N PRO G 195 -40.30 -49.51 -51.92
CA PRO G 195 -41.69 -50.01 -52.02
C PRO G 195 -41.75 -51.54 -52.04
N PRO G 196 -42.85 -52.15 -51.56
CA PRO G 196 -44.04 -51.51 -50.99
C PRO G 196 -43.95 -51.35 -49.47
N GLU G 197 -42.72 -51.41 -48.93
CA GLU G 197 -42.45 -51.01 -47.55
C GLU G 197 -42.83 -49.53 -47.27
N VAL G 198 -42.72 -49.09 -46.01
CA VAL G 198 -43.16 -47.78 -45.59
C VAL G 198 -42.18 -47.14 -44.58
N ALA G 199 -41.17 -47.90 -44.13
CA ALA G 199 -40.14 -47.33 -43.30
C ALA G 199 -38.77 -48.03 -43.47
N ILE G 200 -37.69 -47.30 -43.19
CA ILE G 200 -36.31 -47.76 -43.33
C ILE G 200 -35.50 -46.99 -42.33
N GLY G 201 -34.45 -47.61 -41.78
CA GLY G 201 -33.58 -46.89 -40.84
C GLY G 201 -32.14 -47.11 -41.29
N ALA G 202 -31.33 -46.06 -41.22
CA ALA G 202 -29.92 -46.15 -41.52
C ALA G 202 -29.15 -45.88 -40.26
N LEU G 203 -28.03 -46.60 -40.04
CA LEU G 203 -27.21 -46.44 -38.82
C LEU G 203 -25.83 -45.94 -39.15
N GLY G 204 -25.35 -44.94 -38.43
CA GLY G 204 -24.03 -44.38 -38.72
C GLY G 204 -22.93 -45.14 -38.01
N THR G 205 -21.70 -44.65 -38.12
CA THR G 205 -20.57 -45.32 -37.55
C THR G 205 -20.61 -45.00 -36.07
N ILE G 206 -20.51 -46.03 -35.24
CA ILE G 206 -20.32 -45.94 -33.79
C ILE G 206 -18.94 -45.31 -33.50
N LYS G 207 -18.92 -44.26 -32.70
CA LYS G 207 -17.85 -43.27 -32.72
C LYS G 207 -17.76 -42.82 -31.26
N ALA G 208 -16.56 -42.78 -30.69
CA ALA G 208 -16.46 -42.39 -29.30
C ALA G 208 -16.54 -40.87 -29.21
N LEU G 209 -17.48 -40.36 -28.42
CA LEU G 209 -17.59 -38.90 -28.21
C LEU G 209 -17.69 -38.52 -26.72
N PRO G 210 -17.27 -37.31 -26.35
CA PRO G 210 -17.51 -36.82 -24.98
C PRO G 210 -19.00 -36.63 -24.61
N ARG G 211 -19.49 -37.37 -23.63
CA ARG G 211 -20.87 -37.15 -23.16
C ARG G 211 -20.98 -37.08 -21.64
N PHE G 212 -21.91 -36.27 -21.15
CA PHE G 212 -22.09 -36.18 -19.73
C PHE G 212 -22.75 -37.45 -19.22
N ASN G 213 -22.20 -37.95 -18.10
CA ASN G 213 -22.82 -39.06 -17.38
C ASN G 213 -23.82 -38.51 -16.34
N GLU G 214 -24.37 -39.40 -15.52
CA GLU G 214 -25.33 -39.02 -14.49
C GLU G 214 -24.81 -37.97 -13.51
N LYS G 215 -23.50 -38.00 -13.23
CA LYS G 215 -22.90 -37.11 -12.23
C LYS G 215 -22.56 -35.71 -12.77
N GLY G 216 -22.74 -35.52 -14.07
CA GLY G 216 -22.25 -34.31 -14.73
C GLY G 216 -20.79 -34.46 -15.06
N GLU G 217 -20.27 -35.70 -15.00
CA GLU G 217 -18.89 -35.96 -15.41
C GLU G 217 -18.90 -36.15 -16.91
N VAL G 218 -17.79 -35.78 -17.54
CA VAL G 218 -17.53 -36.15 -18.94
C VAL G 218 -17.04 -37.61 -19.01
N CYS G 219 -17.34 -38.32 -20.08
CA CYS G 219 -16.67 -39.58 -20.27
C CYS G 219 -16.70 -40.06 -21.72
N LYS G 220 -16.09 -41.23 -21.96
CA LYS G 220 -15.91 -41.78 -23.29
C LYS G 220 -17.20 -42.45 -23.58
N ALA G 221 -18.04 -41.85 -24.40
CA ALA G 221 -19.29 -42.52 -24.77
C ALA G 221 -19.27 -43.04 -26.21
N GLN G 222 -19.75 -44.28 -26.39
CA GLN G 222 -19.83 -44.87 -27.74
C GLN G 222 -21.16 -44.51 -28.38
N ILE G 223 -21.13 -43.55 -29.31
CA ILE G 223 -22.35 -42.93 -29.87
C ILE G 223 -22.65 -43.32 -31.30
N MET G 224 -23.89 -43.71 -31.57
CA MET G 224 -24.28 -44.04 -32.94
C MET G 224 -25.49 -43.19 -33.35
N ASN G 225 -25.48 -42.74 -34.59
CA ASN G 225 -26.64 -42.01 -35.10
C ASN G 225 -27.55 -42.93 -35.81
N VAL G 226 -28.83 -42.76 -35.66
CA VAL G 226 -29.77 -43.50 -36.51
C VAL G 226 -30.63 -42.47 -37.29
N SER G 227 -31.10 -42.87 -38.45
CA SER G 227 -31.92 -42.01 -39.29
C SER G 227 -32.99 -42.86 -39.89
N TRP G 228 -34.25 -42.43 -39.70
CA TRP G 228 -35.42 -43.19 -40.18
C TRP G 228 -36.12 -42.40 -41.23
N SER G 229 -36.80 -43.07 -42.14
CA SER G 229 -37.61 -42.38 -43.09
C SER G 229 -38.84 -43.20 -43.06
N ALA G 230 -39.98 -42.53 -43.18
CA ALA G 230 -41.24 -43.21 -43.14
C ALA G 230 -42.21 -42.57 -44.12
N ASP G 231 -43.15 -43.37 -44.62
CA ASP G 231 -44.18 -42.90 -45.54
C ASP G 231 -45.18 -42.03 -44.77
N HIS G 232 -44.96 -40.74 -44.91
CA HIS G 232 -45.71 -39.76 -44.18
C HIS G 232 -47.21 -39.76 -44.54
N ARG G 233 -47.59 -40.48 -45.58
CA ARG G 233 -48.98 -40.52 -45.91
C ARG G 233 -49.82 -41.16 -44.81
N ILE G 234 -49.25 -42.15 -44.11
CA ILE G 234 -49.95 -42.86 -43.08
C ILE G 234 -49.18 -42.97 -41.78
N ILE G 235 -47.91 -42.53 -41.78
CA ILE G 235 -47.12 -42.61 -40.54
C ILE G 235 -46.79 -41.20 -40.11
N ASP G 236 -47.09 -40.84 -38.85
CA ASP G 236 -46.74 -39.51 -38.37
C ASP G 236 -45.50 -39.46 -37.47
N GLY G 237 -44.99 -38.27 -37.22
CA GLY G 237 -43.67 -38.17 -36.55
C GLY G 237 -43.63 -38.67 -35.12
N ALA G 238 -44.75 -38.56 -34.44
CA ALA G 238 -44.83 -39.08 -33.10
C ALA G 238 -44.64 -40.57 -33.09
N THR G 239 -45.24 -41.24 -34.09
CA THR G 239 -45.20 -42.69 -34.19
C THR G 239 -43.75 -43.11 -34.39
N VAL G 240 -43.06 -42.48 -35.33
CA VAL G 240 -41.68 -42.89 -35.54
C VAL G 240 -40.79 -42.56 -34.33
N SER G 241 -41.04 -41.44 -33.67
CA SER G 241 -40.27 -41.09 -32.47
C SER G 241 -40.47 -42.04 -31.30
N ARG G 242 -41.72 -42.42 -31.03
CA ARG G 242 -41.94 -43.45 -30.03
C ARG G 242 -41.32 -44.73 -30.47
N PHE G 243 -41.53 -45.10 -31.75
CA PHE G 243 -40.92 -46.35 -32.19
C PHE G 243 -39.45 -46.23 -31.93
N SER G 244 -38.89 -45.03 -32.22
CA SER G 244 -37.44 -44.85 -32.12
C SER G 244 -36.92 -44.89 -30.67
N ASN G 245 -37.50 -44.11 -29.77
CA ASN G 245 -37.29 -44.25 -28.31
C ASN G 245 -37.36 -45.71 -27.79
N LEU G 246 -38.30 -46.49 -28.29
CA LEU G 246 -38.43 -47.83 -27.76
C LEU G 246 -37.21 -48.65 -28.14
N TRP G 247 -36.88 -48.60 -29.42
CA TRP G 247 -35.77 -49.33 -29.99
C TRP G 247 -34.49 -48.98 -29.26
N LYS G 248 -34.38 -47.69 -29.03
CA LYS G 248 -33.22 -47.06 -28.45
C LYS G 248 -33.13 -47.58 -27.05
N SER G 249 -34.28 -47.64 -26.37
CA SER G 249 -34.22 -47.97 -24.95
C SER G 249 -33.73 -49.41 -24.86
N TYR G 250 -34.15 -50.24 -25.82
CA TYR G 250 -33.69 -51.62 -25.82
C TYR G 250 -32.18 -51.73 -25.99
N LEU G 251 -31.59 -50.83 -26.77
CA LEU G 251 -30.20 -50.98 -27.05
C LEU G 251 -29.38 -50.27 -26.02
N GLU G 252 -29.97 -49.26 -25.39
CA GLU G 252 -29.21 -48.51 -24.38
C GLU G 252 -29.08 -49.29 -23.12
N ASN G 253 -30.14 -49.99 -22.76
CA ASN G 253 -30.08 -50.93 -21.65
C ASN G 253 -30.56 -52.31 -22.14
N PRO G 254 -29.66 -53.12 -22.67
CA PRO G 254 -30.07 -54.38 -23.35
C PRO G 254 -30.81 -55.29 -22.39
N ALA G 255 -30.55 -55.03 -21.12
CA ALA G 255 -31.39 -55.51 -20.02
C ALA G 255 -32.83 -55.68 -20.48
N PHE G 256 -33.41 -54.58 -20.95
CA PHE G 256 -34.83 -54.44 -21.17
C PHE G 256 -35.42 -55.50 -22.08
N MET G 257 -34.66 -55.92 -23.09
CA MET G 257 -35.09 -56.99 -24.00
C MET G 257 -35.26 -58.31 -23.27
N LEU G 258 -34.47 -58.52 -22.25
CA LEU G 258 -34.58 -59.73 -21.49
C LEU G 258 -35.99 -59.97 -21.01
N LEU G 259 -36.70 -58.91 -20.61
CA LEU G 259 -37.97 -59.07 -19.89
C LEU G 259 -39.01 -59.85 -20.68
N ASP G 260 -39.19 -59.56 -21.96
CA ASP G 260 -40.30 -60.22 -22.67
C ASP G 260 -39.95 -61.39 -23.55
N LEU G 261 -38.67 -61.73 -23.64
CA LEU G 261 -38.28 -62.85 -24.50
C LEU G 261 -38.50 -64.28 -23.90
N LYS G 262 -38.74 -65.26 -24.78
CA LYS G 262 -39.15 -66.63 -24.42
C LYS G 262 -38.14 -67.75 -24.84
N GLY H 29 17.63 -32.51 72.52
CA GLY H 29 17.26 -31.44 73.50
C GLY H 29 18.43 -30.71 74.14
N LYS H 30 19.42 -31.47 74.62
CA LYS H 30 20.53 -30.89 75.34
C LYS H 30 21.88 -31.16 74.66
N ASP H 31 22.84 -30.25 74.86
CA ASP H 31 24.21 -30.45 74.37
C ASP H 31 24.88 -31.69 75.01
N ARG H 32 25.51 -32.51 74.19
CA ARG H 32 26.16 -33.76 74.65
C ARG H 32 27.67 -33.75 74.28
N THR H 33 28.57 -33.78 75.26
CA THR H 33 30.02 -33.83 74.99
C THR H 33 30.53 -35.27 75.01
N GLU H 34 31.51 -35.58 74.15
CA GLU H 34 31.93 -36.96 73.88
C GLU H 34 33.44 -37.08 73.55
N PRO H 35 34.17 -38.04 74.18
CA PRO H 35 35.58 -38.21 73.78
C PRO H 35 35.73 -38.76 72.37
N VAL H 36 36.81 -38.33 71.72
CA VAL H 36 37.27 -38.87 70.44
C VAL H 36 38.21 -40.03 70.76
N LYS H 37 37.87 -41.24 70.31
CA LYS H 37 38.70 -42.40 70.69
C LYS H 37 38.92 -43.38 69.53
N GLY H 38 39.74 -44.40 69.79
CA GLY H 38 39.97 -45.51 68.89
C GLY H 38 40.55 -45.00 67.60
N PHE H 39 40.12 -45.60 66.49
CA PHE H 39 40.61 -45.20 65.16
C PHE H 39 40.25 -43.76 64.79
N HIS H 40 39.28 -43.17 65.47
CA HIS H 40 38.93 -41.80 65.18
C HIS H 40 40.11 -40.84 65.48
N LYS H 41 41.10 -41.30 66.27
CA LYS H 41 42.20 -40.43 66.69
C LYS H 41 43.19 -40.19 65.58
N ALA H 42 43.20 -41.09 64.63
CA ALA H 42 44.17 -41.10 63.56
C ALA H 42 43.82 -40.08 62.47
N MET H 43 42.52 -39.85 62.27
CA MET H 43 42.07 -38.83 61.35
C MET H 43 42.48 -37.47 61.96
N VAL H 44 42.40 -37.33 63.27
CA VAL H 44 42.81 -36.09 63.92
C VAL H 44 44.28 -35.75 63.63
N LYS H 45 45.17 -36.69 63.94
CA LYS H 45 46.63 -36.56 63.66
C LYS H 45 46.95 -36.29 62.19
N THR H 46 46.36 -37.09 61.31
CA THR H 46 46.64 -37.05 59.87
C THR H 46 46.27 -35.68 59.28
N MET H 47 45.07 -35.22 59.58
CA MET H 47 44.61 -33.95 59.08
C MET H 47 45.32 -32.79 59.80
N SER H 48 45.71 -33.00 61.05
CA SER H 48 46.53 -31.98 61.68
C SER H 48 47.85 -31.88 60.97
N ALA H 49 48.47 -33.01 60.65
CA ALA H 49 49.78 -33.00 60.03
C ALA H 49 49.72 -32.28 58.68
N ALA H 50 48.59 -32.45 57.97
CA ALA H 50 48.36 -31.81 56.68
C ALA H 50 48.35 -30.31 56.72
N LEU H 51 48.13 -29.70 57.90
CA LEU H 51 48.25 -28.23 58.01
C LEU H 51 49.62 -27.77 57.60
N LYS H 52 50.61 -28.63 57.66
CA LYS H 52 51.97 -28.20 57.38
C LYS H 52 52.22 -28.08 55.91
N ILE H 53 51.27 -28.52 55.07
CA ILE H 53 51.48 -28.56 53.62
C ILE H 53 50.68 -27.48 52.96
N PRO H 54 51.34 -26.56 52.25
CA PRO H 54 50.59 -25.58 51.44
C PRO H 54 49.94 -26.25 50.24
N HIS H 55 48.60 -26.37 50.27
CA HIS H 55 47.85 -27.06 49.21
C HIS H 55 47.57 -26.13 48.06
N PHE H 56 47.87 -26.59 46.86
CA PHE H 56 47.50 -25.91 45.63
C PHE H 56 46.35 -26.72 45.11
N GLY H 57 45.25 -26.10 44.67
CA GLY H 57 44.16 -26.89 44.07
C GLY H 57 44.15 -26.71 42.57
N TYR H 58 43.78 -27.76 41.83
CA TYR H 58 43.62 -27.62 40.38
C TYR H 58 42.51 -28.57 39.93
N CYS H 59 41.53 -28.08 39.15
CA CYS H 59 40.36 -28.87 38.78
C CYS H 59 40.12 -28.88 37.29
N ASP H 60 39.32 -29.81 36.82
CA ASP H 60 39.00 -29.83 35.43
C ASP H 60 37.74 -30.66 35.19
N GLU H 61 37.20 -30.66 33.98
CA GLU H 61 36.11 -31.57 33.65
C GLU H 61 36.66 -32.55 32.63
N VAL H 62 36.15 -33.77 32.64
CA VAL H 62 36.68 -34.84 31.85
C VAL H 62 35.48 -35.46 31.19
N ASP H 63 35.55 -35.73 29.90
CA ASP H 63 34.38 -36.19 29.17
C ASP H 63 34.44 -37.70 29.05
N LEU H 64 33.72 -38.39 29.93
CA LEU H 64 33.80 -39.85 30.00
C LEU H 64 32.83 -40.61 29.07
N THR H 65 32.31 -39.96 28.03
CA THR H 65 31.29 -40.57 27.21
C THR H 65 31.76 -41.90 26.65
N GLU H 66 32.99 -41.89 26.10
CA GLU H 66 33.64 -43.09 25.61
C GLU H 66 33.91 -44.14 26.68
N LEU H 67 34.45 -43.73 27.83
CA LEU H 67 34.74 -44.68 28.89
C LEU H 67 33.47 -45.36 29.44
N VAL H 68 32.37 -44.61 29.55
CA VAL H 68 31.11 -45.19 29.96
C VAL H 68 30.68 -46.29 28.99
N LYS H 69 30.78 -46.01 27.71
CA LYS H 69 30.53 -47.02 26.71
C LYS H 69 31.41 -48.24 26.98
N LEU H 70 32.69 -47.99 27.12
CA LEU H 70 33.64 -49.07 27.24
C LEU H 70 33.33 -49.95 28.42
N ARG H 71 32.97 -49.30 29.52
CA ARG H 71 32.77 -50.02 30.75
C ARG H 71 31.53 -50.89 30.65
N GLU H 72 30.55 -50.42 29.89
CA GLU H 72 29.37 -51.24 29.62
C GLU H 72 29.76 -52.52 28.90
N GLU H 73 30.69 -52.39 27.95
CA GLU H 73 31.21 -53.52 27.19
C GLU H 73 32.01 -54.48 28.03
N LEU H 74 32.77 -53.97 29.00
CA LEU H 74 33.56 -54.86 29.86
C LEU H 74 32.81 -55.39 31.07
N LYS H 75 31.80 -54.66 31.55
CA LYS H 75 30.97 -55.09 32.67
C LYS H 75 30.78 -56.62 32.69
N PRO H 76 30.10 -57.21 31.67
CA PRO H 76 29.80 -58.67 31.55
C PRO H 76 31.01 -59.65 31.57
N ILE H 77 32.17 -59.19 31.11
CA ILE H 77 33.35 -60.05 31.05
C ILE H 77 33.99 -60.10 32.42
N ALA H 78 34.05 -58.96 33.08
CA ALA H 78 34.39 -58.91 34.51
C ALA H 78 33.40 -59.72 35.38
N PHE H 79 32.13 -59.63 35.04
CA PHE H 79 31.16 -60.32 35.83
C PHE H 79 31.31 -61.83 35.68
N ALA H 80 31.35 -62.35 34.46
CA ALA H 80 31.64 -63.75 34.29
C ALA H 80 32.96 -64.18 34.97
N ARG H 81 33.89 -63.28 35.23
CA ARG H 81 34.99 -63.74 36.07
C ARG H 81 34.78 -63.51 37.56
N GLY H 82 33.57 -63.16 37.99
CA GLY H 82 33.33 -62.88 39.42
C GLY H 82 33.85 -61.53 39.99
N ILE H 83 34.15 -60.58 39.12
CA ILE H 83 34.64 -59.26 39.56
C ILE H 83 33.63 -58.14 39.25
N LYS H 84 33.33 -57.30 40.23
CA LYS H 84 32.56 -56.08 39.95
C LYS H 84 33.53 -55.02 39.39
N LEU H 85 33.26 -54.51 38.18
CA LEU H 85 34.13 -53.48 37.54
C LEU H 85 33.50 -52.06 37.52
N SER H 86 34.06 -51.18 38.36
CA SER H 86 33.62 -49.76 38.46
C SER H 86 34.41 -48.88 37.47
N PHE H 87 34.44 -47.56 37.66
CA PHE H 87 35.34 -46.76 36.84
C PHE H 87 36.73 -46.69 37.50
N MET H 88 36.78 -47.02 38.79
CA MET H 88 37.99 -46.79 39.56
C MET H 88 39.22 -47.52 38.99
N PRO H 89 39.08 -48.76 38.52
CA PRO H 89 40.29 -49.35 37.93
C PRO H 89 40.80 -48.55 36.76
N PHE H 90 39.93 -47.93 35.96
CA PHE H 90 40.50 -47.12 34.86
C PHE H 90 41.14 -45.85 35.37
N PHE H 91 40.52 -45.19 36.34
CA PHE H 91 41.08 -44.01 36.97
C PHE H 91 42.46 -44.32 37.52
N LEU H 92 42.57 -45.44 38.18
CA LEU H 92 43.78 -45.81 38.81
C LEU H 92 44.87 -46.11 37.77
N LYS H 93 44.54 -46.89 36.74
CA LYS H 93 45.52 -47.27 35.74
C LYS H 93 45.94 -45.99 34.99
N ALA H 94 44.98 -45.13 34.68
CA ALA H 94 45.35 -43.86 34.04
C ALA H 94 46.25 -42.99 34.93
N ALA H 95 45.97 -42.95 36.22
CA ALA H 95 46.84 -42.24 37.17
C ALA H 95 48.26 -42.76 37.17
N SER H 96 48.42 -44.07 37.08
CA SER H 96 49.73 -44.67 37.25
C SER H 96 50.57 -44.30 36.02
N LEU H 97 49.94 -44.48 34.86
CA LEU H 97 50.54 -44.07 33.62
C LEU H 97 51.03 -42.62 33.73
N GLY H 98 50.21 -41.78 34.37
CA GLY H 98 50.54 -40.36 34.52
C GLY H 98 51.73 -40.18 35.42
N LEU H 99 51.83 -41.01 36.44
CA LEU H 99 52.89 -40.83 37.38
C LEU H 99 54.24 -41.34 36.82
N LEU H 100 54.18 -42.21 35.81
CA LEU H 100 55.41 -42.58 35.14
C LEU H 100 56.04 -41.32 34.52
N GLN H 101 55.22 -40.44 33.93
CA GLN H 101 55.70 -39.18 33.30
C GLN H 101 55.97 -38.05 34.27
N PHE H 102 55.17 -37.92 35.34
CA PHE H 102 55.45 -36.87 36.36
C PHE H 102 55.73 -37.51 37.70
N PRO H 103 56.87 -38.20 37.83
CA PRO H 103 57.17 -38.98 39.02
C PRO H 103 57.26 -38.14 40.30
N ILE H 104 57.44 -36.82 40.18
CA ILE H 104 57.43 -35.95 41.38
C ILE H 104 56.08 -35.94 42.15
N LEU H 105 55.01 -36.37 41.48
CA LEU H 105 53.73 -36.50 42.14
C LEU H 105 53.59 -37.79 42.99
N ASN H 106 54.51 -38.73 42.81
CA ASN H 106 54.51 -39.95 43.59
C ASN H 106 55.74 -39.91 44.42
N ALA H 107 55.78 -38.97 45.36
CA ALA H 107 57.01 -38.63 46.02
C ALA H 107 56.70 -38.11 47.41
N SER H 108 57.74 -38.04 48.25
CA SER H 108 57.67 -37.43 49.59
C SER H 108 58.79 -36.46 49.87
N VAL H 109 58.63 -35.77 50.96
CA VAL H 109 59.40 -34.60 51.24
C VAL H 109 59.64 -34.75 52.73
N ASP H 110 60.82 -34.36 53.21
CA ASP H 110 61.13 -34.52 54.63
C ASP H 110 60.56 -33.40 55.49
N GLU H 111 60.81 -33.45 56.81
CA GLU H 111 60.11 -32.53 57.71
C GLU H 111 60.36 -31.08 57.32
N ASN H 112 61.59 -30.76 56.90
CA ASN H 112 61.88 -29.36 56.57
C ASN H 112 61.91 -29.02 55.08
N CYS H 113 61.49 -30.02 54.29
CA CYS H 113 61.34 -29.92 52.83
C CYS H 113 62.64 -29.50 52.15
N GLN H 114 63.68 -30.26 52.43
CA GLN H 114 65.00 -29.98 51.88
C GLN H 114 65.46 -31.12 50.96
N ASN H 115 64.73 -32.23 51.00
CA ASN H 115 65.05 -33.37 50.16
C ASN H 115 63.79 -34.06 49.70
N ILE H 116 63.78 -34.46 48.43
CA ILE H 116 62.65 -35.19 47.83
C ILE H 116 62.96 -36.69 47.61
N THR H 117 62.07 -37.57 48.08
CA THR H 117 62.20 -38.99 47.74
C THR H 117 61.18 -39.45 46.69
N TYR H 118 61.67 -39.69 45.48
CA TYR H 118 60.87 -40.16 44.39
C TYR H 118 60.58 -41.63 44.68
N LYS H 119 59.31 -42.01 44.70
CA LYS H 119 58.96 -43.37 45.04
C LYS H 119 58.63 -44.09 43.80
N ALA H 120 59.14 -45.32 43.73
CA ALA H 120 59.09 -46.07 42.50
C ALA H 120 57.75 -46.85 42.39
N SER H 121 57.23 -47.31 43.53
CA SER H 121 56.03 -48.13 43.56
C SER H 121 54.86 -47.21 43.54
N HIS H 122 53.88 -47.51 42.70
CA HIS H 122 52.61 -46.77 42.73
C HIS H 122 51.62 -47.42 43.65
N ASN H 123 51.70 -47.09 44.93
CA ASN H 123 50.74 -47.63 45.88
C ASN H 123 49.62 -46.57 46.06
N ILE H 124 48.61 -46.68 45.22
CA ILE H 124 47.61 -45.65 45.16
C ILE H 124 46.51 -45.92 46.16
N GLY H 125 46.35 -44.98 47.10
CA GLY H 125 45.37 -45.13 48.19
C GLY H 125 43.98 -44.92 47.66
N ILE H 126 43.04 -45.67 48.24
CA ILE H 126 41.64 -45.57 47.92
C ILE H 126 40.95 -45.10 49.20
N ALA H 127 40.43 -43.88 49.16
CA ALA H 127 39.75 -43.35 50.32
C ALA H 127 38.47 -44.09 50.32
N MET H 128 38.18 -44.76 51.42
CA MET H 128 36.93 -45.50 51.46
C MET H 128 36.13 -45.28 52.71
N ASP H 129 34.86 -45.15 52.40
CA ASP H 129 33.85 -44.86 53.35
C ASP H 129 33.35 -46.21 53.87
N THR H 130 33.32 -46.35 55.20
CA THR H 130 32.75 -47.51 55.85
C THR H 130 31.83 -47.09 57.00
N GLU H 131 31.06 -48.04 57.56
CA GLU H 131 30.18 -47.76 58.71
C GLU H 131 30.98 -47.23 59.90
N GLN H 132 32.26 -47.56 59.97
CA GLN H 132 33.03 -47.11 61.12
C GLN H 132 33.85 -45.87 60.85
N GLY H 133 33.76 -45.36 59.63
CA GLY H 133 34.50 -44.16 59.26
C GLY H 133 35.33 -44.27 57.99
N LEU H 134 36.17 -43.27 57.81
CA LEU H 134 36.99 -43.18 56.64
C LEU H 134 38.24 -43.99 56.89
N ILE H 135 38.60 -44.82 55.92
CA ILE H 135 39.87 -45.52 55.95
C ILE H 135 40.54 -45.44 54.55
N VAL H 136 41.86 -45.62 54.46
CA VAL H 136 42.57 -45.42 53.21
C VAL H 136 43.53 -46.56 52.93
N PRO H 137 43.02 -47.70 52.45
CA PRO H 137 44.02 -48.72 52.09
C PRO H 137 44.54 -48.43 50.67
N ASN H 138 45.61 -49.07 50.23
CA ASN H 138 46.10 -48.75 48.88
C ASN H 138 46.33 -50.00 48.05
N VAL H 139 46.41 -49.83 46.74
CA VAL H 139 46.69 -50.94 45.83
C VAL H 139 48.20 -50.90 45.52
N LYS H 140 48.93 -51.90 46.01
CA LYS H 140 50.36 -51.98 45.73
C LYS H 140 50.70 -52.04 44.25
N ASN H 141 51.74 -51.30 43.85
CA ASN H 141 52.36 -51.54 42.55
C ASN H 141 51.39 -51.51 41.37
N VAL H 142 50.62 -50.43 41.32
CA VAL H 142 49.61 -50.37 40.31
C VAL H 142 50.30 -50.45 38.97
N GLN H 143 51.56 -50.05 38.95
CA GLN H 143 52.28 -49.95 37.67
C GLN H 143 52.52 -51.27 36.98
N ILE H 144 52.44 -52.38 37.72
CA ILE H 144 52.68 -53.69 37.13
C ILE H 144 51.38 -54.48 36.97
N ARG H 145 50.24 -53.80 37.06
CA ARG H 145 48.97 -54.50 37.09
C ARG H 145 48.06 -54.09 35.95
N SER H 146 47.25 -55.00 35.43
CA SER H 146 46.25 -54.63 34.49
C SER H 146 45.01 -54.09 35.16
N ILE H 147 44.16 -53.53 34.33
CA ILE H 147 42.93 -52.97 34.81
C ILE H 147 42.19 -54.05 35.54
N PHE H 148 42.11 -55.25 34.95
CA PHE H 148 41.43 -56.35 35.62
C PHE H 148 42.10 -56.77 36.95
N GLU H 149 43.40 -56.69 37.01
CA GLU H 149 44.00 -56.97 38.29
C GLU H 149 43.63 -55.92 39.33
N ILE H 150 43.57 -54.66 38.91
CA ILE H 150 43.23 -53.56 39.83
C ILE H 150 41.78 -53.74 40.31
N ALA H 151 40.87 -54.06 39.41
CA ALA H 151 39.52 -54.29 39.81
C ALA H 151 39.48 -55.39 40.88
N THR H 152 40.24 -56.46 40.68
CA THR H 152 40.26 -57.57 41.58
C THR H 152 40.76 -57.18 42.96
N GLU H 153 41.85 -56.42 43.02
CA GLU H 153 42.38 -55.99 44.29
C GLU H 153 41.45 -54.93 44.97
N LEU H 154 40.78 -54.14 44.17
CA LEU H 154 39.81 -53.19 44.66
C LEU H 154 38.68 -53.88 45.39
N ASN H 155 38.08 -54.87 44.73
CA ASN H 155 37.02 -55.67 45.31
C ASN H 155 37.52 -56.24 46.64
N ARG H 156 38.75 -56.76 46.64
CA ARG H 156 39.26 -57.39 47.86
C ARG H 156 39.28 -56.33 48.93
N LEU H 157 39.83 -55.16 48.64
CA LEU H 157 39.92 -54.14 49.68
C LEU H 157 38.53 -53.61 50.17
N GLN H 158 37.62 -53.40 49.22
CA GLN H 158 36.21 -53.06 49.55
C GLN H 158 35.56 -54.09 50.49
N LYS H 159 35.71 -55.40 50.24
CA LYS H 159 35.13 -56.38 51.14
C LYS H 159 35.84 -56.34 52.50
N LEU H 160 37.17 -56.38 52.51
CA LEU H 160 37.87 -56.24 53.78
C LEU H 160 37.50 -54.98 54.57
N GLY H 161 37.38 -53.82 53.88
CA GLY H 161 37.23 -52.57 54.59
C GLY H 161 35.86 -52.52 55.24
N SER H 162 34.90 -52.97 54.46
CA SER H 162 33.54 -53.28 54.87
C SER H 162 33.41 -54.17 56.15
N ALA H 163 34.28 -55.17 56.29
CA ALA H 163 34.17 -56.14 57.36
C ALA H 163 35.08 -55.78 58.55
N GLY H 164 35.79 -54.66 58.43
CA GLY H 164 36.75 -54.26 59.47
C GLY H 164 37.98 -55.14 59.48
N GLN H 165 38.30 -55.75 58.33
CA GLN H 165 39.34 -56.76 58.30
C GLN H 165 40.51 -56.48 57.37
N LEU H 166 40.78 -55.21 57.07
CA LEU H 166 42.00 -54.84 56.32
C LEU H 166 43.23 -55.08 57.16
N SER H 167 44.35 -55.45 56.55
CA SER H 167 45.52 -55.77 57.38
C SER H 167 46.34 -54.51 57.53
N THR H 168 47.29 -54.48 58.45
CA THR H 168 48.04 -53.26 58.57
C THR H 168 48.86 -53.08 57.26
N ASN H 169 49.26 -54.17 56.65
CA ASN H 169 49.99 -54.07 55.38
C ASN H 169 49.13 -53.44 54.26
N ASP H 170 47.81 -53.57 54.34
CA ASP H 170 46.93 -52.88 53.38
C ASP H 170 46.96 -51.37 53.60
N LEU H 171 47.27 -50.97 54.83
CA LEU H 171 47.10 -49.57 55.22
C LEU H 171 48.30 -48.74 55.01
N ILE H 172 49.47 -49.34 54.86
CA ILE H 172 50.69 -48.56 54.86
C ILE H 172 51.33 -48.50 53.51
N GLY H 173 52.20 -47.50 53.35
CA GLY H 173 53.05 -47.41 52.17
C GLY H 173 52.41 -46.77 50.98
N GLY H 174 51.35 -45.99 51.21
CA GLY H 174 50.61 -45.30 50.14
C GLY H 174 51.55 -44.30 49.54
N THR H 175 51.46 -44.07 48.23
CA THR H 175 52.37 -43.10 47.65
C THR H 175 51.59 -41.91 47.05
N PHE H 176 50.26 -42.04 46.96
CA PHE H 176 49.41 -41.21 46.14
C PHE H 176 47.97 -41.73 46.43
N THR H 177 47.00 -40.83 46.31
CA THR H 177 45.66 -41.19 46.73
C THR H 177 44.59 -40.65 45.80
N LEU H 178 43.61 -41.51 45.52
CA LEU H 178 42.38 -41.13 44.85
C LEU H 178 41.18 -41.28 45.74
N SER H 179 40.34 -40.26 45.74
CA SER H 179 39.18 -40.27 46.59
C SER H 179 37.95 -40.15 45.69
N ASN H 180 37.29 -41.27 45.42
CA ASN H 180 36.07 -41.28 44.62
C ASN H 180 34.82 -40.87 45.43
N ILE H 181 34.73 -39.58 45.77
CA ILE H 181 33.58 -39.12 46.53
C ILE H 181 32.31 -39.15 45.66
N GLY H 182 32.50 -39.08 44.34
CA GLY H 182 31.43 -39.25 43.35
C GLY H 182 30.53 -40.47 43.52
N SER H 183 31.00 -41.51 44.18
CA SER H 183 30.11 -42.66 44.34
C SER H 183 28.99 -42.28 45.28
N ILE H 184 29.17 -41.21 46.05
CA ILE H 184 28.08 -40.69 46.89
C ILE H 184 27.43 -39.40 46.32
N GLY H 185 28.27 -38.43 45.96
CA GLY H 185 27.78 -37.32 45.13
C GLY H 185 28.87 -36.31 44.95
N GLY H 186 28.58 -35.19 44.31
CA GLY H 186 29.58 -34.10 44.24
C GLY H 186 29.98 -33.74 42.83
N THR H 187 30.45 -32.49 42.66
CA THR H 187 31.13 -32.02 41.47
C THR H 187 32.60 -31.82 41.80
N TYR H 188 33.02 -30.62 42.20
CA TYR H 188 34.40 -30.36 42.62
C TYR H 188 34.60 -30.54 44.09
N ALA H 189 35.86 -30.54 44.51
CA ALA H 189 36.18 -30.73 45.93
C ALA H 189 37.53 -30.10 46.25
N LYS H 190 37.86 -30.02 47.53
CA LYS H 190 39.24 -29.65 47.97
C LYS H 190 39.78 -30.73 48.95
N PRO H 191 40.32 -31.81 48.39
CA PRO H 191 40.81 -32.93 49.20
C PRO H 191 42.08 -32.51 49.90
N VAL H 192 42.27 -33.05 51.09
CA VAL H 192 43.40 -32.81 51.93
C VAL H 192 44.37 -33.93 51.65
N ILE H 193 45.63 -33.57 51.47
CA ILE H 193 46.68 -34.51 51.08
C ILE H 193 47.06 -35.26 52.32
N LEU H 194 47.34 -36.55 52.18
CA LEU H 194 47.68 -37.41 53.29
C LEU H 194 49.17 -37.54 53.48
N PRO H 195 49.73 -36.91 54.52
CA PRO H 195 51.18 -36.95 54.72
C PRO H 195 51.61 -38.39 54.93
N PRO H 196 52.78 -38.82 54.43
CA PRO H 196 53.82 -38.05 53.75
C PRO H 196 53.64 -37.92 52.22
N GLU H 197 52.53 -38.38 51.65
CA GLU H 197 52.26 -38.12 50.21
C GLU H 197 52.28 -36.62 49.81
N VAL H 198 52.27 -36.35 48.51
CA VAL H 198 52.40 -34.98 48.03
C VAL H 198 51.25 -34.54 47.15
N ALA H 199 50.26 -35.38 46.95
CA ALA H 199 49.17 -35.07 46.05
C ALA H 199 48.03 -36.07 46.24
N ILE H 200 46.81 -35.61 45.89
CA ILE H 200 45.59 -36.41 46.02
C ILE H 200 44.60 -35.90 44.98
N GLY H 201 43.74 -36.76 44.47
CA GLY H 201 42.75 -36.36 43.47
C GLY H 201 41.37 -36.74 43.94
N ALA H 202 40.37 -35.89 43.73
CA ALA H 202 39.06 -36.30 44.11
C ALA H 202 38.17 -36.24 42.94
N LEU H 203 37.33 -37.28 42.75
CA LEU H 203 36.42 -37.39 41.59
C LEU H 203 35.00 -37.23 42.01
N GLY H 204 34.23 -36.47 41.23
CA GLY H 204 32.85 -36.15 41.55
C GLY H 204 32.04 -37.13 40.78
N THR H 205 30.73 -36.91 40.77
CA THR H 205 29.78 -37.77 40.14
C THR H 205 29.69 -37.55 38.62
N ILE H 206 29.83 -38.63 37.86
CA ILE H 206 29.51 -38.63 36.44
C ILE H 206 28.02 -38.25 36.20
N LYS H 207 27.82 -37.26 35.33
CA LYS H 207 26.54 -36.62 35.13
C LYS H 207 26.43 -36.25 33.66
N ALA H 208 25.25 -36.51 33.09
CA ALA H 208 24.97 -36.16 31.72
C ALA H 208 24.68 -34.63 31.53
N LEU H 209 25.51 -33.95 30.76
CA LEU H 209 25.30 -32.51 30.56
C LEU H 209 25.30 -32.25 29.09
N PRO H 210 24.63 -31.20 28.64
CA PRO H 210 24.69 -30.83 27.23
C PRO H 210 26.04 -30.29 26.82
N ARG H 211 26.71 -30.90 25.84
CA ARG H 211 28.03 -30.39 25.35
C ARG H 211 28.10 -30.42 23.83
N PHE H 212 28.95 -29.57 23.24
CA PHE H 212 29.13 -29.57 21.80
C PHE H 212 30.09 -30.67 21.35
N ASN H 213 29.69 -31.37 20.30
CA ASN H 213 30.62 -32.30 19.60
C ASN H 213 31.52 -31.52 18.58
N GLU H 214 32.37 -32.22 17.85
CA GLU H 214 33.21 -31.49 16.86
C GLU H 214 32.38 -30.77 15.77
N LYS H 215 31.36 -31.45 15.26
CA LYS H 215 30.39 -30.79 14.37
C LYS H 215 29.74 -29.46 14.88
N GLY H 216 29.90 -29.13 16.16
CA GLY H 216 29.21 -27.95 16.72
C GLY H 216 27.73 -28.20 17.07
N GLU H 217 27.35 -29.46 17.26
CA GLU H 217 26.01 -29.79 17.75
C GLU H 217 25.97 -30.10 19.24
N VAL H 218 24.77 -30.01 19.80
CA VAL H 218 24.54 -30.30 21.19
C VAL H 218 24.33 -31.81 21.51
N CYS H 219 25.21 -32.37 22.35
CA CYS H 219 25.23 -33.79 22.71
C CYS H 219 25.07 -34.04 24.16
N LYS H 220 24.53 -35.21 24.50
CA LYS H 220 24.53 -35.76 25.85
C LYS H 220 25.95 -36.29 26.07
N ALA H 221 26.70 -35.61 26.92
CA ALA H 221 28.02 -36.04 27.28
C ALA H 221 28.05 -36.39 28.78
N GLN H 222 28.83 -37.42 29.10
CA GLN H 222 28.93 -37.92 30.45
C GLN H 222 30.12 -37.20 31.02
N ILE H 223 29.87 -36.26 31.92
CA ILE H 223 30.91 -35.38 32.43
C ILE H 223 31.22 -35.71 33.90
N MET H 224 32.49 -35.81 34.21
CA MET H 224 32.90 -35.99 35.54
C MET H 224 33.89 -34.86 35.92
N ASN H 225 33.78 -34.31 37.13
CA ASN H 225 34.80 -33.38 37.58
C ASN H 225 35.91 -34.00 38.39
N VAL H 226 37.11 -33.43 38.28
CA VAL H 226 38.26 -33.87 39.04
C VAL H 226 38.91 -32.66 39.71
N SER H 227 39.32 -32.85 40.97
CA SER H 227 39.96 -31.85 41.76
C SER H 227 41.21 -32.48 42.31
N TRP H 228 42.36 -31.88 42.03
CA TRP H 228 43.66 -32.35 42.54
C TRP H 228 44.18 -31.33 43.55
N SER H 229 44.89 -31.79 44.58
CA SER H 229 45.60 -30.96 45.47
C SER H 229 47.04 -31.43 45.49
N ALA H 230 47.98 -30.49 45.56
CA ALA H 230 49.40 -30.85 45.53
C ALA H 230 50.14 -29.97 46.51
N ASP H 231 51.24 -30.51 47.00
CA ASP H 231 52.06 -29.83 47.95
C ASP H 231 52.81 -28.81 47.13
N HIS H 232 52.43 -27.58 47.28
CA HIS H 232 52.95 -26.52 46.45
C HIS H 232 54.39 -26.15 46.77
N ARG H 233 55.00 -26.76 47.79
CA ARG H 233 56.38 -26.41 48.07
C ARG H 233 57.33 -26.93 46.98
N ILE H 234 56.91 -27.95 46.25
CA ILE H 234 57.78 -28.64 45.31
C ILE H 234 57.06 -28.96 44.01
N ILE H 235 55.74 -29.19 44.06
CA ILE H 235 54.93 -29.31 42.82
C ILE H 235 54.39 -27.94 42.37
N ASP H 236 54.60 -27.56 41.11
CA ASP H 236 53.99 -26.35 40.59
C ASP H 236 52.74 -26.67 39.83
N GLY H 237 52.05 -25.63 39.40
CA GLY H 237 50.79 -25.79 38.76
C GLY H 237 50.86 -26.39 37.39
N ALA H 238 51.88 -26.01 36.64
CA ALA H 238 52.07 -26.55 35.28
C ALA H 238 52.21 -28.08 35.37
N THR H 239 53.02 -28.55 36.32
CA THR H 239 53.15 -29.97 36.49
C THR H 239 51.80 -30.64 36.77
N VAL H 240 51.00 -30.05 37.65
CA VAL H 240 49.77 -30.67 37.97
C VAL H 240 48.89 -30.63 36.76
N SER H 241 48.92 -29.53 36.02
CA SER H 241 48.04 -29.45 34.87
C SER H 241 48.45 -30.39 33.71
N ARG H 242 49.76 -30.57 33.52
CA ARG H 242 50.19 -31.51 32.50
C ARG H 242 49.88 -32.91 32.93
N PHE H 243 50.08 -33.22 34.21
CA PHE H 243 49.71 -34.55 34.66
C PHE H 243 48.21 -34.80 34.44
N SER H 244 47.41 -33.80 34.83
CA SER H 244 45.97 -33.93 34.73
C SER H 244 45.55 -34.10 33.27
N ASN H 245 46.08 -33.28 32.36
CA ASN H 245 45.75 -33.46 30.93
C ASN H 245 46.12 -34.84 30.45
N LEU H 246 47.24 -35.38 30.91
CA LEU H 246 47.65 -36.70 30.43
C LEU H 246 46.63 -37.73 30.85
N TRP H 247 46.22 -37.61 32.11
CA TRP H 247 45.41 -38.56 32.78
C TRP H 247 44.10 -38.52 32.03
N LYS H 248 43.64 -37.31 31.83
CA LYS H 248 42.41 -37.05 31.14
C LYS H 248 42.50 -37.61 29.73
N SER H 249 43.65 -37.49 29.10
CA SER H 249 43.69 -37.94 27.71
C SER H 249 43.57 -39.45 27.63
N TYR H 250 44.04 -40.15 28.67
CA TYR H 250 43.84 -41.59 28.73
C TYR H 250 42.38 -41.97 28.91
N LEU H 251 41.59 -41.15 29.62
CA LEU H 251 40.21 -41.50 29.89
C LEU H 251 39.27 -41.02 28.80
N GLU H 252 39.55 -39.87 28.20
CA GLU H 252 38.72 -39.50 27.05
C GLU H 252 38.98 -40.40 25.82
N ASN H 253 40.20 -40.94 25.72
CA ASN H 253 40.61 -41.75 24.56
C ASN H 253 41.27 -43.03 25.08
N PRO H 254 40.48 -43.97 25.59
CA PRO H 254 41.08 -45.18 26.16
C PRO H 254 42.00 -45.96 25.22
N ALA H 255 41.80 -45.82 23.92
CA ALA H 255 42.74 -46.37 22.93
C ALA H 255 44.17 -46.02 23.27
N PHE H 256 44.38 -44.77 23.68
CA PHE H 256 45.71 -44.30 24.01
C PHE H 256 46.38 -45.24 24.99
N MET H 257 45.61 -45.82 25.92
CA MET H 257 46.23 -46.66 26.95
C MET H 257 46.71 -47.99 26.36
N LEU H 258 46.07 -48.37 25.27
CA LEU H 258 46.28 -49.64 24.63
C LEU H 258 47.64 -49.61 24.02
N LEU H 259 47.98 -48.44 23.45
CA LEU H 259 49.23 -48.26 22.76
C LEU H 259 50.39 -48.90 23.53
N ASP H 260 50.51 -48.66 24.84
CA ASP H 260 51.76 -49.05 25.50
C ASP H 260 51.69 -50.05 26.62
N LEU H 261 50.51 -50.59 26.90
CA LEU H 261 50.40 -51.73 27.80
C LEU H 261 50.89 -53.04 27.14
N LYS H 262 51.32 -54.02 27.96
CA LYS H 262 51.93 -55.27 27.52
C LYS H 262 51.31 -56.59 28.12
CL CL I . -39.18 23.00 3.84
N1A COA J . -17.91 11.90 11.13
C2A COA J . -17.21 11.24 12.12
N3A COA J . -16.55 11.93 13.12
C4A COA J . -16.60 13.28 13.15
C5A COA J . -17.34 13.99 12.19
C6A COA J . -18.02 13.30 11.16
N6A COA J . -18.95 13.95 10.40
N7A COA J . -17.24 15.30 12.49
C8A COA J . -16.50 15.44 13.59
N9A COA J . -16.12 14.21 14.03
C1B COA J . -15.13 13.97 15.08
C2B COA J . -13.80 14.60 14.63
O2B COA J . -12.97 13.71 13.93
C3B COA J . -13.16 14.90 15.95
O3B COA J . -12.73 13.61 16.32
P3B COA J . -11.47 13.33 17.29
O7A COA J . -11.71 14.25 18.48
O8A COA J . -10.19 13.61 16.57
O9A COA J . -11.55 11.89 17.73
C4B COA J . -14.32 15.29 16.82
O4B COA J . -15.48 14.65 16.29
C5B COA J . -14.39 16.80 16.70
O5B COA J . -15.73 17.20 16.78
P1A COA J . -16.11 18.71 17.19
O1A COA J . -15.22 19.14 18.33
O2A COA J . -17.59 18.90 17.51
O3A COA J . -15.66 19.65 15.98
P2A COA J . -16.25 19.74 14.49
O4A COA J . -16.19 18.40 13.79
O5A COA J . -15.41 20.88 13.92
O6A COA J . -17.80 20.22 14.61
CBP COA J . -19.59 21.67 15.19
CCP COA J . -18.09 21.49 15.12
CDP COA J . -20.13 21.68 13.75
CEP COA J . -19.84 23.04 15.82
CAP COA J . -20.18 20.44 15.94
OAP COA J . -19.68 20.32 17.25
C9P COA J . -21.69 20.44 15.98
O9P COA J . -22.37 21.31 16.82
N8P COA J . -22.36 19.61 15.20
C7P COA J . -23.82 19.73 15.14
C6P COA J . -24.37 20.16 13.77
C5P COA J . -25.87 20.34 13.88
O5P COA J . -26.38 20.68 14.95
N4P COA J . -26.61 20.16 12.78
C3P COA J . -28.07 20.15 12.73
C2P COA J . -28.63 21.47 12.22
S1P COA J . -30.45 21.45 12.20
CL CL K . -44.31 18.48 2.94
N1A COA L . -37.67 -5.37 6.42
C2A COA L . -37.73 -6.69 6.03
N3A COA L . -38.86 -7.42 6.31
C4A COA L . -39.90 -6.89 6.98
C5A COA L . -39.89 -5.56 7.36
C6A COA L . -38.74 -4.78 7.08
N6A COA L . -38.71 -3.46 7.30
N7A COA L . -41.06 -5.30 7.97
C8A COA L . -41.80 -6.42 7.97
N9A COA L . -41.12 -7.41 7.34
C1B COA L . -41.51 -8.83 7.20
C2B COA L . -41.46 -9.43 8.62
O2B COA L . -40.19 -9.90 8.99
C3B COA L . -42.47 -10.52 8.50
O3B COA L . -41.91 -11.54 7.72
P3B COA L . -42.06 -13.09 8.18
O7A COA L . -43.53 -13.19 8.51
O8A COA L . -41.28 -13.32 9.45
O9A COA L . -41.71 -13.97 6.98
C4B COA L . -43.54 -9.90 7.65
O4B COA L . -42.86 -8.96 6.78
C5B COA L . -44.59 -9.40 8.64
O5B COA L . -45.02 -8.11 8.27
P1A COA L . -46.49 -7.51 8.54
O1A COA L . -47.51 -8.58 8.71
O2A COA L . -46.85 -6.56 7.40
O3A COA L . -46.37 -6.85 9.99
P2A COA L . -45.48 -5.59 10.45
O4A COA L . -44.10 -5.70 9.89
O5A COA L . -45.64 -5.48 11.95
O6A COA L . -46.15 -4.32 9.73
CBP COA L . -47.83 -2.86 8.94
CCP COA L . -47.56 -4.10 9.76
CDP COA L . -46.88 -1.74 9.41
CEP COA L . -49.29 -2.45 9.17
CAP COA L . -47.51 -3.22 7.48
OAP COA L . -48.37 -4.27 7.07
C9P COA L . -47.71 -2.05 6.54
O9P COA L . -49.01 -1.59 6.29
N8P COA L . -46.68 -1.47 5.96
C7P COA L . -46.89 -0.30 5.10
C6P COA L . -46.81 1.10 5.79
C5P COA L . -47.03 2.19 4.75
O5P COA L . -47.88 2.07 3.88
N4P COA L . -46.24 3.25 4.83
C3P COA L . -46.29 4.44 4.01
C2P COA L . -47.11 5.55 4.66
S1P COA L . -47.53 6.84 3.45
CL CL M . -41.15 21.18 -2.41
CL CL N . -23.18 -0.20 1.12
N1A COA O . -25.00 6.18 -14.04
C2A COA O . -23.76 5.91 -14.62
N3A COA O . -23.52 6.27 -15.93
C4A COA O . -24.52 6.87 -16.66
C5A COA O . -25.78 7.15 -16.09
C6A COA O . -26.04 6.79 -14.76
N6A COA O . -27.23 7.07 -14.18
N7A COA O . -26.56 7.74 -17.01
C8A COA O . -25.82 7.88 -18.14
N9A COA O . -24.55 7.35 -17.95
C1B COA O . -23.53 7.16 -18.99
C2B COA O . -24.02 6.13 -20.03
O2B COA O . -23.67 4.79 -19.74
C3B COA O . -23.26 6.59 -21.25
O3B COA O . -21.94 6.19 -21.01
P3B COA O . -21.06 5.52 -22.19
O7A COA O . -21.37 6.35 -23.43
O8A COA O . -21.56 4.08 -22.32
O9A COA O . -19.58 5.49 -21.84
C4B COA O . -23.19 8.09 -21.11
O4B COA O . -23.32 8.36 -19.72
C5B COA O . -24.29 8.64 -22.01
O5B COA O . -25.08 9.53 -21.31
P1A COA O . -25.98 10.61 -22.07
O1A COA O . -25.52 10.92 -23.45
O2A COA O . -26.10 11.81 -21.14
O3A COA O . -27.45 9.99 -22.31
P2A COA O . -28.53 9.54 -21.17
O4A COA O . -27.82 8.68 -20.13
O5A COA O . -29.62 8.89 -22.00
O6A COA O . -29.10 10.90 -20.54
CBP COA O . -30.09 13.01 -20.36
CCP COA O . -29.75 11.87 -21.34
CDP COA O . -31.01 12.43 -19.28
CEP COA O . -30.78 14.17 -21.10
CAP COA O . -28.80 13.45 -19.63
OAP COA O . -27.75 13.73 -20.52
C9P COA O . -28.98 14.58 -18.65
O9P COA O . -29.27 15.86 -19.10
N8P COA O . -28.83 14.29 -17.36
C7P COA O . -29.04 15.27 -16.30
C6P COA O . -30.47 15.37 -15.75
C5P COA O . -30.66 16.62 -14.90
O5P COA O . -29.99 17.65 -15.06
N4P COA O . -31.57 16.52 -13.93
C3P COA O . -31.71 17.55 -12.94
C2P COA O . -33.17 17.93 -12.73
S1P COA O . -33.29 19.37 -11.66
CL CL P . 39.22 27.22 -4.25
CL CL Q . 22.61 4.72 -1.38
N1A COA R . 37.90 2.64 -6.57
C2A COA R . 38.14 1.34 -6.17
N3A COA R . 39.36 0.77 -6.41
C4A COA R . 40.33 1.49 -7.06
C5A COA R . 40.09 2.80 -7.47
C6A COA R . 38.85 3.39 -7.23
N6A COA R . 38.42 4.44 -7.95
N7A COA R . 41.22 3.23 -8.07
C8A COA R . 42.15 2.25 -8.04
N9A COA R . 41.62 1.18 -7.40
C1B COA R . 42.24 -0.15 -7.28
C2B COA R . 42.57 -0.73 -8.66
O2B COA R . 41.53 -1.58 -9.11
C3B COA R . 43.85 -1.52 -8.43
O3B COA R . 43.20 -2.75 -8.16
P3B COA R . 43.79 -4.25 -8.14
O7A COA R . 45.30 -4.15 -7.98
O8A COA R . 43.31 -4.92 -9.43
O9A COA R . 43.18 -4.97 -6.94
C4B COA R . 44.42 -0.94 -7.14
O4B COA R . 43.46 -0.06 -6.57
C5B COA R . 45.74 -0.19 -7.27
O5B COA R . 45.72 0.71 -8.36
P1A COA R . 46.95 1.75 -8.60
O1A COA R . 48.22 0.90 -8.60
O2A COA R . 46.95 2.86 -7.59
O3A COA R . 46.78 2.46 -10.05
P2A COA R . 45.65 3.51 -10.58
O4A COA R . 44.32 2.98 -10.05
O5A COA R . 45.75 3.67 -12.09
O6A COA R . 46.01 4.95 -9.95
CBP COA R . 47.35 6.82 -9.31
CCP COA R . 47.27 5.55 -10.14
CDP COA R . 46.25 7.78 -9.76
CEP COA R . 48.70 7.45 -9.65
CAP COA R . 47.12 6.47 -7.83
OAP COA R . 48.01 5.46 -7.40
C9P COA R . 47.15 7.67 -6.90
O9P COA R . 48.33 8.41 -6.79
N8P COA R . 46.06 7.95 -6.19
C7P COA R . 45.95 9.14 -5.35
C6P COA R . 45.38 10.35 -6.14
C5P COA R . 45.54 11.65 -5.41
O5P COA R . 46.45 11.80 -4.59
N4P COA R . 44.66 12.61 -5.71
C3P COA R . 44.37 13.78 -4.88
C2P COA R . 44.98 15.09 -5.41
S1P COA R . 45.01 16.43 -4.17
CL CL S . 35.56 29.57 0.78
N1A COA T . 23.06 11.94 13.33
C2A COA T . 21.93 11.44 13.92
N3A COA T . 21.64 11.86 15.20
C4A COA T . 22.44 12.71 15.90
C5A COA T . 23.58 13.22 15.33
C6A COA T . 23.89 12.83 14.02
N6A COA T . 24.95 13.31 13.37
N7A COA T . 24.16 14.03 16.24
C8A COA T . 23.41 14.03 17.37
N9A COA T . 22.33 13.24 17.16
C1B COA T . 21.28 12.90 18.15
C2B COA T . 21.87 11.88 19.15
O2B COA T . 21.54 10.52 18.87
C3B COA T . 21.24 12.30 20.45
O3B COA T . 19.97 11.76 20.30
P3B COA T . 19.24 10.83 21.43
O7A COA T . 18.70 11.82 22.45
O8A COA T . 20.31 9.93 22.07
O9A COA T . 18.07 10.10 20.74
C4B COA T . 21.03 13.78 20.31
O4B COA T . 20.97 14.07 18.91
C5B COA T . 22.17 14.53 20.95
O5B COA T . 22.01 15.84 20.51
P1A COA T . 22.88 17.07 21.11
O1A COA T . 22.35 17.47 22.44
O2A COA T . 22.80 18.13 20.02
O3A COA T . 24.39 16.65 21.41
P2A COA T . 25.57 16.42 20.31
O4A COA T . 25.08 15.45 19.27
O5A COA T . 26.81 16.09 21.08
O6A COA T . 25.80 17.85 19.60
CBP COA T . 26.32 20.07 19.27
CCP COA T . 26.26 18.96 20.30
CDP COA T . 27.39 19.73 18.24
CEP COA T . 26.65 21.35 20.05
CAP COA T . 24.98 20.16 18.53
OAP COA T . 24.04 20.42 19.54
C9P COA T . 24.96 21.23 17.43
O9P COA T . 25.04 22.56 17.76
N8P COA T . 24.85 20.92 16.16
C7P COA T . 24.94 21.88 15.05
C6P COA T . 26.36 22.16 14.52
C5P COA T . 26.36 23.28 13.51
O5P COA T . 25.58 24.24 13.59
N4P COA T . 27.23 23.17 12.49
C3P COA T . 27.27 24.10 11.37
C2P COA T . 28.30 25.19 11.56
S1P COA T . 28.38 26.36 10.16
CL CL U . 33.28 30.42 -5.41
N1A COA V . 15.08 14.86 -11.91
C2A COA V . 14.44 13.97 -12.78
N3A COA V . 13.65 14.48 -13.80
C4A COA V . 13.48 15.83 -13.94
C5A COA V . 14.11 16.72 -13.08
C6A COA V . 14.90 16.23 -12.04
N6A COA V . 15.47 17.10 -11.20
N7A COA V . 13.79 17.99 -13.45
C8A COA V . 12.98 17.93 -14.53
N9A COA V . 12.80 16.60 -14.86
C1B COA V . 12.06 16.08 -16.01
C2B COA V . 10.57 16.31 -15.75
O2B COA V . 10.00 15.21 -15.05
C3B COA V . 10.01 16.51 -17.13
O3B COA V . 9.71 15.22 -17.60
P3B COA V . 8.27 14.73 -18.17
O7A COA V . 7.92 15.63 -19.34
O8A COA V . 7.18 14.81 -17.12
O9A COA V . 8.51 13.27 -18.51
C4B COA V . 11.21 16.96 -17.96
O4B COA V . 12.35 16.87 -17.15
C5B COA V . 11.04 18.33 -18.60
O5B COA V . 11.36 19.34 -17.70
P1A COA V . 11.84 20.81 -18.20
O1A COA V . 11.02 21.25 -19.37
O2A COA V . 13.35 20.91 -18.42
O3A COA V . 11.30 21.84 -17.09
P2A COA V . 11.73 22.03 -15.56
O4A COA V . 11.97 20.69 -14.91
O5A COA V . 10.59 22.91 -15.08
O6A COA V . 13.15 22.83 -15.65
CBP COA V . 14.70 24.58 -16.42
CCP COA V . 13.25 24.08 -16.34
CDP COA V . 15.26 24.76 -15.02
CEP COA V . 14.69 25.91 -17.15
CAP COA V . 15.53 23.52 -17.18
OAP COA V . 15.02 23.38 -18.48
C9P COA V . 17.01 23.79 -17.18
O9P COA V . 17.60 24.82 -17.93
N8P COA V . 17.75 23.01 -16.41
C7P COA V . 19.18 23.28 -16.20
C6P COA V . 19.49 24.42 -15.23
C5P COA V . 20.95 24.76 -15.31
O5P COA V . 21.55 24.78 -16.41
N4P COA V . 21.51 25.02 -14.13
C3P COA V . 22.96 25.07 -13.97
C2P COA V . 23.39 26.46 -13.54
S1P COA V . 25.17 26.80 -13.68
CL CL W . -21.10 -33.47 -30.15
CL CL X . -37.11 -39.65 -52.19
N1A COA Y . -20.28 -48.51 -36.56
C2A COA Y . -19.01 -48.90 -36.22
N3A COA Y . -18.63 -50.19 -36.53
C4A COA Y . -19.46 -51.06 -37.19
C5A COA Y . -20.73 -50.68 -37.54
C6A COA Y . -21.15 -49.39 -37.22
N6A COA Y . -22.40 -49.01 -37.46
N7A COA Y . -21.33 -51.74 -38.18
C8A COA Y . -20.46 -52.76 -38.21
N9A COA Y . -19.31 -52.34 -37.61
C1B COA Y . -18.11 -53.17 -37.41
C2B COA Y . -18.46 -54.27 -36.40
O2B COA Y . -17.99 -53.88 -35.12
C3B COA Y . -17.68 -55.46 -36.90
O3B COA Y . -16.48 -55.15 -36.27
P3B COA Y . -15.37 -56.16 -35.74
O7A COA Y . -15.06 -57.12 -36.88
O8A COA Y . -15.87 -56.90 -34.51
O9A COA Y . -14.25 -55.20 -35.34
C4B COA Y . -17.32 -55.17 -38.33
O4B COA Y . -17.75 -53.83 -38.61
C5B COA Y . -17.89 -56.22 -39.28
O5B COA Y . -19.10 -55.79 -39.83
P1A COA Y . -19.75 -56.63 -41.03
O1A COA Y . -19.00 -57.94 -41.27
O2A COA Y . -19.90 -55.82 -42.29
O3A COA Y . -21.19 -57.09 -40.52
P2A COA Y . -22.45 -56.19 -40.10
O4A COA Y . -21.98 -55.06 -39.23
O5A COA Y . -23.45 -57.15 -39.51
O6A COA Y . -23.10 -55.64 -41.48
CBP COA Y . -23.98 -55.67 -43.69
CCP COA Y . -23.42 -56.51 -42.56
CDP COA Y . -25.16 -54.84 -43.17
CEP COA Y . -24.42 -56.62 -44.79
CAP COA Y . -22.89 -54.67 -44.08
OAP COA Y . -21.66 -55.32 -44.09
C9P COA Y . -23.08 -53.68 -45.22
O9P COA Y . -23.13 -54.11 -46.55
N8P COA Y . -23.16 -52.39 -44.88
C7P COA Y . -23.41 -51.28 -45.79
C6P COA Y . -24.90 -51.27 -46.14
C5P COA Y . -25.20 -50.35 -47.29
O5P COA Y . -24.57 -50.41 -48.33
N4P COA Y . -26.14 -49.43 -47.15
C3P COA Y . -26.33 -48.41 -48.15
C2P COA Y . -27.61 -48.74 -48.87
S1P COA Y . -28.06 -47.42 -50.00
CL CL Z . 44.59 -28.02 54.82
CL CL AA . 27.60 -26.51 32.20
N1A COA BA . 30.25 -41.03 39.34
C2A COA BA . 29.05 -41.65 38.98
N3A COA BA . 28.84 -42.95 39.36
C4A COA BA . 29.80 -43.60 40.06
C5A COA BA . 31.00 -42.99 40.43
C6A COA BA . 31.23 -41.68 40.07
N6A COA BA . 32.38 -41.07 40.43
N7A COA BA . 31.76 -43.87 41.11
C8A COA BA . 31.08 -45.02 41.19
N9A COA BA . 29.86 -44.86 40.56
C1B COA BA . 28.87 -45.90 40.44
C2B COA BA . 29.53 -46.98 39.60
O2B COA BA . 29.26 -46.70 38.22
C3B COA BA . 28.89 -48.22 40.15
O3B COA BA . 27.61 -48.13 39.60
P3B COA BA . 26.77 -49.36 39.05
O7A COA BA . 26.74 -50.31 40.23
O8A COA BA . 27.52 -49.93 37.87
O9A COA BA . 25.35 -48.92 38.70
C4B COA BA . 28.56 -47.89 41.58
O4B COA BA . 28.69 -46.49 41.71
C5B COA BA . 29.25 -48.72 42.66
O5B COA BA . 30.61 -48.44 42.86
P1A COA BA . 31.36 -48.92 44.21
O1A COA BA . 31.06 -50.32 44.57
O2A COA BA . 31.17 -47.89 45.31
O3A COA BA . 32.91 -49.01 43.84
P2A COA BA . 33.85 -47.85 43.22
O4A COA BA . 33.11 -46.87 42.33
O5A COA BA . 35.03 -48.54 42.56
O6A COA BA . 34.30 -47.05 44.54
CBP COA BA . 35.17 -46.87 46.83
CCP COA BA . 34.98 -47.75 45.58
CDP COA BA . 36.29 -45.85 46.57
CEP COA BA . 35.75 -47.77 47.91
CAP COA BA . 33.85 -46.13 47.20
OAP COA BA . 32.72 -46.99 47.31
C9P COA BA . 33.82 -45.13 48.33
O9P COA BA . 34.12 -45.51 49.65
N8P COA BA . 33.46 -43.88 48.02
C7P COA BA . 33.59 -42.68 48.84
C6P COA BA . 35.01 -42.07 48.85
C5P COA BA . 35.20 -41.15 50.01
O5P COA BA . 34.63 -41.39 51.03
N4P COA BA . 36.02 -40.10 49.90
C3P COA BA . 36.03 -39.04 50.92
C2P COA BA . 37.45 -38.69 51.35
S1P COA BA . 37.49 -37.69 52.88
#